data_1O4K
# 
_entry.id   1O4K 
# 
_audit_conform.dict_name       mmcif_pdbx.dic 
_audit_conform.dict_version    5.398 
_audit_conform.dict_location   http://mmcif.pdb.org/dictionaries/ascii/mmcif_pdbx.dic 
# 
loop_
_database_2.database_id 
_database_2.database_code 
_database_2.pdbx_database_accession 
_database_2.pdbx_DOI 
PDB   1O4K         pdb_00001o4k 10.2210/pdb1o4k/pdb 
RCSB  RCSB001795   ?            ?                   
WWPDB D_1000001795 ?            ?                   
# 
loop_
_pdbx_audit_revision_history.ordinal 
_pdbx_audit_revision_history.data_content_type 
_pdbx_audit_revision_history.major_revision 
_pdbx_audit_revision_history.minor_revision 
_pdbx_audit_revision_history.revision_date 
1 'Structure model' 1 0 2004-02-17 
2 'Structure model' 1 1 2008-04-26 
3 'Structure model' 1 2 2011-07-13 
4 'Structure model' 1 3 2023-08-16 
5 'Structure model' 1 4 2024-11-06 
# 
_pdbx_audit_revision_details.ordinal             1 
_pdbx_audit_revision_details.revision_ordinal    1 
_pdbx_audit_revision_details.data_content_type   'Structure model' 
_pdbx_audit_revision_details.provider            repository 
_pdbx_audit_revision_details.type                'Initial release' 
_pdbx_audit_revision_details.description         ? 
_pdbx_audit_revision_details.details             ? 
# 
loop_
_pdbx_audit_revision_group.ordinal 
_pdbx_audit_revision_group.revision_ordinal 
_pdbx_audit_revision_group.data_content_type 
_pdbx_audit_revision_group.group 
1 2 'Structure model' 'Version format compliance' 
2 3 'Structure model' 'Version format compliance' 
3 4 'Structure model' 'Data collection'           
4 4 'Structure model' 'Database references'       
5 4 'Structure model' 'Derived calculations'      
6 4 'Structure model' 'Refinement description'    
7 5 'Structure model' 'Structure summary'         
# 
loop_
_pdbx_audit_revision_category.ordinal 
_pdbx_audit_revision_category.revision_ordinal 
_pdbx_audit_revision_category.data_content_type 
_pdbx_audit_revision_category.category 
1 4 'Structure model' chem_comp_atom                
2 4 'Structure model' chem_comp_bond                
3 4 'Structure model' database_2                    
4 4 'Structure model' pdbx_initial_refinement_model 
5 4 'Structure model' struct_conn                   
6 4 'Structure model' struct_site                   
7 5 'Structure model' pdbx_entry_details            
8 5 'Structure model' pdbx_modification_feature     
# 
loop_
_pdbx_audit_revision_item.ordinal 
_pdbx_audit_revision_item.revision_ordinal 
_pdbx_audit_revision_item.data_content_type 
_pdbx_audit_revision_item.item 
1 4 'Structure model' '_database_2.pdbx_DOI'                
2 4 'Structure model' '_database_2.pdbx_database_accession' 
3 4 'Structure model' '_struct_conn.pdbx_leaving_atom_flag' 
4 4 'Structure model' '_struct_site.pdbx_auth_asym_id'      
5 4 'Structure model' '_struct_site.pdbx_auth_comp_id'      
6 4 'Structure model' '_struct_site.pdbx_auth_seq_id'       
# 
_pdbx_database_status.status_code                     REL 
_pdbx_database_status.entry_id                        1O4K 
_pdbx_database_status.recvd_initial_deposition_date   2003-06-15 
_pdbx_database_status.deposit_site                    RCSB 
_pdbx_database_status.process_site                    RCSB 
_pdbx_database_status.SG_entry                        . 
_pdbx_database_status.pdb_format_compatible           Y 
_pdbx_database_status.status_code_mr                  ? 
_pdbx_database_status.status_code_sf                  ? 
_pdbx_database_status.status_code_cs                  ? 
_pdbx_database_status.status_code_nmr_data            ? 
_pdbx_database_status.methods_development_category    ? 
# 
loop_
_audit_author.name 
_audit_author.pdbx_ordinal 
'Lange, G.'  1 
'Loenze, P.' 2 
'Liesum, A.' 3 
# 
_citation.id                        primary 
_citation.title                     
;Requirements for specific binding of low affinity inhibitor fragments to the SH2 domain of (pp60)Src are identical to those for high affinity binding of full length inhibitors.
;
_citation.journal_abbrev            J.Med.Chem. 
_citation.journal_volume            46 
_citation.page_first                5184 
_citation.page_last                 5195 
_citation.year                      2003 
_citation.journal_id_ASTM           JMCMAR 
_citation.country                   US 
_citation.journal_id_ISSN           0022-2623 
_citation.journal_id_CSD            0151 
_citation.book_publisher            ? 
_citation.pdbx_database_id_PubMed   14613321 
_citation.pdbx_database_id_DOI      10.1021/jm020970s 
# 
loop_
_citation_author.citation_id 
_citation_author.name 
_citation_author.ordinal 
_citation_author.identifier_ORCID 
primary 'Lange, G.'       1  ? 
primary 'Lesuisse, D.'    2  ? 
primary 'Deprez, P.'      3  ? 
primary 'Schoot, B.'      4  ? 
primary 'Loenze, P.'      5  ? 
primary 'Benard, D.'      6  ? 
primary 'Marquette, J.P.' 7  ? 
primary 'Broto, P.'       8  ? 
primary 'Sarubbi, E.'     9  ? 
primary 'Mandine, E.'     10 ? 
# 
loop_
_entity.id 
_entity.type 
_entity.src_method 
_entity.pdbx_description 
_entity.formula_weight 
_entity.pdbx_number_of_molecules 
_entity.pdbx_ec 
_entity.pdbx_mutation 
_entity.pdbx_fragment 
_entity.details 
1 polymer     man 'PROTO-ONCOGENE TYROSINE-PROTEIN KINASE SRC' 12374.964 1   2.7.1.112 ? 'SH2 DOMAIN' ? 
2 non-polymer syn 'BENZYL 2-FORMYLPHENYL HYDROGEN PHOSPHATE'   292.224   1   ?         ? ?            ? 
3 water       nat water                                        18.015    150 ?         ? ?            ? 
# 
_entity_name_com.entity_id   1 
_entity_name_com.name        'P60-SRC, C-SRC' 
# 
_entity_poly.entity_id                      1 
_entity_poly.type                           'polypeptide(L)' 
_entity_poly.nstd_linkage                   no 
_entity_poly.nstd_monomer                   no 
_entity_poly.pdbx_seq_one_letter_code       
;SIQAEEWYFGKITRRESERLLLNAENPRGTFLVRESETTKGAYCLSVSDFDNAKGLNVKHYKIRKLDSGGFYITSRTQFN
SLQQLVAYYSKHADGLCHRLTTVCPTSK
;
_entity_poly.pdbx_seq_one_letter_code_can   
;SIQAEEWYFGKITRRESERLLLNAENPRGTFLVRESETTKGAYCLSVSDFDNAKGLNVKHYKIRKLDSGGFYITSRTQFN
SLQQLVAYYSKHADGLCHRLTTVCPTSK
;
_entity_poly.pdbx_strand_id                 A 
_entity_poly.pdbx_target_identifier         ? 
# 
loop_
_pdbx_entity_nonpoly.entity_id 
_pdbx_entity_nonpoly.name 
_pdbx_entity_nonpoly.comp_id 
2 'BENZYL 2-FORMYLPHENYL HYDROGEN PHOSPHATE' PSN 
3 water                                      HOH 
# 
loop_
_entity_poly_seq.entity_id 
_entity_poly_seq.num 
_entity_poly_seq.mon_id 
_entity_poly_seq.hetero 
1 1   SER n 
1 2   ILE n 
1 3   GLN n 
1 4   ALA n 
1 5   GLU n 
1 6   GLU n 
1 7   TRP n 
1 8   TYR n 
1 9   PHE n 
1 10  GLY n 
1 11  LYS n 
1 12  ILE n 
1 13  THR n 
1 14  ARG n 
1 15  ARG n 
1 16  GLU n 
1 17  SER n 
1 18  GLU n 
1 19  ARG n 
1 20  LEU n 
1 21  LEU n 
1 22  LEU n 
1 23  ASN n 
1 24  ALA n 
1 25  GLU n 
1 26  ASN n 
1 27  PRO n 
1 28  ARG n 
1 29  GLY n 
1 30  THR n 
1 31  PHE n 
1 32  LEU n 
1 33  VAL n 
1 34  ARG n 
1 35  GLU n 
1 36  SER n 
1 37  GLU n 
1 38  THR n 
1 39  THR n 
1 40  LYS n 
1 41  GLY n 
1 42  ALA n 
1 43  TYR n 
1 44  CYS n 
1 45  LEU n 
1 46  SER n 
1 47  VAL n 
1 48  SER n 
1 49  ASP n 
1 50  PHE n 
1 51  ASP n 
1 52  ASN n 
1 53  ALA n 
1 54  LYS n 
1 55  GLY n 
1 56  LEU n 
1 57  ASN n 
1 58  VAL n 
1 59  LYS n 
1 60  HIS n 
1 61  TYR n 
1 62  LYS n 
1 63  ILE n 
1 64  ARG n 
1 65  LYS n 
1 66  LEU n 
1 67  ASP n 
1 68  SER n 
1 69  GLY n 
1 70  GLY n 
1 71  PHE n 
1 72  TYR n 
1 73  ILE n 
1 74  THR n 
1 75  SER n 
1 76  ARG n 
1 77  THR n 
1 78  GLN n 
1 79  PHE n 
1 80  ASN n 
1 81  SER n 
1 82  LEU n 
1 83  GLN n 
1 84  GLN n 
1 85  LEU n 
1 86  VAL n 
1 87  ALA n 
1 88  TYR n 
1 89  TYR n 
1 90  SER n 
1 91  LYS n 
1 92  HIS n 
1 93  ALA n 
1 94  ASP n 
1 95  GLY n 
1 96  LEU n 
1 97  CYS n 
1 98  HIS n 
1 99  ARG n 
1 100 LEU n 
1 101 THR n 
1 102 THR n 
1 103 VAL n 
1 104 CYS n 
1 105 PRO n 
1 106 THR n 
1 107 SER n 
1 108 LYS n 
# 
_entity_src_gen.entity_id                          1 
_entity_src_gen.pdbx_src_id                        1 
_entity_src_gen.pdbx_alt_source_flag               sample 
_entity_src_gen.pdbx_seq_type                      ? 
_entity_src_gen.pdbx_beg_seq_num                   ? 
_entity_src_gen.pdbx_end_seq_num                   ? 
_entity_src_gen.gene_src_common_name               human 
_entity_src_gen.gene_src_genus                     Homo 
_entity_src_gen.pdbx_gene_src_gene                 SRC 
_entity_src_gen.gene_src_species                   ? 
_entity_src_gen.gene_src_strain                    ? 
_entity_src_gen.gene_src_tissue                    ? 
_entity_src_gen.gene_src_tissue_fraction           ? 
_entity_src_gen.gene_src_details                   ? 
_entity_src_gen.pdbx_gene_src_fragment             ? 
_entity_src_gen.pdbx_gene_src_scientific_name      'Homo sapiens' 
_entity_src_gen.pdbx_gene_src_ncbi_taxonomy_id     9606 
_entity_src_gen.pdbx_gene_src_variant              ? 
_entity_src_gen.pdbx_gene_src_cell_line            ? 
_entity_src_gen.pdbx_gene_src_atcc                 ? 
_entity_src_gen.pdbx_gene_src_organ                ? 
_entity_src_gen.pdbx_gene_src_organelle            ? 
_entity_src_gen.pdbx_gene_src_cell                 ? 
_entity_src_gen.pdbx_gene_src_cellular_location    ? 
_entity_src_gen.host_org_common_name               ? 
_entity_src_gen.pdbx_host_org_scientific_name      'Escherichia coli' 
_entity_src_gen.pdbx_host_org_ncbi_taxonomy_id     562 
_entity_src_gen.host_org_genus                     Escherichia 
_entity_src_gen.pdbx_host_org_gene                 ? 
_entity_src_gen.pdbx_host_org_organ                ? 
_entity_src_gen.host_org_species                   ? 
_entity_src_gen.pdbx_host_org_tissue               ? 
_entity_src_gen.pdbx_host_org_tissue_fraction      ? 
_entity_src_gen.pdbx_host_org_strain               ? 
_entity_src_gen.pdbx_host_org_variant              ? 
_entity_src_gen.pdbx_host_org_cell_line            ? 
_entity_src_gen.pdbx_host_org_atcc                 ? 
_entity_src_gen.pdbx_host_org_culture_collection   ? 
_entity_src_gen.pdbx_host_org_cell                 ? 
_entity_src_gen.pdbx_host_org_organelle            ? 
_entity_src_gen.pdbx_host_org_cellular_location    ? 
_entity_src_gen.pdbx_host_org_vector_type          ? 
_entity_src_gen.pdbx_host_org_vector               ? 
_entity_src_gen.host_org_details                   ? 
_entity_src_gen.expression_system_id               ? 
_entity_src_gen.plasmid_name                       'BL21 (DE3)' 
_entity_src_gen.plasmid_details                    ? 
_entity_src_gen.pdbx_description                   ? 
# 
loop_
_chem_comp.id 
_chem_comp.type 
_chem_comp.mon_nstd_flag 
_chem_comp.name 
_chem_comp.pdbx_synonyms 
_chem_comp.formula 
_chem_comp.formula_weight 
ALA 'L-peptide linking' y ALANINE                                    ?     'C3 H7 N O2'     89.093  
ARG 'L-peptide linking' y ARGININE                                   ?     'C6 H15 N4 O2 1' 175.209 
ASN 'L-peptide linking' y ASPARAGINE                                 ?     'C4 H8 N2 O3'    132.118 
ASP 'L-peptide linking' y 'ASPARTIC ACID'                            ?     'C4 H7 N O4'     133.103 
CYS 'L-peptide linking' y CYSTEINE                                   ?     'C3 H7 N O2 S'   121.158 
GLN 'L-peptide linking' y GLUTAMINE                                  ?     'C5 H10 N2 O3'   146.144 
GLU 'L-peptide linking' y 'GLUTAMIC ACID'                            ?     'C5 H9 N O4'     147.129 
GLY 'peptide linking'   y GLYCINE                                    ?     'C2 H5 N O2'     75.067  
HIS 'L-peptide linking' y HISTIDINE                                  ?     'C6 H10 N3 O2 1' 156.162 
HOH non-polymer         . WATER                                      ?     'H2 O'           18.015  
ILE 'L-peptide linking' y ISOLEUCINE                                 ?     'C6 H13 N O2'    131.173 
LEU 'L-peptide linking' y LEUCINE                                    ?     'C6 H13 N O2'    131.173 
LYS 'L-peptide linking' y LYSINE                                     ?     'C6 H15 N2 O2 1' 147.195 
PHE 'L-peptide linking' y PHENYLALANINE                              ?     'C9 H11 N O2'    165.189 
PRO 'L-peptide linking' y PROLINE                                    ?     'C5 H9 N O2'     115.130 
PSN non-polymer         . 'BENZYL 2-FORMYLPHENYL HYDROGEN PHOSPHATE' PASBN 'C14 H13 O5 P'   292.224 
SER 'L-peptide linking' y SERINE                                     ?     'C3 H7 N O3'     105.093 
THR 'L-peptide linking' y THREONINE                                  ?     'C4 H9 N O3'     119.119 
TRP 'L-peptide linking' y TRYPTOPHAN                                 ?     'C11 H12 N2 O2'  204.225 
TYR 'L-peptide linking' y TYROSINE                                   ?     'C9 H11 N O3'    181.189 
VAL 'L-peptide linking' y VALINE                                     ?     'C5 H11 N O2'    117.146 
# 
loop_
_pdbx_poly_seq_scheme.asym_id 
_pdbx_poly_seq_scheme.entity_id 
_pdbx_poly_seq_scheme.seq_id 
_pdbx_poly_seq_scheme.mon_id 
_pdbx_poly_seq_scheme.ndb_seq_num 
_pdbx_poly_seq_scheme.pdb_seq_num 
_pdbx_poly_seq_scheme.auth_seq_num 
_pdbx_poly_seq_scheme.pdb_mon_id 
_pdbx_poly_seq_scheme.auth_mon_id 
_pdbx_poly_seq_scheme.pdb_strand_id 
_pdbx_poly_seq_scheme.pdb_ins_code 
_pdbx_poly_seq_scheme.hetero 
A 1 1   SER 1   1   1   SER SER A . n 
A 1 2   ILE 2   2   2   ILE ILE A . n 
A 1 3   GLN 3   3   3   GLN GLN A . n 
A 1 4   ALA 4   4   4   ALA ALA A . n 
A 1 5   GLU 5   5   5   GLU GLU A . n 
A 1 6   GLU 6   6   6   GLU GLU A . n 
A 1 7   TRP 7   7   7   TRP TRP A . n 
A 1 8   TYR 8   8   8   TYR TYR A . n 
A 1 9   PHE 9   9   9   PHE PHE A . n 
A 1 10  GLY 10  10  10  GLY GLY A . n 
A 1 11  LYS 11  11  11  LYS LYS A . n 
A 1 12  ILE 12  12  12  ILE ILE A . n 
A 1 13  THR 13  13  13  THR THR A . n 
A 1 14  ARG 14  14  14  ARG ARG A . n 
A 1 15  ARG 15  15  15  ARG ARG A . n 
A 1 16  GLU 16  16  16  GLU GLU A . n 
A 1 17  SER 17  17  17  SER SER A . n 
A 1 18  GLU 18  18  18  GLU GLU A . n 
A 1 19  ARG 19  19  19  ARG ARG A . n 
A 1 20  LEU 20  20  20  LEU LEU A . n 
A 1 21  LEU 21  21  21  LEU LEU A . n 
A 1 22  LEU 22  22  22  LEU LEU A . n 
A 1 23  ASN 23  23  23  ASN ASN A . n 
A 1 24  ALA 24  24  24  ALA ALA A . n 
A 1 25  GLU 25  25  25  GLU GLU A . n 
A 1 26  ASN 26  26  26  ASN ASN A . n 
A 1 27  PRO 27  27  27  PRO PRO A . n 
A 1 28  ARG 28  28  28  ARG ARG A . n 
A 1 29  GLY 29  29  29  GLY GLY A . n 
A 1 30  THR 30  30  30  THR THR A . n 
A 1 31  PHE 31  31  31  PHE PHE A . n 
A 1 32  LEU 32  32  32  LEU LEU A . n 
A 1 33  VAL 33  33  33  VAL VAL A . n 
A 1 34  ARG 34  34  34  ARG ARG A . n 
A 1 35  GLU 35  35  35  GLU GLU A . n 
A 1 36  SER 36  36  36  SER SER A . n 
A 1 37  GLU 37  37  37  GLU GLU A . n 
A 1 38  THR 38  38  38  THR THR A . n 
A 1 39  THR 39  39  39  THR THR A . n 
A 1 40  LYS 40  40  40  LYS LYS A . n 
A 1 41  GLY 41  41  41  GLY GLY A . n 
A 1 42  ALA 42  42  42  ALA ALA A . n 
A 1 43  TYR 43  43  43  TYR TYR A . n 
A 1 44  CYS 44  44  44  CYS CYS A . n 
A 1 45  LEU 45  45  45  LEU LEU A . n 
A 1 46  SER 46  46  46  SER SER A . n 
A 1 47  VAL 47  47  47  VAL VAL A . n 
A 1 48  SER 48  48  48  SER SER A . n 
A 1 49  ASP 49  49  49  ASP ASP A . n 
A 1 50  PHE 50  50  50  PHE PHE A . n 
A 1 51  ASP 51  51  51  ASP ASP A . n 
A 1 52  ASN 52  52  52  ASN ASN A . n 
A 1 53  ALA 53  53  53  ALA ALA A . n 
A 1 54  LYS 54  54  54  LYS LYS A . n 
A 1 55  GLY 55  55  55  GLY GLY A . n 
A 1 56  LEU 56  56  56  LEU LEU A . n 
A 1 57  ASN 57  57  57  ASN ASN A . n 
A 1 58  VAL 58  58  58  VAL VAL A . n 
A 1 59  LYS 59  59  59  LYS LYS A . n 
A 1 60  HIS 60  60  60  HIS HIS A . n 
A 1 61  TYR 61  61  61  TYR TYR A . n 
A 1 62  LYS 62  62  62  LYS LYS A . n 
A 1 63  ILE 63  63  63  ILE ILE A . n 
A 1 64  ARG 64  64  64  ARG ARG A . n 
A 1 65  LYS 65  65  65  LYS LYS A . n 
A 1 66  LEU 66  66  66  LEU LEU A . n 
A 1 67  ASP 67  67  67  ASP ASP A . n 
A 1 68  SER 68  68  68  SER SER A . n 
A 1 69  GLY 69  69  69  GLY GLY A . n 
A 1 70  GLY 70  70  70  GLY GLY A . n 
A 1 71  PHE 71  71  71  PHE PHE A . n 
A 1 72  TYR 72  72  72  TYR TYR A . n 
A 1 73  ILE 73  73  73  ILE ILE A . n 
A 1 74  THR 74  74  74  THR THR A . n 
A 1 75  SER 75  75  75  SER SER A . n 
A 1 76  ARG 76  76  76  ARG ARG A . n 
A 1 77  THR 77  77  77  THR THR A . n 
A 1 78  GLN 78  78  78  GLN GLN A . n 
A 1 79  PHE 79  79  79  PHE PHE A . n 
A 1 80  ASN 80  80  80  ASN ASN A . n 
A 1 81  SER 81  81  81  SER SER A . n 
A 1 82  LEU 82  82  82  LEU LEU A . n 
A 1 83  GLN 83  83  83  GLN GLN A . n 
A 1 84  GLN 84  84  84  GLN GLN A . n 
A 1 85  LEU 85  85  85  LEU LEU A . n 
A 1 86  VAL 86  86  86  VAL VAL A . n 
A 1 87  ALA 87  87  87  ALA ALA A . n 
A 1 88  TYR 88  88  88  TYR TYR A . n 
A 1 89  TYR 89  89  89  TYR TYR A . n 
A 1 90  SER 90  90  90  SER SER A . n 
A 1 91  LYS 91  91  91  LYS LYS A . n 
A 1 92  HIS 92  92  92  HIS HIS A . n 
A 1 93  ALA 93  93  93  ALA ALA A . n 
A 1 94  ASP 94  94  94  ASP ASP A . n 
A 1 95  GLY 95  95  95  GLY GLY A . n 
A 1 96  LEU 96  96  96  LEU LEU A . n 
A 1 97  CYS 97  97  97  CYS CYS A . n 
A 1 98  HIS 98  98  98  HIS HIS A . n 
A 1 99  ARG 99  99  99  ARG ARG A . n 
A 1 100 LEU 100 100 100 LEU LEU A . n 
A 1 101 THR 101 101 101 THR THR A . n 
A 1 102 THR 102 102 102 THR THR A . n 
A 1 103 VAL 103 103 103 VAL VAL A . n 
A 1 104 CYS 104 104 104 CYS CYS A . n 
A 1 105 PRO 105 105 105 PRO PRO A . n 
A 1 106 THR 106 106 106 THR THR A . n 
A 1 107 SER 107 107 ?   ?   ?   A . n 
A 1 108 LYS 108 108 ?   ?   ?   A . n 
# 
loop_
_pdbx_nonpoly_scheme.asym_id 
_pdbx_nonpoly_scheme.entity_id 
_pdbx_nonpoly_scheme.mon_id 
_pdbx_nonpoly_scheme.ndb_seq_num 
_pdbx_nonpoly_scheme.pdb_seq_num 
_pdbx_nonpoly_scheme.auth_seq_num 
_pdbx_nonpoly_scheme.pdb_mon_id 
_pdbx_nonpoly_scheme.auth_mon_id 
_pdbx_nonpoly_scheme.pdb_strand_id 
_pdbx_nonpoly_scheme.pdb_ins_code 
B 2 PSN 1   300 300 PSN INH A . 
C 3 HOH 1   301 1   HOH HOH A . 
C 3 HOH 2   302 2   HOH HOH A . 
C 3 HOH 3   303 3   HOH HOH A . 
C 3 HOH 4   304 4   HOH HOH A . 
C 3 HOH 5   305 5   HOH HOH A . 
C 3 HOH 6   306 6   HOH HOH A . 
C 3 HOH 7   307 7   HOH HOH A . 
C 3 HOH 8   308 8   HOH HOH A . 
C 3 HOH 9   309 9   HOH HOH A . 
C 3 HOH 10  310 10  HOH HOH A . 
C 3 HOH 11  311 11  HOH HOH A . 
C 3 HOH 12  312 12  HOH HOH A . 
C 3 HOH 13  313 13  HOH HOH A . 
C 3 HOH 14  314 14  HOH HOH A . 
C 3 HOH 15  315 15  HOH HOH A . 
C 3 HOH 16  316 16  HOH HOH A . 
C 3 HOH 17  317 17  HOH HOH A . 
C 3 HOH 18  318 18  HOH HOH A . 
C 3 HOH 19  319 19  HOH HOH A . 
C 3 HOH 20  320 20  HOH HOH A . 
C 3 HOH 21  321 21  HOH HOH A . 
C 3 HOH 22  322 22  HOH HOH A . 
C 3 HOH 23  323 23  HOH HOH A . 
C 3 HOH 24  324 24  HOH HOH A . 
C 3 HOH 25  325 25  HOH HOH A . 
C 3 HOH 26  326 26  HOH HOH A . 
C 3 HOH 27  327 27  HOH HOH A . 
C 3 HOH 28  328 28  HOH HOH A . 
C 3 HOH 29  329 29  HOH HOH A . 
C 3 HOH 30  330 30  HOH HOH A . 
C 3 HOH 31  331 31  HOH HOH A . 
C 3 HOH 32  332 32  HOH HOH A . 
C 3 HOH 33  333 33  HOH HOH A . 
C 3 HOH 34  334 34  HOH HOH A . 
C 3 HOH 35  335 35  HOH HOH A . 
C 3 HOH 36  336 36  HOH HOH A . 
C 3 HOH 37  337 37  HOH HOH A . 
C 3 HOH 38  338 38  HOH HOH A . 
C 3 HOH 39  339 39  HOH HOH A . 
C 3 HOH 40  340 40  HOH HOH A . 
C 3 HOH 41  341 41  HOH HOH A . 
C 3 HOH 42  342 42  HOH HOH A . 
C 3 HOH 43  343 43  HOH HOH A . 
C 3 HOH 44  344 44  HOH HOH A . 
C 3 HOH 45  345 45  HOH HOH A . 
C 3 HOH 46  346 46  HOH HOH A . 
C 3 HOH 47  347 47  HOH HOH A . 
C 3 HOH 48  348 48  HOH HOH A . 
C 3 HOH 49  349 49  HOH HOH A . 
C 3 HOH 50  350 50  HOH HOH A . 
C 3 HOH 51  351 51  HOH HOH A . 
C 3 HOH 52  352 52  HOH HOH A . 
C 3 HOH 53  353 54  HOH HOH A . 
C 3 HOH 54  354 55  HOH HOH A . 
C 3 HOH 55  355 57  HOH HOH A . 
C 3 HOH 56  356 58  HOH HOH A . 
C 3 HOH 57  357 59  HOH HOH A . 
C 3 HOH 58  358 60  HOH HOH A . 
C 3 HOH 59  359 61  HOH HOH A . 
C 3 HOH 60  360 62  HOH HOH A . 
C 3 HOH 61  361 64  HOH HOH A . 
C 3 HOH 62  362 65  HOH HOH A . 
C 3 HOH 63  363 66  HOH HOH A . 
C 3 HOH 64  364 67  HOH HOH A . 
C 3 HOH 65  365 68  HOH HOH A . 
C 3 HOH 66  366 70  HOH HOH A . 
C 3 HOH 67  367 71  HOH HOH A . 
C 3 HOH 68  368 72  HOH HOH A . 
C 3 HOH 69  369 74  HOH HOH A . 
C 3 HOH 70  370 75  HOH HOH A . 
C 3 HOH 71  371 76  HOH HOH A . 
C 3 HOH 72  372 77  HOH HOH A . 
C 3 HOH 73  373 78  HOH HOH A . 
C 3 HOH 74  374 79  HOH HOH A . 
C 3 HOH 75  375 81  HOH HOH A . 
C 3 HOH 76  376 82  HOH HOH A . 
C 3 HOH 77  377 84  HOH HOH A . 
C 3 HOH 78  378 85  HOH HOH A . 
C 3 HOH 79  379 86  HOH HOH A . 
C 3 HOH 80  380 87  HOH HOH A . 
C 3 HOH 81  381 89  HOH HOH A . 
C 3 HOH 82  382 90  HOH HOH A . 
C 3 HOH 83  383 91  HOH HOH A . 
C 3 HOH 84  384 92  HOH HOH A . 
C 3 HOH 85  385 93  HOH HOH A . 
C 3 HOH 86  386 94  HOH HOH A . 
C 3 HOH 87  387 96  HOH HOH A . 
C 3 HOH 88  388 98  HOH HOH A . 
C 3 HOH 89  389 99  HOH HOH A . 
C 3 HOH 90  390 100 HOH HOH A . 
C 3 HOH 91  391 101 HOH HOH A . 
C 3 HOH 92  392 102 HOH HOH A . 
C 3 HOH 93  393 103 HOH HOH A . 
C 3 HOH 94  394 104 HOH HOH A . 
C 3 HOH 95  395 105 HOH HOH A . 
C 3 HOH 96  396 106 HOH HOH A . 
C 3 HOH 97  397 107 HOH HOH A . 
C 3 HOH 98  398 108 HOH HOH A . 
C 3 HOH 99  399 109 HOH HOH A . 
C 3 HOH 100 400 110 HOH HOH A . 
C 3 HOH 101 401 111 HOH HOH A . 
C 3 HOH 102 402 112 HOH HOH A . 
C 3 HOH 103 403 114 HOH HOH A . 
C 3 HOH 104 404 116 HOH HOH A . 
C 3 HOH 105 405 117 HOH HOH A . 
C 3 HOH 106 406 118 HOH HOH A . 
C 3 HOH 107 407 119 HOH HOH A . 
C 3 HOH 108 408 120 HOH HOH A . 
C 3 HOH 109 409 123 HOH HOH A . 
C 3 HOH 110 410 124 HOH HOH A . 
C 3 HOH 111 411 126 HOH HOH A . 
C 3 HOH 112 412 128 HOH HOH A . 
C 3 HOH 113 413 132 HOH HOH A . 
C 3 HOH 114 414 133 HOH HOH A . 
C 3 HOH 115 415 136 HOH HOH A . 
C 3 HOH 116 416 137 HOH HOH A . 
C 3 HOH 117 417 141 HOH HOH A . 
C 3 HOH 118 418 149 HOH HOH A . 
C 3 HOH 119 419 150 HOH HOH A . 
C 3 HOH 120 420 151 HOH HOH A . 
C 3 HOH 121 421 152 HOH HOH A . 
C 3 HOH 122 422 153 HOH HOH A . 
C 3 HOH 123 423 154 HOH HOH A . 
C 3 HOH 124 424 155 HOH HOH A . 
C 3 HOH 125 425 156 HOH HOH A . 
C 3 HOH 126 426 160 HOH HOH A . 
C 3 HOH 127 427 161 HOH HOH A . 
C 3 HOH 128 428 162 HOH HOH A . 
C 3 HOH 129 429 164 HOH HOH A . 
C 3 HOH 130 430 165 HOH HOH A . 
C 3 HOH 131 431 166 HOH HOH A . 
C 3 HOH 132 432 167 HOH HOH A . 
C 3 HOH 133 433 169 HOH HOH A . 
C 3 HOH 134 434 170 HOH HOH A . 
C 3 HOH 135 435 179 HOH HOH A . 
C 3 HOH 136 436 181 HOH HOH A . 
C 3 HOH 137 437 182 HOH HOH A . 
C 3 HOH 138 438 185 HOH HOH A . 
C 3 HOH 139 439 186 HOH HOH A . 
C 3 HOH 140 440 187 HOH HOH A . 
C 3 HOH 141 441 188 HOH HOH A . 
C 3 HOH 142 442 189 HOH HOH A . 
C 3 HOH 143 443 190 HOH HOH A . 
C 3 HOH 144 444 191 HOH HOH A . 
C 3 HOH 145 445 192 HOH HOH A . 
C 3 HOH 146 446 193 HOH HOH A . 
C 3 HOH 147 447 194 HOH HOH A . 
C 3 HOH 148 448 195 HOH HOH A . 
C 3 HOH 149 449 196 HOH HOH A . 
C 3 HOH 150 450 197 HOH HOH A . 
# 
loop_
_pdbx_unobs_or_zero_occ_atoms.id 
_pdbx_unobs_or_zero_occ_atoms.PDB_model_num 
_pdbx_unobs_or_zero_occ_atoms.polymer_flag 
_pdbx_unobs_or_zero_occ_atoms.occupancy_flag 
_pdbx_unobs_or_zero_occ_atoms.auth_asym_id 
_pdbx_unobs_or_zero_occ_atoms.auth_comp_id 
_pdbx_unobs_or_zero_occ_atoms.auth_seq_id 
_pdbx_unobs_or_zero_occ_atoms.PDB_ins_code 
_pdbx_unobs_or_zero_occ_atoms.auth_atom_id 
_pdbx_unobs_or_zero_occ_atoms.label_alt_id 
_pdbx_unobs_or_zero_occ_atoms.label_asym_id 
_pdbx_unobs_or_zero_occ_atoms.label_comp_id 
_pdbx_unobs_or_zero_occ_atoms.label_seq_id 
_pdbx_unobs_or_zero_occ_atoms.label_atom_id 
1 1 N 0 A PSN 300 ? C12 ? B PSN ? C12 
2 1 N 0 A PSN 300 ? C13 ? B PSN ? C13 
3 1 N 0 A PSN 300 ? C16 ? B PSN ? C16 
4 1 N 0 A PSN 300 ? C17 ? B PSN ? C17 
5 1 N 0 A PSN 300 ? C18 ? B PSN ? C18 
6 1 N 0 A PSN 300 ? C19 ? B PSN ? C19 
7 1 N 0 A PSN 300 ? C20 ? B PSN ? C20 
# 
loop_
_software.name 
_software.classification 
_software.version 
_software.citation_id 
_software.pdbx_ordinal 
XDS    'data scaling'   .     ? 1 
XDS    'data reduction' .     ? 2 
X-PLOR 'model building' 3.851 ? 3 
X-PLOR refinement       3.851 ? 4 
X-PLOR phasing          3.851 ? 5 
# 
_cell.entry_id           1O4K 
_cell.length_a           26.341 
_cell.length_b           59.924 
_cell.length_c           64.163 
_cell.angle_alpha        90.00 
_cell.angle_beta         90.00 
_cell.angle_gamma        90.00 
_cell.Z_PDB              4 
_cell.pdbx_unique_axis   ? 
# 
_symmetry.entry_id                         1O4K 
_symmetry.space_group_name_H-M             'P 21 21 21' 
_symmetry.pdbx_full_space_group_name_H-M   ? 
_symmetry.cell_setting                     ? 
_symmetry.Int_Tables_number                19 
# 
_exptl.entry_id          1O4K 
_exptl.method            'X-RAY DIFFRACTION' 
_exptl.crystals_number   1 
# 
_exptl_crystal.id                    1 
_exptl_crystal.density_meas          ? 
_exptl_crystal.density_Matthews      2.2 
_exptl_crystal.density_percent_sol   41.9 
_exptl_crystal.description           ? 
# 
_exptl_crystal_grow.crystal_id      1 
_exptl_crystal_grow.method          ? 
_exptl_crystal_grow.temp            ? 
_exptl_crystal_grow.temp_details    ? 
_exptl_crystal_grow.pH              5.50 
_exptl_crystal_grow.pdbx_pH_range   ? 
_exptl_crystal_grow.pdbx_details    'pH 5.50' 
# 
_diffrn.id                     1 
_diffrn.ambient_temp           100.0 
_diffrn.ambient_temp_details   ? 
_diffrn.crystal_id             1 
# 
_diffrn_detector.diffrn_id              1 
_diffrn_detector.detector               'IMAGE PLATE' 
_diffrn_detector.type                   'MAR scanner 345 mm plate' 
_diffrn_detector.pdbx_collection_date   1998-04-08 
_diffrn_detector.details                ? 
# 
_diffrn_radiation.diffrn_id                        1 
_diffrn_radiation.wavelength_id                    1 
_diffrn_radiation.pdbx_monochromatic_or_laue_m_l   M 
_diffrn_radiation.monochromator                    GRAPHITE 
_diffrn_radiation.pdbx_diffrn_protocol             'SINGLE WAVELENGTH' 
_diffrn_radiation.pdbx_scattering_type             x-ray 
# 
_diffrn_radiation_wavelength.id           1 
_diffrn_radiation_wavelength.wavelength   1.5418 
_diffrn_radiation_wavelength.wt           1.0 
# 
_diffrn_source.diffrn_id                   1 
_diffrn_source.source                      'ROTATING ANODE' 
_diffrn_source.type                        'ELLIOTT GX-21' 
_diffrn_source.pdbx_synchrotron_site       ? 
_diffrn_source.pdbx_synchrotron_beamline   ? 
_diffrn_source.pdbx_wavelength             1.5418 
_diffrn_source.pdbx_wavelength_list        ? 
# 
_reflns.entry_id                     1O4K 
_reflns.observed_criterion_sigma_I   -3.000 
_reflns.observed_criterion_sigma_F   ? 
_reflns.d_resolution_low             40.000 
_reflns.d_resolution_high            1.57 
_reflns.number_obs                   14497 
_reflns.number_all                   ? 
_reflns.percent_possible_obs         99.6 
_reflns.pdbx_Rmerge_I_obs            0.052 
_reflns.pdbx_Rsym_value              ? 
_reflns.pdbx_netI_over_sigmaI        21 
_reflns.B_iso_Wilson_estimate        ? 
_reflns.pdbx_redundancy              ? 
_reflns.pdbx_diffrn_id               1 
_reflns.pdbx_ordinal                 1 
# 
_reflns_shell.d_res_high             1.57 
_reflns_shell.d_res_low              1.65 
_reflns_shell.percent_possible_all   99.2 
_reflns_shell.Rmerge_I_obs           0.216 
_reflns_shell.pdbx_Rsym_value        ? 
_reflns_shell.meanI_over_sigI_obs    5 
_reflns_shell.pdbx_redundancy        ? 
_reflns_shell.pdbx_diffrn_id         ? 
_reflns_shell.pdbx_ordinal           1 
# 
_refine.entry_id                                 1O4K 
_refine.ls_number_reflns_obs                     14497 
_refine.ls_number_reflns_all                     ? 
_refine.pdbx_ls_sigma_I                          ? 
_refine.pdbx_ls_sigma_F                          ? 
_refine.pdbx_data_cutoff_high_absF               1000000.000 
_refine.pdbx_data_cutoff_low_absF                0.1000 
_refine.pdbx_data_cutoff_high_rms_absF           ? 
_refine.ls_d_res_low                             8.00 
_refine.ls_d_res_high                            1.57 
_refine.ls_percent_reflns_obs                    99.6 
_refine.ls_R_factor_obs                          0.193 
_refine.ls_R_factor_all                          ? 
_refine.ls_R_factor_R_work                       0.193 
_refine.ls_R_factor_R_free                       ? 
_refine.ls_R_factor_R_free_error                 ? 
_refine.ls_R_factor_R_free_error_details         ? 
_refine.ls_percent_reflns_R_free                 ? 
_refine.ls_number_reflns_R_free                  ? 
_refine.ls_number_parameters                     ? 
_refine.ls_number_restraints                     ? 
_refine.occupancy_min                            ? 
_refine.occupancy_max                            ? 
_refine.correlation_coeff_Fo_to_Fc               ? 
_refine.correlation_coeff_Fo_to_Fc_free          ? 
_refine.B_iso_mean                               17.9 
_refine.aniso_B[1][1]                            ? 
_refine.aniso_B[2][2]                            ? 
_refine.aniso_B[3][3]                            ? 
_refine.aniso_B[1][2]                            ? 
_refine.aniso_B[1][3]                            ? 
_refine.aniso_B[2][3]                            ? 
_refine.solvent_model_details                    ? 
_refine.solvent_model_param_ksol                 ? 
_refine.solvent_model_param_bsol                 ? 
_refine.pdbx_solvent_vdw_probe_radii             ? 
_refine.pdbx_solvent_ion_probe_radii             ? 
_refine.pdbx_solvent_shrinkage_radii             ? 
_refine.pdbx_ls_cross_valid_method               ? 
_refine.details                                  ? 
_refine.pdbx_starting_model                      1SHD 
_refine.pdbx_method_to_determine_struct          MR 
_refine.pdbx_isotropic_thermal_model             ? 
_refine.pdbx_stereochemistry_target_values       ? 
_refine.pdbx_stereochem_target_val_spec_case     ? 
_refine.pdbx_R_Free_selection_details            ? 
_refine.pdbx_overall_ESU_R                       ? 
_refine.pdbx_overall_ESU_R_Free                  ? 
_refine.overall_SU_ML                            ? 
_refine.overall_SU_B                             ? 
_refine.pdbx_refine_id                           'X-RAY DIFFRACTION' 
_refine.pdbx_diffrn_id                           1 
_refine.pdbx_TLS_residual_ADP_flag               ? 
_refine.pdbx_overall_phase_error                 ? 
_refine.overall_SU_R_Cruickshank_DPI             ? 
_refine.pdbx_overall_SU_R_free_Cruickshank_DPI   ? 
_refine.pdbx_overall_SU_R_Blow_DPI               ? 
_refine.pdbx_overall_SU_R_free_Blow_DPI          ? 
# 
_refine_hist.pdbx_refine_id                   'X-RAY DIFFRACTION' 
_refine_hist.cycle_id                         LAST 
_refine_hist.pdbx_number_atoms_protein        856 
_refine_hist.pdbx_number_atoms_nucleic_acid   0 
_refine_hist.pdbx_number_atoms_ligand         20 
_refine_hist.number_atoms_solvent             150 
_refine_hist.number_atoms_total               1026 
_refine_hist.d_res_high                       1.57 
_refine_hist.d_res_low                        8.00 
# 
loop_
_refine_ls_restr.type 
_refine_ls_restr.dev_ideal 
_refine_ls_restr.dev_ideal_target 
_refine_ls_restr.weight 
_refine_ls_restr.number 
_refine_ls_restr.pdbx_refine_id 
_refine_ls_restr.pdbx_restraint_function 
x_bond_d                0.013 ? ? ? 'X-RAY DIFFRACTION' ? 
x_bond_d_na             ?     ? ? ? 'X-RAY DIFFRACTION' ? 
x_bond_d_prot           ?     ? ? ? 'X-RAY DIFFRACTION' ? 
x_angle_d               ?     ? ? ? 'X-RAY DIFFRACTION' ? 
x_angle_d_na            ?     ? ? ? 'X-RAY DIFFRACTION' ? 
x_angle_d_prot          ?     ? ? ? 'X-RAY DIFFRACTION' ? 
x_angle_deg             1.2   ? ? ? 'X-RAY DIFFRACTION' ? 
x_angle_deg_na          ?     ? ? ? 'X-RAY DIFFRACTION' ? 
x_angle_deg_prot        ?     ? ? ? 'X-RAY DIFFRACTION' ? 
x_dihedral_angle_d      ?     ? ? ? 'X-RAY DIFFRACTION' ? 
x_dihedral_angle_d_na   ?     ? ? ? 'X-RAY DIFFRACTION' ? 
x_dihedral_angle_d_prot ?     ? ? ? 'X-RAY DIFFRACTION' ? 
x_improper_angle_d      ?     ? ? ? 'X-RAY DIFFRACTION' ? 
x_improper_angle_d_na   ?     ? ? ? 'X-RAY DIFFRACTION' ? 
x_improper_angle_d_prot ?     ? ? ? 'X-RAY DIFFRACTION' ? 
x_mcbond_it             ?     ? ? ? 'X-RAY DIFFRACTION' ? 
x_mcangle_it            ?     ? ? ? 'X-RAY DIFFRACTION' ? 
x_scbond_it             ?     ? ? ? 'X-RAY DIFFRACTION' ? 
x_scangle_it            ?     ? ? ? 'X-RAY DIFFRACTION' ? 
# 
_struct.entry_id                  1O4K 
_struct.title                     'CRYSTAL STRUCTURE OF SH2 IN COMPLEX WITH PASBN.' 
_struct.pdbx_model_details        ? 
_struct.pdbx_CASP_flag            ? 
_struct.pdbx_model_type_details   ? 
# 
_struct_keywords.entry_id        1O4K 
_struct_keywords.pdbx_keywords   'SIGNALING PROTEIN' 
_struct_keywords.text            'SH2 DOMAIN FRAGMENT APPROACH, SIGNALING PROTEIN' 
# 
loop_
_struct_asym.id 
_struct_asym.pdbx_blank_PDB_chainid_flag 
_struct_asym.pdbx_modified 
_struct_asym.entity_id 
_struct_asym.details 
A N N 1 ? 
B N N 2 ? 
C N N 3 ? 
# 
_struct_ref.id                         1 
_struct_ref.db_name                    UNP 
_struct_ref.db_code                    SRC_HUMAN 
_struct_ref.pdbx_db_accession          P12931 
_struct_ref.entity_id                  1 
_struct_ref.pdbx_seq_one_letter_code   
;SIQAEEWYFGKITRRESERLLLNAENPRGTFLVRESETTKGAYCLSVSDFDNAKGLNVKHYKIRKLDSGGFYITSRTQFN
SLQQLVAYYSKHADGLCHRLTTVCPTSK
;
_struct_ref.pdbx_align_begin           144 
_struct_ref.pdbx_db_isoform            ? 
# 
_struct_ref_seq.align_id                      1 
_struct_ref_seq.ref_id                        1 
_struct_ref_seq.pdbx_PDB_id_code              1O4K 
_struct_ref_seq.pdbx_strand_id                A 
_struct_ref_seq.seq_align_beg                 1 
_struct_ref_seq.pdbx_seq_align_beg_ins_code   ? 
_struct_ref_seq.seq_align_end                 108 
_struct_ref_seq.pdbx_seq_align_end_ins_code   ? 
_struct_ref_seq.pdbx_db_accession             P12931 
_struct_ref_seq.db_align_beg                  144 
_struct_ref_seq.pdbx_db_align_beg_ins_code    ? 
_struct_ref_seq.db_align_end                  251 
_struct_ref_seq.pdbx_db_align_end_ins_code    ? 
_struct_ref_seq.pdbx_auth_seq_align_beg       1 
_struct_ref_seq.pdbx_auth_seq_align_end       108 
# 
_pdbx_struct_assembly.id                   1 
_pdbx_struct_assembly.details              author_defined_assembly 
_pdbx_struct_assembly.method_details       ? 
_pdbx_struct_assembly.oligomeric_details   monomeric 
_pdbx_struct_assembly.oligomeric_count     1 
# 
_pdbx_struct_assembly_gen.assembly_id       1 
_pdbx_struct_assembly_gen.oper_expression   1 
_pdbx_struct_assembly_gen.asym_id_list      A,B,C 
# 
_pdbx_struct_oper_list.id                   1 
_pdbx_struct_oper_list.type                 'identity operation' 
_pdbx_struct_oper_list.name                 1_555 
_pdbx_struct_oper_list.symmetry_operation   x,y,z 
_pdbx_struct_oper_list.matrix[1][1]         1.0000000000 
_pdbx_struct_oper_list.matrix[1][2]         0.0000000000 
_pdbx_struct_oper_list.matrix[1][3]         0.0000000000 
_pdbx_struct_oper_list.vector[1]            0.0000000000 
_pdbx_struct_oper_list.matrix[2][1]         0.0000000000 
_pdbx_struct_oper_list.matrix[2][2]         1.0000000000 
_pdbx_struct_oper_list.matrix[2][3]         0.0000000000 
_pdbx_struct_oper_list.vector[2]            0.0000000000 
_pdbx_struct_oper_list.matrix[3][1]         0.0000000000 
_pdbx_struct_oper_list.matrix[3][2]         0.0000000000 
_pdbx_struct_oper_list.matrix[3][3]         1.0000000000 
_pdbx_struct_oper_list.vector[3]            0.0000000000 
# 
_struct_biol.id   1 
# 
loop_
_struct_conf.conf_type_id 
_struct_conf.id 
_struct_conf.pdbx_PDB_helix_id 
_struct_conf.beg_label_comp_id 
_struct_conf.beg_label_asym_id 
_struct_conf.beg_label_seq_id 
_struct_conf.pdbx_beg_PDB_ins_code 
_struct_conf.end_label_comp_id 
_struct_conf.end_label_asym_id 
_struct_conf.end_label_seq_id 
_struct_conf.pdbx_end_PDB_ins_code 
_struct_conf.beg_auth_comp_id 
_struct_conf.beg_auth_asym_id 
_struct_conf.beg_auth_seq_id 
_struct_conf.end_auth_comp_id 
_struct_conf.end_auth_asym_id 
_struct_conf.end_auth_seq_id 
_struct_conf.pdbx_PDB_helix_class 
_struct_conf.details 
_struct_conf.pdbx_PDB_helix_length 
HELX_P HELX_P1 1 THR A 13 ? LEU A 22 ? THR A 13 LEU A 22 1 ? 10 
HELX_P HELX_P2 2 SER A 81 ? SER A 90 ? SER A 81 SER A 90 1 ? 10 
# 
_struct_conf_type.id          HELX_P 
_struct_conf_type.criteria    ? 
_struct_conf_type.reference   ? 
# 
_struct_conn.id                            covale1 
_struct_conn.conn_type_id                  covale 
_struct_conn.pdbx_leaving_atom_flag        none 
_struct_conn.pdbx_PDB_id                   ? 
_struct_conn.ptnr1_label_asym_id           A 
_struct_conn.ptnr1_label_comp_id           CYS 
_struct_conn.ptnr1_label_seq_id            44 
_struct_conn.ptnr1_label_atom_id           SG 
_struct_conn.pdbx_ptnr1_label_alt_id       ? 
_struct_conn.pdbx_ptnr1_PDB_ins_code       ? 
_struct_conn.pdbx_ptnr1_standard_comp_id   ? 
_struct_conn.ptnr1_symmetry                1_555 
_struct_conn.ptnr2_label_asym_id           B 
_struct_conn.ptnr2_label_comp_id           PSN 
_struct_conn.ptnr2_label_seq_id            . 
_struct_conn.ptnr2_label_atom_id           C7 
_struct_conn.pdbx_ptnr2_label_alt_id       ? 
_struct_conn.pdbx_ptnr2_PDB_ins_code       ? 
_struct_conn.ptnr1_auth_asym_id            A 
_struct_conn.ptnr1_auth_comp_id            CYS 
_struct_conn.ptnr1_auth_seq_id             44 
_struct_conn.ptnr2_auth_asym_id            A 
_struct_conn.ptnr2_auth_comp_id            PSN 
_struct_conn.ptnr2_auth_seq_id             300 
_struct_conn.ptnr2_symmetry                1_555 
_struct_conn.pdbx_ptnr3_label_atom_id      ? 
_struct_conn.pdbx_ptnr3_label_seq_id       ? 
_struct_conn.pdbx_ptnr3_label_comp_id      ? 
_struct_conn.pdbx_ptnr3_label_asym_id      ? 
_struct_conn.pdbx_ptnr3_label_alt_id       ? 
_struct_conn.pdbx_ptnr3_PDB_ins_code       ? 
_struct_conn.details                       ? 
_struct_conn.pdbx_dist_value               1.825 
_struct_conn.pdbx_value_order              ? 
_struct_conn.pdbx_role                     ? 
# 
_struct_conn_type.id          covale 
_struct_conn_type.criteria    ? 
_struct_conn_type.reference   ? 
# 
_pdbx_modification_feature.ordinal                            1 
_pdbx_modification_feature.label_comp_id                      PSN 
_pdbx_modification_feature.label_asym_id                      B 
_pdbx_modification_feature.label_seq_id                       . 
_pdbx_modification_feature.label_alt_id                       ? 
_pdbx_modification_feature.modified_residue_label_comp_id     CYS 
_pdbx_modification_feature.modified_residue_label_asym_id     A 
_pdbx_modification_feature.modified_residue_label_seq_id      44 
_pdbx_modification_feature.modified_residue_label_alt_id      ? 
_pdbx_modification_feature.auth_comp_id                       PSN 
_pdbx_modification_feature.auth_asym_id                       A 
_pdbx_modification_feature.auth_seq_id                        300 
_pdbx_modification_feature.PDB_ins_code                       ? 
_pdbx_modification_feature.symmetry                           1_555 
_pdbx_modification_feature.modified_residue_auth_comp_id      CYS 
_pdbx_modification_feature.modified_residue_auth_asym_id      A 
_pdbx_modification_feature.modified_residue_auth_seq_id       44 
_pdbx_modification_feature.modified_residue_PDB_ins_code      ? 
_pdbx_modification_feature.modified_residue_symmetry          1_555 
_pdbx_modification_feature.comp_id_linking_atom               C7 
_pdbx_modification_feature.modified_residue_id_linking_atom   SG 
_pdbx_modification_feature.modified_residue_id                CYS 
_pdbx_modification_feature.ref_pcm_id                         1 
_pdbx_modification_feature.ref_comp_id                        PSN 
_pdbx_modification_feature.type                               None 
_pdbx_modification_feature.category                           'Covalent chemical modification' 
# 
_struct_sheet.id               A 
_struct_sheet.type             ? 
_struct_sheet.number_strands   6 
_struct_sheet.details          ? 
# 
loop_
_struct_sheet_order.sheet_id 
_struct_sheet_order.range_id_1 
_struct_sheet_order.range_id_2 
_struct_sheet_order.offset 
_struct_sheet_order.sense 
A 1 2 ? parallel      
A 2 3 ? anti-parallel 
A 3 4 ? anti-parallel 
A 4 5 ? anti-parallel 
A 5 6 ? anti-parallel 
# 
loop_
_struct_sheet_range.sheet_id 
_struct_sheet_range.id 
_struct_sheet_range.beg_label_comp_id 
_struct_sheet_range.beg_label_asym_id 
_struct_sheet_range.beg_label_seq_id 
_struct_sheet_range.pdbx_beg_PDB_ins_code 
_struct_sheet_range.end_label_comp_id 
_struct_sheet_range.end_label_asym_id 
_struct_sheet_range.end_label_seq_id 
_struct_sheet_range.pdbx_end_PDB_ins_code 
_struct_sheet_range.beg_auth_comp_id 
_struct_sheet_range.beg_auth_asym_id 
_struct_sheet_range.beg_auth_seq_id 
_struct_sheet_range.end_auth_comp_id 
_struct_sheet_range.end_auth_asym_id 
_struct_sheet_range.end_auth_seq_id 
A 1 TYR A 8  ? GLY A 10 ? TYR A 8  GLY A 10 
A 2 PHE A 31 ? GLU A 35 ? PHE A 31 GLU A 35 
A 3 TYR A 43 ? ASP A 51 ? TYR A 43 ASP A 51 
A 4 GLY A 55 ? LYS A 65 ? GLY A 55 LYS A 65 
A 5 PHE A 71 ? TYR A 72 ? PHE A 71 TYR A 72 
A 6 GLN A 78 ? PHE A 79 ? GLN A 78 PHE A 79 
# 
loop_
_pdbx_struct_sheet_hbond.sheet_id 
_pdbx_struct_sheet_hbond.range_id_1 
_pdbx_struct_sheet_hbond.range_id_2 
_pdbx_struct_sheet_hbond.range_1_label_atom_id 
_pdbx_struct_sheet_hbond.range_1_label_comp_id 
_pdbx_struct_sheet_hbond.range_1_label_asym_id 
_pdbx_struct_sheet_hbond.range_1_label_seq_id 
_pdbx_struct_sheet_hbond.range_1_PDB_ins_code 
_pdbx_struct_sheet_hbond.range_1_auth_atom_id 
_pdbx_struct_sheet_hbond.range_1_auth_comp_id 
_pdbx_struct_sheet_hbond.range_1_auth_asym_id 
_pdbx_struct_sheet_hbond.range_1_auth_seq_id 
_pdbx_struct_sheet_hbond.range_2_label_atom_id 
_pdbx_struct_sheet_hbond.range_2_label_comp_id 
_pdbx_struct_sheet_hbond.range_2_label_asym_id 
_pdbx_struct_sheet_hbond.range_2_label_seq_id 
_pdbx_struct_sheet_hbond.range_2_PDB_ins_code 
_pdbx_struct_sheet_hbond.range_2_auth_atom_id 
_pdbx_struct_sheet_hbond.range_2_auth_comp_id 
_pdbx_struct_sheet_hbond.range_2_auth_asym_id 
_pdbx_struct_sheet_hbond.range_2_auth_seq_id 
A 1 2 N GLY A 10 ? N GLY A 10 O GLU A 35 ? O GLU A 35 
A 2 3 N ARG A 34 ? N ARG A 34 O CYS A 44 ? O CYS A 44 
A 3 4 N LEU A 45 ? N LEU A 45 O TYR A 61 ? O TYR A 61 
A 4 5 N ARG A 64 ? N ARG A 64 O TYR A 72 ? O TYR A 72 
A 5 6 N PHE A 71 ? N PHE A 71 O PHE A 79 ? O PHE A 79 
# 
_struct_site.id                   AC1 
_struct_site.pdbx_evidence_code   Software 
_struct_site.pdbx_auth_asym_id    A 
_struct_site.pdbx_auth_comp_id    PSN 
_struct_site.pdbx_auth_seq_id     300 
_struct_site.pdbx_auth_ins_code   ? 
_struct_site.pdbx_num_residues    10 
_struct_site.details              'BINDING SITE FOR RESIDUE PSN A 300' 
# 
loop_
_struct_site_gen.id 
_struct_site_gen.site_id 
_struct_site_gen.pdbx_num_res 
_struct_site_gen.label_comp_id 
_struct_site_gen.label_asym_id 
_struct_site_gen.label_seq_id 
_struct_site_gen.pdbx_auth_ins_code 
_struct_site_gen.auth_comp_id 
_struct_site_gen.auth_asym_id 
_struct_site_gen.auth_seq_id 
_struct_site_gen.label_atom_id 
_struct_site_gen.label_alt_id 
_struct_site_gen.symmetry 
_struct_site_gen.details 
1  AC1 10 ARG A 14  ? ARG A 14  . ? 1_555 ? 
2  AC1 10 ARG A 34  ? ARG A 34  . ? 1_555 ? 
3  AC1 10 SER A 36  ? SER A 36  . ? 1_555 ? 
4  AC1 10 GLU A 37  ? GLU A 37  . ? 1_555 ? 
5  AC1 10 TYR A 43  ? TYR A 43  . ? 1_555 ? 
6  AC1 10 CYS A 44  ? CYS A 44  . ? 1_555 ? 
7  AC1 10 HIS A 60  ? HIS A 60  . ? 1_555 ? 
8  AC1 10 LYS A 62  ? LYS A 62  . ? 1_555 ? 
9  AC1 10 THR A 106 ? THR A 106 . ? 1_655 ? 
10 AC1 10 HOH C .   ? HOH A 443 . ? 1_555 ? 
# 
_pdbx_entry_details.entry_id                   1O4K 
_pdbx_entry_details.compound_details           ? 
_pdbx_entry_details.source_details             ? 
_pdbx_entry_details.nonpolymer_details         ? 
_pdbx_entry_details.sequence_details           ? 
_pdbx_entry_details.has_ligand_of_interest     ? 
_pdbx_entry_details.has_protein_modification   Y 
# 
loop_
_pdbx_validate_torsion.id 
_pdbx_validate_torsion.PDB_model_num 
_pdbx_validate_torsion.auth_comp_id 
_pdbx_validate_torsion.auth_asym_id 
_pdbx_validate_torsion.auth_seq_id 
_pdbx_validate_torsion.PDB_ins_code 
_pdbx_validate_torsion.label_alt_id 
_pdbx_validate_torsion.phi 
_pdbx_validate_torsion.psi 
1 1 LEU A 22  ? ? -83.43  45.26   
2 1 ASP A 94  ? ? 50.37   -122.24 
3 1 THR A 101 ? ? -108.31 -77.96  
# 
loop_
_pdbx_unobs_or_zero_occ_residues.id 
_pdbx_unobs_or_zero_occ_residues.PDB_model_num 
_pdbx_unobs_or_zero_occ_residues.polymer_flag 
_pdbx_unobs_or_zero_occ_residues.occupancy_flag 
_pdbx_unobs_or_zero_occ_residues.auth_asym_id 
_pdbx_unobs_or_zero_occ_residues.auth_comp_id 
_pdbx_unobs_or_zero_occ_residues.auth_seq_id 
_pdbx_unobs_or_zero_occ_residues.PDB_ins_code 
_pdbx_unobs_or_zero_occ_residues.label_asym_id 
_pdbx_unobs_or_zero_occ_residues.label_comp_id 
_pdbx_unobs_or_zero_occ_residues.label_seq_id 
1 1 Y 1 A SER 107 ? A SER 107 
2 1 Y 1 A LYS 108 ? A LYS 108 
# 
loop_
_chem_comp_atom.comp_id 
_chem_comp_atom.atom_id 
_chem_comp_atom.type_symbol 
_chem_comp_atom.pdbx_aromatic_flag 
_chem_comp_atom.pdbx_stereo_config 
_chem_comp_atom.pdbx_ordinal 
ALA N    N N N 1   
ALA CA   C N S 2   
ALA C    C N N 3   
ALA O    O N N 4   
ALA CB   C N N 5   
ALA OXT  O N N 6   
ALA H    H N N 7   
ALA H2   H N N 8   
ALA HA   H N N 9   
ALA HB1  H N N 10  
ALA HB2  H N N 11  
ALA HB3  H N N 12  
ALA HXT  H N N 13  
ARG N    N N N 14  
ARG CA   C N S 15  
ARG C    C N N 16  
ARG O    O N N 17  
ARG CB   C N N 18  
ARG CG   C N N 19  
ARG CD   C N N 20  
ARG NE   N N N 21  
ARG CZ   C N N 22  
ARG NH1  N N N 23  
ARG NH2  N N N 24  
ARG OXT  O N N 25  
ARG H    H N N 26  
ARG H2   H N N 27  
ARG HA   H N N 28  
ARG HB2  H N N 29  
ARG HB3  H N N 30  
ARG HG2  H N N 31  
ARG HG3  H N N 32  
ARG HD2  H N N 33  
ARG HD3  H N N 34  
ARG HE   H N N 35  
ARG HH11 H N N 36  
ARG HH12 H N N 37  
ARG HH21 H N N 38  
ARG HH22 H N N 39  
ARG HXT  H N N 40  
ASN N    N N N 41  
ASN CA   C N S 42  
ASN C    C N N 43  
ASN O    O N N 44  
ASN CB   C N N 45  
ASN CG   C N N 46  
ASN OD1  O N N 47  
ASN ND2  N N N 48  
ASN OXT  O N N 49  
ASN H    H N N 50  
ASN H2   H N N 51  
ASN HA   H N N 52  
ASN HB2  H N N 53  
ASN HB3  H N N 54  
ASN HD21 H N N 55  
ASN HD22 H N N 56  
ASN HXT  H N N 57  
ASP N    N N N 58  
ASP CA   C N S 59  
ASP C    C N N 60  
ASP O    O N N 61  
ASP CB   C N N 62  
ASP CG   C N N 63  
ASP OD1  O N N 64  
ASP OD2  O N N 65  
ASP OXT  O N N 66  
ASP H    H N N 67  
ASP H2   H N N 68  
ASP HA   H N N 69  
ASP HB2  H N N 70  
ASP HB3  H N N 71  
ASP HD2  H N N 72  
ASP HXT  H N N 73  
CYS N    N N N 74  
CYS CA   C N R 75  
CYS C    C N N 76  
CYS O    O N N 77  
CYS CB   C N N 78  
CYS SG   S N N 79  
CYS OXT  O N N 80  
CYS H    H N N 81  
CYS H2   H N N 82  
CYS HA   H N N 83  
CYS HB2  H N N 84  
CYS HB3  H N N 85  
CYS HG   H N N 86  
CYS HXT  H N N 87  
GLN N    N N N 88  
GLN CA   C N S 89  
GLN C    C N N 90  
GLN O    O N N 91  
GLN CB   C N N 92  
GLN CG   C N N 93  
GLN CD   C N N 94  
GLN OE1  O N N 95  
GLN NE2  N N N 96  
GLN OXT  O N N 97  
GLN H    H N N 98  
GLN H2   H N N 99  
GLN HA   H N N 100 
GLN HB2  H N N 101 
GLN HB3  H N N 102 
GLN HG2  H N N 103 
GLN HG3  H N N 104 
GLN HE21 H N N 105 
GLN HE22 H N N 106 
GLN HXT  H N N 107 
GLU N    N N N 108 
GLU CA   C N S 109 
GLU C    C N N 110 
GLU O    O N N 111 
GLU CB   C N N 112 
GLU CG   C N N 113 
GLU CD   C N N 114 
GLU OE1  O N N 115 
GLU OE2  O N N 116 
GLU OXT  O N N 117 
GLU H    H N N 118 
GLU H2   H N N 119 
GLU HA   H N N 120 
GLU HB2  H N N 121 
GLU HB3  H N N 122 
GLU HG2  H N N 123 
GLU HG3  H N N 124 
GLU HE2  H N N 125 
GLU HXT  H N N 126 
GLY N    N N N 127 
GLY CA   C N N 128 
GLY C    C N N 129 
GLY O    O N N 130 
GLY OXT  O N N 131 
GLY H    H N N 132 
GLY H2   H N N 133 
GLY HA2  H N N 134 
GLY HA3  H N N 135 
GLY HXT  H N N 136 
HIS N    N N N 137 
HIS CA   C N S 138 
HIS C    C N N 139 
HIS O    O N N 140 
HIS CB   C N N 141 
HIS CG   C Y N 142 
HIS ND1  N Y N 143 
HIS CD2  C Y N 144 
HIS CE1  C Y N 145 
HIS NE2  N Y N 146 
HIS OXT  O N N 147 
HIS H    H N N 148 
HIS H2   H N N 149 
HIS HA   H N N 150 
HIS HB2  H N N 151 
HIS HB3  H N N 152 
HIS HD1  H N N 153 
HIS HD2  H N N 154 
HIS HE1  H N N 155 
HIS HE2  H N N 156 
HIS HXT  H N N 157 
HOH O    O N N 158 
HOH H1   H N N 159 
HOH H2   H N N 160 
ILE N    N N N 161 
ILE CA   C N S 162 
ILE C    C N N 163 
ILE O    O N N 164 
ILE CB   C N S 165 
ILE CG1  C N N 166 
ILE CG2  C N N 167 
ILE CD1  C N N 168 
ILE OXT  O N N 169 
ILE H    H N N 170 
ILE H2   H N N 171 
ILE HA   H N N 172 
ILE HB   H N N 173 
ILE HG12 H N N 174 
ILE HG13 H N N 175 
ILE HG21 H N N 176 
ILE HG22 H N N 177 
ILE HG23 H N N 178 
ILE HD11 H N N 179 
ILE HD12 H N N 180 
ILE HD13 H N N 181 
ILE HXT  H N N 182 
LEU N    N N N 183 
LEU CA   C N S 184 
LEU C    C N N 185 
LEU O    O N N 186 
LEU CB   C N N 187 
LEU CG   C N N 188 
LEU CD1  C N N 189 
LEU CD2  C N N 190 
LEU OXT  O N N 191 
LEU H    H N N 192 
LEU H2   H N N 193 
LEU HA   H N N 194 
LEU HB2  H N N 195 
LEU HB3  H N N 196 
LEU HG   H N N 197 
LEU HD11 H N N 198 
LEU HD12 H N N 199 
LEU HD13 H N N 200 
LEU HD21 H N N 201 
LEU HD22 H N N 202 
LEU HD23 H N N 203 
LEU HXT  H N N 204 
LYS N    N N N 205 
LYS CA   C N S 206 
LYS C    C N N 207 
LYS O    O N N 208 
LYS CB   C N N 209 
LYS CG   C N N 210 
LYS CD   C N N 211 
LYS CE   C N N 212 
LYS NZ   N N N 213 
LYS OXT  O N N 214 
LYS H    H N N 215 
LYS H2   H N N 216 
LYS HA   H N N 217 
LYS HB2  H N N 218 
LYS HB3  H N N 219 
LYS HG2  H N N 220 
LYS HG3  H N N 221 
LYS HD2  H N N 222 
LYS HD3  H N N 223 
LYS HE2  H N N 224 
LYS HE3  H N N 225 
LYS HZ1  H N N 226 
LYS HZ2  H N N 227 
LYS HZ3  H N N 228 
LYS HXT  H N N 229 
PHE N    N N N 230 
PHE CA   C N S 231 
PHE C    C N N 232 
PHE O    O N N 233 
PHE CB   C N N 234 
PHE CG   C Y N 235 
PHE CD1  C Y N 236 
PHE CD2  C Y N 237 
PHE CE1  C Y N 238 
PHE CE2  C Y N 239 
PHE CZ   C Y N 240 
PHE OXT  O N N 241 
PHE H    H N N 242 
PHE H2   H N N 243 
PHE HA   H N N 244 
PHE HB2  H N N 245 
PHE HB3  H N N 246 
PHE HD1  H N N 247 
PHE HD2  H N N 248 
PHE HE1  H N N 249 
PHE HE2  H N N 250 
PHE HZ   H N N 251 
PHE HXT  H N N 252 
PRO N    N N N 253 
PRO CA   C N S 254 
PRO C    C N N 255 
PRO O    O N N 256 
PRO CB   C N N 257 
PRO CG   C N N 258 
PRO CD   C N N 259 
PRO OXT  O N N 260 
PRO H    H N N 261 
PRO HA   H N N 262 
PRO HB2  H N N 263 
PRO HB3  H N N 264 
PRO HG2  H N N 265 
PRO HG3  H N N 266 
PRO HD2  H N N 267 
PRO HD3  H N N 268 
PRO HXT  H N N 269 
PSN C1   C Y N 270 
PSN C2   C Y N 271 
PSN C3   C Y N 272 
PSN C4   C Y N 273 
PSN C5   C Y N 274 
PSN C6   C Y N 275 
PSN C7   C N N 276 
PSN O8   O N N 277 
PSN P9   P N R 278 
PSN O10  O N N 279 
PSN O11  O N N 280 
PSN C12  C N N 281 
PSN C13  C Y N 282 
PSN C16  C Y N 283 
PSN C17  C Y N 284 
PSN C18  C Y N 285 
PSN C19  C Y N 286 
PSN C20  C Y N 287 
PSN O32  O N N 288 
PSN O25  O N N 289 
PSN H1   H N N 290 
PSN H2   H N N 291 
PSN H3   H N N 292 
PSN H6   H N N 293 
PSN H7   H N N 294 
PSN H121 H N N 295 
PSN H122 H N N 296 
PSN H16  H N N 297 
PSN H17  H N N 298 
PSN H18  H N N 299 
PSN H19  H N N 300 
PSN H20  H N N 301 
PSN H32  H N N 302 
SER N    N N N 303 
SER CA   C N S 304 
SER C    C N N 305 
SER O    O N N 306 
SER CB   C N N 307 
SER OG   O N N 308 
SER OXT  O N N 309 
SER H    H N N 310 
SER H2   H N N 311 
SER HA   H N N 312 
SER HB2  H N N 313 
SER HB3  H N N 314 
SER HG   H N N 315 
SER HXT  H N N 316 
THR N    N N N 317 
THR CA   C N S 318 
THR C    C N N 319 
THR O    O N N 320 
THR CB   C N R 321 
THR OG1  O N N 322 
THR CG2  C N N 323 
THR OXT  O N N 324 
THR H    H N N 325 
THR H2   H N N 326 
THR HA   H N N 327 
THR HB   H N N 328 
THR HG1  H N N 329 
THR HG21 H N N 330 
THR HG22 H N N 331 
THR HG23 H N N 332 
THR HXT  H N N 333 
TRP N    N N N 334 
TRP CA   C N S 335 
TRP C    C N N 336 
TRP O    O N N 337 
TRP CB   C N N 338 
TRP CG   C Y N 339 
TRP CD1  C Y N 340 
TRP CD2  C Y N 341 
TRP NE1  N Y N 342 
TRP CE2  C Y N 343 
TRP CE3  C Y N 344 
TRP CZ2  C Y N 345 
TRP CZ3  C Y N 346 
TRP CH2  C Y N 347 
TRP OXT  O N N 348 
TRP H    H N N 349 
TRP H2   H N N 350 
TRP HA   H N N 351 
TRP HB2  H N N 352 
TRP HB3  H N N 353 
TRP HD1  H N N 354 
TRP HE1  H N N 355 
TRP HE3  H N N 356 
TRP HZ2  H N N 357 
TRP HZ3  H N N 358 
TRP HH2  H N N 359 
TRP HXT  H N N 360 
TYR N    N N N 361 
TYR CA   C N S 362 
TYR C    C N N 363 
TYR O    O N N 364 
TYR CB   C N N 365 
TYR CG   C Y N 366 
TYR CD1  C Y N 367 
TYR CD2  C Y N 368 
TYR CE1  C Y N 369 
TYR CE2  C Y N 370 
TYR CZ   C Y N 371 
TYR OH   O N N 372 
TYR OXT  O N N 373 
TYR H    H N N 374 
TYR H2   H N N 375 
TYR HA   H N N 376 
TYR HB2  H N N 377 
TYR HB3  H N N 378 
TYR HD1  H N N 379 
TYR HD2  H N N 380 
TYR HE1  H N N 381 
TYR HE2  H N N 382 
TYR HH   H N N 383 
TYR HXT  H N N 384 
VAL N    N N N 385 
VAL CA   C N S 386 
VAL C    C N N 387 
VAL O    O N N 388 
VAL CB   C N N 389 
VAL CG1  C N N 390 
VAL CG2  C N N 391 
VAL OXT  O N N 392 
VAL H    H N N 393 
VAL H2   H N N 394 
VAL HA   H N N 395 
VAL HB   H N N 396 
VAL HG11 H N N 397 
VAL HG12 H N N 398 
VAL HG13 H N N 399 
VAL HG21 H N N 400 
VAL HG22 H N N 401 
VAL HG23 H N N 402 
VAL HXT  H N N 403 
# 
loop_
_chem_comp_bond.comp_id 
_chem_comp_bond.atom_id_1 
_chem_comp_bond.atom_id_2 
_chem_comp_bond.value_order 
_chem_comp_bond.pdbx_aromatic_flag 
_chem_comp_bond.pdbx_stereo_config 
_chem_comp_bond.pdbx_ordinal 
ALA N   CA   sing N N 1   
ALA N   H    sing N N 2   
ALA N   H2   sing N N 3   
ALA CA  C    sing N N 4   
ALA CA  CB   sing N N 5   
ALA CA  HA   sing N N 6   
ALA C   O    doub N N 7   
ALA C   OXT  sing N N 8   
ALA CB  HB1  sing N N 9   
ALA CB  HB2  sing N N 10  
ALA CB  HB3  sing N N 11  
ALA OXT HXT  sing N N 12  
ARG N   CA   sing N N 13  
ARG N   H    sing N N 14  
ARG N   H2   sing N N 15  
ARG CA  C    sing N N 16  
ARG CA  CB   sing N N 17  
ARG CA  HA   sing N N 18  
ARG C   O    doub N N 19  
ARG C   OXT  sing N N 20  
ARG CB  CG   sing N N 21  
ARG CB  HB2  sing N N 22  
ARG CB  HB3  sing N N 23  
ARG CG  CD   sing N N 24  
ARG CG  HG2  sing N N 25  
ARG CG  HG3  sing N N 26  
ARG CD  NE   sing N N 27  
ARG CD  HD2  sing N N 28  
ARG CD  HD3  sing N N 29  
ARG NE  CZ   sing N N 30  
ARG NE  HE   sing N N 31  
ARG CZ  NH1  sing N N 32  
ARG CZ  NH2  doub N N 33  
ARG NH1 HH11 sing N N 34  
ARG NH1 HH12 sing N N 35  
ARG NH2 HH21 sing N N 36  
ARG NH2 HH22 sing N N 37  
ARG OXT HXT  sing N N 38  
ASN N   CA   sing N N 39  
ASN N   H    sing N N 40  
ASN N   H2   sing N N 41  
ASN CA  C    sing N N 42  
ASN CA  CB   sing N N 43  
ASN CA  HA   sing N N 44  
ASN C   O    doub N N 45  
ASN C   OXT  sing N N 46  
ASN CB  CG   sing N N 47  
ASN CB  HB2  sing N N 48  
ASN CB  HB3  sing N N 49  
ASN CG  OD1  doub N N 50  
ASN CG  ND2  sing N N 51  
ASN ND2 HD21 sing N N 52  
ASN ND2 HD22 sing N N 53  
ASN OXT HXT  sing N N 54  
ASP N   CA   sing N N 55  
ASP N   H    sing N N 56  
ASP N   H2   sing N N 57  
ASP CA  C    sing N N 58  
ASP CA  CB   sing N N 59  
ASP CA  HA   sing N N 60  
ASP C   O    doub N N 61  
ASP C   OXT  sing N N 62  
ASP CB  CG   sing N N 63  
ASP CB  HB2  sing N N 64  
ASP CB  HB3  sing N N 65  
ASP CG  OD1  doub N N 66  
ASP CG  OD2  sing N N 67  
ASP OD2 HD2  sing N N 68  
ASP OXT HXT  sing N N 69  
CYS N   CA   sing N N 70  
CYS N   H    sing N N 71  
CYS N   H2   sing N N 72  
CYS CA  C    sing N N 73  
CYS CA  CB   sing N N 74  
CYS CA  HA   sing N N 75  
CYS C   O    doub N N 76  
CYS C   OXT  sing N N 77  
CYS CB  SG   sing N N 78  
CYS CB  HB2  sing N N 79  
CYS CB  HB3  sing N N 80  
CYS SG  HG   sing N N 81  
CYS OXT HXT  sing N N 82  
GLN N   CA   sing N N 83  
GLN N   H    sing N N 84  
GLN N   H2   sing N N 85  
GLN CA  C    sing N N 86  
GLN CA  CB   sing N N 87  
GLN CA  HA   sing N N 88  
GLN C   O    doub N N 89  
GLN C   OXT  sing N N 90  
GLN CB  CG   sing N N 91  
GLN CB  HB2  sing N N 92  
GLN CB  HB3  sing N N 93  
GLN CG  CD   sing N N 94  
GLN CG  HG2  sing N N 95  
GLN CG  HG3  sing N N 96  
GLN CD  OE1  doub N N 97  
GLN CD  NE2  sing N N 98  
GLN NE2 HE21 sing N N 99  
GLN NE2 HE22 sing N N 100 
GLN OXT HXT  sing N N 101 
GLU N   CA   sing N N 102 
GLU N   H    sing N N 103 
GLU N   H2   sing N N 104 
GLU CA  C    sing N N 105 
GLU CA  CB   sing N N 106 
GLU CA  HA   sing N N 107 
GLU C   O    doub N N 108 
GLU C   OXT  sing N N 109 
GLU CB  CG   sing N N 110 
GLU CB  HB2  sing N N 111 
GLU CB  HB3  sing N N 112 
GLU CG  CD   sing N N 113 
GLU CG  HG2  sing N N 114 
GLU CG  HG3  sing N N 115 
GLU CD  OE1  doub N N 116 
GLU CD  OE2  sing N N 117 
GLU OE2 HE2  sing N N 118 
GLU OXT HXT  sing N N 119 
GLY N   CA   sing N N 120 
GLY N   H    sing N N 121 
GLY N   H2   sing N N 122 
GLY CA  C    sing N N 123 
GLY CA  HA2  sing N N 124 
GLY CA  HA3  sing N N 125 
GLY C   O    doub N N 126 
GLY C   OXT  sing N N 127 
GLY OXT HXT  sing N N 128 
HIS N   CA   sing N N 129 
HIS N   H    sing N N 130 
HIS N   H2   sing N N 131 
HIS CA  C    sing N N 132 
HIS CA  CB   sing N N 133 
HIS CA  HA   sing N N 134 
HIS C   O    doub N N 135 
HIS C   OXT  sing N N 136 
HIS CB  CG   sing N N 137 
HIS CB  HB2  sing N N 138 
HIS CB  HB3  sing N N 139 
HIS CG  ND1  sing Y N 140 
HIS CG  CD2  doub Y N 141 
HIS ND1 CE1  doub Y N 142 
HIS ND1 HD1  sing N N 143 
HIS CD2 NE2  sing Y N 144 
HIS CD2 HD2  sing N N 145 
HIS CE1 NE2  sing Y N 146 
HIS CE1 HE1  sing N N 147 
HIS NE2 HE2  sing N N 148 
HIS OXT HXT  sing N N 149 
HOH O   H1   sing N N 150 
HOH O   H2   sing N N 151 
ILE N   CA   sing N N 152 
ILE N   H    sing N N 153 
ILE N   H2   sing N N 154 
ILE CA  C    sing N N 155 
ILE CA  CB   sing N N 156 
ILE CA  HA   sing N N 157 
ILE C   O    doub N N 158 
ILE C   OXT  sing N N 159 
ILE CB  CG1  sing N N 160 
ILE CB  CG2  sing N N 161 
ILE CB  HB   sing N N 162 
ILE CG1 CD1  sing N N 163 
ILE CG1 HG12 sing N N 164 
ILE CG1 HG13 sing N N 165 
ILE CG2 HG21 sing N N 166 
ILE CG2 HG22 sing N N 167 
ILE CG2 HG23 sing N N 168 
ILE CD1 HD11 sing N N 169 
ILE CD1 HD12 sing N N 170 
ILE CD1 HD13 sing N N 171 
ILE OXT HXT  sing N N 172 
LEU N   CA   sing N N 173 
LEU N   H    sing N N 174 
LEU N   H2   sing N N 175 
LEU CA  C    sing N N 176 
LEU CA  CB   sing N N 177 
LEU CA  HA   sing N N 178 
LEU C   O    doub N N 179 
LEU C   OXT  sing N N 180 
LEU CB  CG   sing N N 181 
LEU CB  HB2  sing N N 182 
LEU CB  HB3  sing N N 183 
LEU CG  CD1  sing N N 184 
LEU CG  CD2  sing N N 185 
LEU CG  HG   sing N N 186 
LEU CD1 HD11 sing N N 187 
LEU CD1 HD12 sing N N 188 
LEU CD1 HD13 sing N N 189 
LEU CD2 HD21 sing N N 190 
LEU CD2 HD22 sing N N 191 
LEU CD2 HD23 sing N N 192 
LEU OXT HXT  sing N N 193 
LYS N   CA   sing N N 194 
LYS N   H    sing N N 195 
LYS N   H2   sing N N 196 
LYS CA  C    sing N N 197 
LYS CA  CB   sing N N 198 
LYS CA  HA   sing N N 199 
LYS C   O    doub N N 200 
LYS C   OXT  sing N N 201 
LYS CB  CG   sing N N 202 
LYS CB  HB2  sing N N 203 
LYS CB  HB3  sing N N 204 
LYS CG  CD   sing N N 205 
LYS CG  HG2  sing N N 206 
LYS CG  HG3  sing N N 207 
LYS CD  CE   sing N N 208 
LYS CD  HD2  sing N N 209 
LYS CD  HD3  sing N N 210 
LYS CE  NZ   sing N N 211 
LYS CE  HE2  sing N N 212 
LYS CE  HE3  sing N N 213 
LYS NZ  HZ1  sing N N 214 
LYS NZ  HZ2  sing N N 215 
LYS NZ  HZ3  sing N N 216 
LYS OXT HXT  sing N N 217 
PHE N   CA   sing N N 218 
PHE N   H    sing N N 219 
PHE N   H2   sing N N 220 
PHE CA  C    sing N N 221 
PHE CA  CB   sing N N 222 
PHE CA  HA   sing N N 223 
PHE C   O    doub N N 224 
PHE C   OXT  sing N N 225 
PHE CB  CG   sing N N 226 
PHE CB  HB2  sing N N 227 
PHE CB  HB3  sing N N 228 
PHE CG  CD1  doub Y N 229 
PHE CG  CD2  sing Y N 230 
PHE CD1 CE1  sing Y N 231 
PHE CD1 HD1  sing N N 232 
PHE CD2 CE2  doub Y N 233 
PHE CD2 HD2  sing N N 234 
PHE CE1 CZ   doub Y N 235 
PHE CE1 HE1  sing N N 236 
PHE CE2 CZ   sing Y N 237 
PHE CE2 HE2  sing N N 238 
PHE CZ  HZ   sing N N 239 
PHE OXT HXT  sing N N 240 
PRO N   CA   sing N N 241 
PRO N   CD   sing N N 242 
PRO N   H    sing N N 243 
PRO CA  C    sing N N 244 
PRO CA  CB   sing N N 245 
PRO CA  HA   sing N N 246 
PRO C   O    doub N N 247 
PRO C   OXT  sing N N 248 
PRO CB  CG   sing N N 249 
PRO CB  HB2  sing N N 250 
PRO CB  HB3  sing N N 251 
PRO CG  CD   sing N N 252 
PRO CG  HG2  sing N N 253 
PRO CG  HG3  sing N N 254 
PRO CD  HD2  sing N N 255 
PRO CD  HD3  sing N N 256 
PRO OXT HXT  sing N N 257 
PSN C1  C2   sing Y N 258 
PSN C1  C6   doub Y N 259 
PSN C1  H1   sing N N 260 
PSN C2  C3   doub Y N 261 
PSN C2  H2   sing N N 262 
PSN C3  C4   sing Y N 263 
PSN C3  H3   sing N N 264 
PSN C4  C5   doub Y N 265 
PSN C4  C7   sing N N 266 
PSN C5  C6   sing Y N 267 
PSN C5  O8   sing N N 268 
PSN C6  H6   sing N N 269 
PSN C7  O25  doub N N 270 
PSN C7  H7   sing N N 271 
PSN O8  P9   sing N N 272 
PSN P9  O10  sing N N 273 
PSN P9  O11  doub N N 274 
PSN P9  O32  sing N N 275 
PSN O10 C12  sing N N 276 
PSN C12 C13  sing N N 277 
PSN C12 H121 sing N N 278 
PSN C12 H122 sing N N 279 
PSN C13 C16  doub Y N 280 
PSN C13 C20  sing Y N 281 
PSN C16 C17  sing Y N 282 
PSN C16 H16  sing N N 283 
PSN C17 C18  doub Y N 284 
PSN C17 H17  sing N N 285 
PSN C18 C19  sing Y N 286 
PSN C18 H18  sing N N 287 
PSN C19 C20  doub Y N 288 
PSN C19 H19  sing N N 289 
PSN C20 H20  sing N N 290 
PSN O32 H32  sing N N 291 
SER N   CA   sing N N 292 
SER N   H    sing N N 293 
SER N   H2   sing N N 294 
SER CA  C    sing N N 295 
SER CA  CB   sing N N 296 
SER CA  HA   sing N N 297 
SER C   O    doub N N 298 
SER C   OXT  sing N N 299 
SER CB  OG   sing N N 300 
SER CB  HB2  sing N N 301 
SER CB  HB3  sing N N 302 
SER OG  HG   sing N N 303 
SER OXT HXT  sing N N 304 
THR N   CA   sing N N 305 
THR N   H    sing N N 306 
THR N   H2   sing N N 307 
THR CA  C    sing N N 308 
THR CA  CB   sing N N 309 
THR CA  HA   sing N N 310 
THR C   O    doub N N 311 
THR C   OXT  sing N N 312 
THR CB  OG1  sing N N 313 
THR CB  CG2  sing N N 314 
THR CB  HB   sing N N 315 
THR OG1 HG1  sing N N 316 
THR CG2 HG21 sing N N 317 
THR CG2 HG22 sing N N 318 
THR CG2 HG23 sing N N 319 
THR OXT HXT  sing N N 320 
TRP N   CA   sing N N 321 
TRP N   H    sing N N 322 
TRP N   H2   sing N N 323 
TRP CA  C    sing N N 324 
TRP CA  CB   sing N N 325 
TRP CA  HA   sing N N 326 
TRP C   O    doub N N 327 
TRP C   OXT  sing N N 328 
TRP CB  CG   sing N N 329 
TRP CB  HB2  sing N N 330 
TRP CB  HB3  sing N N 331 
TRP CG  CD1  doub Y N 332 
TRP CG  CD2  sing Y N 333 
TRP CD1 NE1  sing Y N 334 
TRP CD1 HD1  sing N N 335 
TRP CD2 CE2  doub Y N 336 
TRP CD2 CE3  sing Y N 337 
TRP NE1 CE2  sing Y N 338 
TRP NE1 HE1  sing N N 339 
TRP CE2 CZ2  sing Y N 340 
TRP CE3 CZ3  doub Y N 341 
TRP CE3 HE3  sing N N 342 
TRP CZ2 CH2  doub Y N 343 
TRP CZ2 HZ2  sing N N 344 
TRP CZ3 CH2  sing Y N 345 
TRP CZ3 HZ3  sing N N 346 
TRP CH2 HH2  sing N N 347 
TRP OXT HXT  sing N N 348 
TYR N   CA   sing N N 349 
TYR N   H    sing N N 350 
TYR N   H2   sing N N 351 
TYR CA  C    sing N N 352 
TYR CA  CB   sing N N 353 
TYR CA  HA   sing N N 354 
TYR C   O    doub N N 355 
TYR C   OXT  sing N N 356 
TYR CB  CG   sing N N 357 
TYR CB  HB2  sing N N 358 
TYR CB  HB3  sing N N 359 
TYR CG  CD1  doub Y N 360 
TYR CG  CD2  sing Y N 361 
TYR CD1 CE1  sing Y N 362 
TYR CD1 HD1  sing N N 363 
TYR CD2 CE2  doub Y N 364 
TYR CD2 HD2  sing N N 365 
TYR CE1 CZ   doub Y N 366 
TYR CE1 HE1  sing N N 367 
TYR CE2 CZ   sing Y N 368 
TYR CE2 HE2  sing N N 369 
TYR CZ  OH   sing N N 370 
TYR OH  HH   sing N N 371 
TYR OXT HXT  sing N N 372 
VAL N   CA   sing N N 373 
VAL N   H    sing N N 374 
VAL N   H2   sing N N 375 
VAL CA  C    sing N N 376 
VAL CA  CB   sing N N 377 
VAL CA  HA   sing N N 378 
VAL C   O    doub N N 379 
VAL C   OXT  sing N N 380 
VAL CB  CG1  sing N N 381 
VAL CB  CG2  sing N N 382 
VAL CB  HB   sing N N 383 
VAL CG1 HG11 sing N N 384 
VAL CG1 HG12 sing N N 385 
VAL CG1 HG13 sing N N 386 
VAL CG2 HG21 sing N N 387 
VAL CG2 HG22 sing N N 388 
VAL CG2 HG23 sing N N 389 
VAL OXT HXT  sing N N 390 
# 
_pdbx_initial_refinement_model.id               1 
_pdbx_initial_refinement_model.entity_id_list   ? 
_pdbx_initial_refinement_model.type             'experimental model' 
_pdbx_initial_refinement_model.source_name      PDB 
_pdbx_initial_refinement_model.accession_code   1SHD 
_pdbx_initial_refinement_model.details          ? 
# 
_atom_sites.entry_id                    1O4K 
_atom_sites.fract_transf_matrix[1][1]   0.00794968 
_atom_sites.fract_transf_matrix[1][2]   0.03581228 
_atom_sites.fract_transf_matrix[1][3]   0.00977491 
_atom_sites.fract_transf_matrix[2][1]   -0.01067252 
_atom_sites.fract_transf_matrix[2][2]   -0.00111923 
_atom_sites.fract_transf_matrix[2][3]   0.01278022 
_atom_sites.fract_transf_matrix[3][1]   0.01152815 
_atom_sites.fract_transf_matrix[3][2]   -0.00506562 
_atom_sites.fract_transf_matrix[3][3]   0.00918332 
_atom_sites.fract_transf_vector[1]      0.386611 
_atom_sites.fract_transf_vector[2]      0.319590 
_atom_sites.fract_transf_vector[3]      0.312306 
# 
loop_
_atom_type.symbol 
C 
N 
O 
P 
S 
# 
loop_
_atom_site.group_PDB 
_atom_site.id 
_atom_site.type_symbol 
_atom_site.label_atom_id 
_atom_site.label_alt_id 
_atom_site.label_comp_id 
_atom_site.label_asym_id 
_atom_site.label_entity_id 
_atom_site.label_seq_id 
_atom_site.pdbx_PDB_ins_code 
_atom_site.Cartn_x 
_atom_site.Cartn_y 
_atom_site.Cartn_z 
_atom_site.occupancy 
_atom_site.B_iso_or_equiv 
_atom_site.pdbx_formal_charge 
_atom_site.auth_seq_id 
_atom_site.auth_comp_id 
_atom_site.auth_asym_id 
_atom_site.auth_atom_id 
_atom_site.pdbx_PDB_model_num 
ATOM   1    N N   . SER A 1 1   ? -11.072 -2.346  -13.121 1.00 41.81 ? 1   SER A N   1 
ATOM   2    C CA  . SER A 1 1   ? -9.707  -2.951  -13.291 1.00 41.39 ? 1   SER A CA  1 
ATOM   3    C C   . SER A 1 1   ? -8.991  -2.989  -11.949 1.00 39.58 ? 1   SER A C   1 
ATOM   4    O O   . SER A 1 1   ? -8.314  -3.979  -11.639 1.00 40.63 ? 1   SER A O   1 
ATOM   5    C CB  . SER A 1 1   ? -8.859  -2.194  -14.341 1.00 43.81 ? 1   SER A CB  1 
ATOM   6    O OG  . SER A 1 1   ? -8.553  -0.850  -13.965 1.00 48.98 ? 1   SER A OG  1 
ATOM   7    N N   . ILE A 1 2   ? -9.164  -1.925  -11.148 1.00 37.25 ? 2   ILE A N   1 
ATOM   8    C CA  . ILE A 1 2   ? -8.547  -1.845  -9.811  1.00 34.37 ? 2   ILE A CA  1 
ATOM   9    C C   . ILE A 1 2   ? -9.135  -2.954  -8.929  1.00 32.52 ? 2   ILE A C   1 
ATOM   10   O O   . ILE A 1 2   ? -8.404  -3.711  -8.312  1.00 31.40 ? 2   ILE A O   1 
ATOM   11   C CB  . ILE A 1 2   ? -8.732  -0.427  -9.155  1.00 34.04 ? 2   ILE A CB  1 
ATOM   12   C CG1 . ILE A 1 2   ? -7.810  0.586   -9.847  1.00 34.61 ? 2   ILE A CG1 1 
ATOM   13   C CG2 . ILE A 1 2   ? -8.423  -0.460  -7.659  1.00 29.95 ? 2   ILE A CG2 1 
ATOM   14   C CD1 . ILE A 1 2   ? -8.165  2.049   -9.556  1.00 36.93 ? 2   ILE A CD1 1 
ATOM   15   N N   . GLN A 1 3   ? -10.458 -3.110  -8.982  1.00 31.66 ? 3   GLN A N   1 
ATOM   16   C CA  . GLN A 1 3   ? -11.165 -4.135  -8.207  1.00 31.50 ? 3   GLN A CA  1 
ATOM   17   C C   . GLN A 1 3   ? -10.748 -5.547  -8.631  1.00 29.73 ? 3   GLN A C   1 
ATOM   18   O O   . GLN A 1 3   ? -10.963 -6.518  -7.913  1.00 30.61 ? 3   GLN A O   1 
ATOM   19   C CB  . GLN A 1 3   ? -12.682 -3.981  -8.401  1.00 35.66 ? 3   GLN A CB  1 
ATOM   20   C CG  . GLN A 1 3   ? -13.249 -2.673  -7.867  1.00 44.80 ? 3   GLN A CG  1 
ATOM   21   C CD  . GLN A 1 3   ? -13.931 -2.832  -6.511  1.00 53.23 ? 3   GLN A CD  1 
ATOM   22   O OE1 . GLN A 1 3   ? -13.462 -3.576  -5.630  1.00 56.53 ? 3   GLN A OE1 1 
ATOM   23   N NE2 . GLN A 1 3   ? -15.060 -2.143  -6.338  1.00 57.36 ? 3   GLN A NE2 1 
ATOM   24   N N   . ALA A 1 4   ? -10.163 -5.649  -9.815  1.00 27.58 ? 4   ALA A N   1 
ATOM   25   C CA  . ALA A 1 4   ? -9.735  -6.922  -10.353 1.00 25.34 ? 4   ALA A CA  1 
ATOM   26   C C   . ALA A 1 4   ? -8.345  -7.294  -9.826  1.00 23.58 ? 4   ALA A C   1 
ATOM   27   O O   . ALA A 1 4   ? -7.943  -8.463  -9.880  1.00 24.02 ? 4   ALA A O   1 
ATOM   28   C CB  . ALA A 1 4   ? -9.712  -6.841  -11.863 1.00 26.74 ? 4   ALA A CB  1 
ATOM   29   N N   . GLU A 1 5   ? -7.608  -6.300  -9.330  1.00 19.86 ? 5   GLU A N   1 
ATOM   30   C CA  . GLU A 1 5   ? -6.270  -6.546  -8.807  1.00 17.57 ? 5   GLU A CA  1 
ATOM   31   C C   . GLU A 1 5   ? -6.253  -7.401  -7.530  1.00 15.28 ? 5   GLU A C   1 
ATOM   32   O O   . GLU A 1 5   ? -6.965  -7.121  -6.563  1.00 14.75 ? 5   GLU A O   1 
ATOM   33   C CB  . GLU A 1 5   ? -5.568  -5.206  -8.579  1.00 18.30 ? 5   GLU A CB  1 
ATOM   34   C CG  . GLU A 1 5   ? -5.633  -4.309  -9.820  1.00 21.62 ? 5   GLU A CG  1 
ATOM   35   C CD  . GLU A 1 5   ? -4.893  -4.919  -11.008 1.00 23.49 ? 5   GLU A CD  1 
ATOM   36   O OE1 . GLU A 1 5   ? -5.304  -4.685  -12.170 1.00 22.80 ? 5   GLU A OE1 1 
ATOM   37   O OE2 . GLU A 1 5   ? -3.887  -5.618  -10.763 1.00 24.76 ? 5   GLU A OE2 1 
ATOM   38   N N   . GLU A 1 6   ? -5.409  -8.430  -7.506  1.00 12.76 ? 6   GLU A N   1 
ATOM   39   C CA  . GLU A 1 6   ? -5.317  -9.306  -6.327  1.00 11.62 ? 6   GLU A CA  1 
ATOM   40   C C   . GLU A 1 6   ? -4.772  -8.576  -5.070  1.00 10.60 ? 6   GLU A C   1 
ATOM   41   O O   . GLU A 1 6   ? -4.952  -9.047  -3.938  1.00 10.82 ? 6   GLU A O   1 
ATOM   42   C CB  . GLU A 1 6   ? -4.494  -10.582 -6.625  1.00 9.19  ? 6   GLU A CB  1 
ATOM   43   C CG  . GLU A 1 6   ? -2.974  -10.434 -6.636  1.00 9.42  ? 6   GLU A CG  1 
ATOM   44   C CD  . GLU A 1 6   ? -2.381  -9.771  -7.906  1.00 8.05  ? 6   GLU A CD  1 
ATOM   45   O OE1 . GLU A 1 6   ? -1.151  -9.550  -7.945  1.00 11.21 ? 6   GLU A OE1 1 
ATOM   46   O OE2 . GLU A 1 6   ? -3.135  -9.464  -8.852  1.00 9.40  ? 6   GLU A OE2 1 
ATOM   47   N N   . TRP A 1 7   ? -4.079  -7.451  -5.270  1.00 10.34 ? 7   TRP A N   1 
ATOM   48   C CA  . TRP A 1 7   ? -3.558  -6.679  -4.131  1.00 10.87 ? 7   TRP A CA  1 
ATOM   49   C C   . TRP A 1 7   ? -4.557  -5.631  -3.676  1.00 11.56 ? 7   TRP A C   1 
ATOM   50   O O   . TRP A 1 7   ? -4.304  -4.919  -2.702  1.00 11.43 ? 7   TRP A O   1 
ATOM   51   C CB  . TRP A 1 7   ? -2.209  -6.010  -4.417  1.00 10.66 ? 7   TRP A CB  1 
ATOM   52   C CG  . TRP A 1 7   ? -2.068  -5.474  -5.788  1.00 9.89  ? 7   TRP A CG  1 
ATOM   53   C CD1 . TRP A 1 7   ? -1.374  -6.036  -6.818  1.00 11.05 ? 7   TRP A CD1 1 
ATOM   54   C CD2 . TRP A 1 7   ? -2.615  -4.246  -6.302  1.00 11.86 ? 7   TRP A CD2 1 
ATOM   55   N NE1 . TRP A 1 7   ? -1.457  -5.255  -7.936  1.00 11.84 ? 7   TRP A NE1 1 
ATOM   56   C CE2 . TRP A 1 7   ? -2.212  -4.146  -7.649  1.00 11.98 ? 7   TRP A CE2 1 
ATOM   57   C CE3 . TRP A 1 7   ? -3.401  -3.222  -5.764  1.00 12.96 ? 7   TRP A CE3 1 
ATOM   58   C CZ2 . TRP A 1 7   ? -2.557  -3.065  -8.462  1.00 13.99 ? 7   TRP A CZ2 1 
ATOM   59   C CZ3 . TRP A 1 7   ? -3.748  -2.134  -6.578  1.00 12.82 ? 7   TRP A CZ3 1 
ATOM   60   C CH2 . TRP A 1 7   ? -3.327  -2.069  -7.907  1.00 14.43 ? 7   TRP A CH2 1 
ATOM   61   N N   . TYR A 1 8   ? -5.683  -5.520  -4.386  1.00 11.05 ? 8   TYR A N   1 
ATOM   62   C CA  . TYR A 1 8   ? -6.701  -4.564  -3.979  1.00 12.40 ? 8   TYR A CA  1 
ATOM   63   C C   . TYR A 1 8   ? -7.673  -5.262  -3.053  1.00 12.74 ? 8   TYR A C   1 
ATOM   64   O O   . TYR A 1 8   ? -8.438  -6.127  -3.505  1.00 13.96 ? 8   TYR A O   1 
ATOM   65   C CB  . TYR A 1 8   ? -7.501  -3.984  -5.146  1.00 12.77 ? 8   TYR A CB  1 
ATOM   66   C CG  . TYR A 1 8   ? -8.406  -2.854  -4.675  1.00 13.59 ? 8   TYR A CG  1 
ATOM   67   C CD1 . TYR A 1 8   ? -7.853  -1.691  -4.125  1.00 11.99 ? 8   TYR A CD1 1 
ATOM   68   C CD2 . TYR A 1 8   ? -9.804  -2.955  -4.737  1.00 14.59 ? 8   TYR A CD2 1 
ATOM   69   C CE1 . TYR A 1 8   ? -8.658  -0.669  -3.656  1.00 14.76 ? 8   TYR A CE1 1 
ATOM   70   C CE2 . TYR A 1 8   ? -10.623 -1.924  -4.268  1.00 13.59 ? 8   TYR A CE2 1 
ATOM   71   C CZ  . TYR A 1 8   ? -10.029 -0.788  -3.730  1.00 14.79 ? 8   TYR A CZ  1 
ATOM   72   O OH  . TYR A 1 8   ? -10.755 0.272   -3.269  1.00 16.03 ? 8   TYR A OH  1 
ATOM   73   N N   . PHE A 1 9   ? -7.657  -4.886  -1.770  1.00 11.96 ? 9   PHE A N   1 
ATOM   74   C CA  . PHE A 1 9   ? -8.538  -5.477  -0.754  1.00 11.97 ? 9   PHE A CA  1 
ATOM   75   C C   . PHE A 1 9   ? -9.846  -4.703  -0.512  1.00 12.85 ? 9   PHE A C   1 
ATOM   76   O O   . PHE A 1 9   ? -10.651 -5.079  0.343   1.00 14.02 ? 9   PHE A O   1 
ATOM   77   C CB  . PHE A 1 9   ? -7.790  -5.669  0.566   1.00 11.71 ? 9   PHE A CB  1 
ATOM   78   C CG  . PHE A 1 9   ? -6.868  -6.882  0.590   1.00 13.57 ? 9   PHE A CG  1 
ATOM   79   C CD1 . PHE A 1 9   ? -5.966  -7.127  -0.448  1.00 14.69 ? 9   PHE A CD1 1 
ATOM   80   C CD2 . PHE A 1 9   ? -6.868  -7.752  1.688   1.00 16.47 ? 9   PHE A CD2 1 
ATOM   81   C CE1 . PHE A 1 9   ? -5.067  -8.215  -0.385  1.00 11.35 ? 9   PHE A CE1 1 
ATOM   82   C CE2 . PHE A 1 9   ? -5.971  -8.839  1.749   1.00 17.83 ? 9   PHE A CE2 1 
ATOM   83   C CZ  . PHE A 1 9   ? -5.067  -9.060  0.714   1.00 12.45 ? 9   PHE A CZ  1 
ATOM   84   N N   . GLY A 1 10  ? -10.015 -3.586  -1.207  1.00 12.16 ? 10  GLY A N   1 
ATOM   85   C CA  . GLY A 1 10  ? -11.239 -2.823  -1.077  1.00 12.70 ? 10  GLY A CA  1 
ATOM   86   C C   . GLY A 1 10  ? -11.537 -2.206  0.268   1.00 12.44 ? 10  GLY A C   1 
ATOM   87   O O   . GLY A 1 10  ? -10.688 -1.617  0.921   1.00 12.21 ? 10  GLY A O   1 
ATOM   88   N N   . LYS A 1 11  ? -12.770 -2.381  0.703   1.00 12.80 ? 11  LYS A N   1 
ATOM   89   C CA  . LYS A 1 11  ? -13.210 -1.786  1.935   1.00 14.07 ? 11  LYS A CA  1 
ATOM   90   C C   . LYS A 1 11  ? -12.900 -2.621  3.176   1.00 13.69 ? 11  LYS A C   1 
ATOM   91   O O   . LYS A 1 11  ? -13.733 -3.418  3.615   1.00 16.00 ? 11  LYS A O   1 
ATOM   92   C CB  . LYS A 1 11  ? -14.713 -1.437  1.836   1.00 15.90 ? 11  LYS A CB  1 
ATOM   93   C CG  . LYS A 1 11  ? -15.252 -0.643  3.017   1.00 20.26 ? 11  LYS A CG  1 
ATOM   94   C CD  . LYS A 1 11  ? -16.770 -0.585  2.980   1.00 24.20 ? 11  LYS A CD  1 
ATOM   95   C CE  . LYS A 1 11  ? -17.305 0.401   3.996   1.00 21.83 ? 11  LYS A CE  1 
ATOM   96   N NZ  . LYS A 1 11  ? -18.732 0.110   4.190   1.00 20.51 ? 11  LYS A NZ  1 
ATOM   97   N N   . ILE A 1 12  ? -11.650 -2.556  3.629   1.00 12.12 ? 12  ILE A N   1 
ATOM   98   C CA  . ILE A 1 12  ? -11.258 -3.224  4.872   1.00 10.81 ? 12  ILE A CA  1 
ATOM   99   C C   . ILE A 1 12  ? -10.691 -2.114  5.750   1.00 10.18 ? 12  ILE A C   1 
ATOM   100  O O   . ILE A 1 12  ? -10.204 -1.114  5.241   1.00 10.30 ? 12  ILE A O   1 
ATOM   101  C CB  . ILE A 1 12  ? -10.252 -4.386  4.704   1.00 11.59 ? 12  ILE A CB  1 
ATOM   102  C CG1 . ILE A 1 12  ? -8.942  -3.905  4.089   1.00 11.07 ? 12  ILE A CG1 1 
ATOM   103  C CG2 . ILE A 1 12  ? -10.893 -5.523  3.873   1.00 13.40 ? 12  ILE A CG2 1 
ATOM   104  C CD1 . ILE A 1 12  ? -7.781  -4.837  4.392   1.00 13.29 ? 12  ILE A CD1 1 
ATOM   105  N N   . THR A 1 13  ? -10.859 -2.244  7.060   1.00 9.00  ? 13  THR A N   1 
ATOM   106  C CA  . THR A 1 13  ? -10.390 -1.214  7.987   1.00 8.89  ? 13  THR A CA  1 
ATOM   107  C C   . THR A 1 13  ? -8.871  -1.210  8.144   1.00 9.06  ? 13  THR A C   1 
ATOM   108  O O   . THR A 1 13  ? -8.184  -2.175  7.786   1.00 9.54  ? 13  THR A O   1 
ATOM   109  C CB  . THR A 1 13  ? -10.987 -1.382  9.410   1.00 8.76  ? 13  THR A CB  1 
ATOM   110  O OG1 . THR A 1 13  ? -10.535 -2.622  9.960   1.00 9.41  ? 13  THR A OG1 1 
ATOM   111  C CG2 . THR A 1 13  ? -12.500 -1.360  9.391   1.00 7.42  ? 13  THR A CG2 1 
ATOM   112  N N   . ARG A 1 14  ? -8.359  -0.152  8.771   1.00 8.46  ? 14  ARG A N   1 
ATOM   113  C CA  . ARG A 1 14  ? -6.943  -0.033  9.050   1.00 8.89  ? 14  ARG A CA  1 
ATOM   114  C C   . ARG A 1 14  ? -6.509  -1.152  9.995   1.00 8.95  ? 14  ARG A C   1 
ATOM   115  O O   . ARG A 1 14  ? -5.480  -1.784  9.775   1.00 9.20  ? 14  ARG A O   1 
ATOM   116  C CB  . ARG A 1 14  ? -6.649  1.320   9.697   1.00 8.68  ? 14  ARG A CB  1 
ATOM   117  C CG  . ARG A 1 14  ? -5.252  1.448   10.189  1.00 9.59  ? 14  ARG A CG  1 
ATOM   118  C CD  . ARG A 1 14  ? -5.088  2.752   10.940  1.00 13.48 ? 14  ARG A CD  1 
ATOM   119  N NE  . ARG A 1 14  ? -3.734  2.894   11.457  1.00 19.15 ? 14  ARG A NE  1 
ATOM   120  C CZ  . ARG A 1 14  ? -3.117  4.062   11.605  1.00 23.62 ? 14  ARG A CZ  1 
ATOM   121  N NH1 . ARG A 1 14  ? -1.877  4.104   12.074  1.00 21.95 ? 14  ARG A NH1 1 
ATOM   122  N NH2 . ARG A 1 14  ? -3.745  5.186   11.274  1.00 27.74 ? 14  ARG A NH2 1 
ATOM   123  N N   . ARG A 1 15  ? -7.311  -1.420  11.029  1.00 9.17  ? 15  ARG A N   1 
ATOM   124  C CA  . ARG A 1 15  ? -6.981  -2.465  12.002  1.00 8.27  ? 15  ARG A CA  1 
ATOM   125  C C   . ARG A 1 15  ? -6.924  -3.841  11.324  1.00 7.65  ? 15  ARG A C   1 
ATOM   126  O O   . ARG A 1 15  ? -6.065  -4.657  11.653  1.00 7.82  ? 15  ARG A O   1 
ATOM   127  C CB  . ARG A 1 15  ? -8.000  -2.480  13.145  1.00 9.57  ? 15  ARG A CB  1 
ATOM   128  C CG  . ARG A 1 15  ? -7.682  -3.576  14.184  1.00 11.17 ? 15  ARG A CG  1 
ATOM   129  C CD  . ARG A 1 15  ? -8.602  -3.510  15.410  1.00 12.53 ? 15  ARG A CD  1 
ATOM   130  N NE  . ARG A 1 15  ? -8.300  -4.601  16.340  1.00 16.80 ? 15  ARG A NE  1 
ATOM   131  C CZ  . ARG A 1 15  ? -7.386  -4.542  17.312  1.00 17.91 ? 15  ARG A CZ  1 
ATOM   132  N NH1 . ARG A 1 15  ? -6.667  -3.444  17.504  1.00 14.50 ? 15  ARG A NH1 1 
ATOM   133  N NH2 . ARG A 1 15  ? -7.193  -5.591  18.104  1.00 22.96 ? 15  ARG A NH2 1 
ATOM   134  N N   . GLU A 1 16  ? -7.851  -4.092  10.396  1.00 8.04  ? 16  GLU A N   1 
ATOM   135  C CA  . GLU A 1 16  ? -7.895  -5.356  9.636   1.00 8.37  ? 16  GLU A CA  1 
ATOM   136  C C   . GLU A 1 16  ? -6.631  -5.471  8.794   1.00 8.43  ? 16  GLU A C   1 
ATOM   137  O O   . GLU A 1 16  ? -5.989  -6.533  8.791   1.00 9.88  ? 16  GLU A O   1 
ATOM   138  C CB  . GLU A 1 16  ? -9.145  -5.460  8.753   1.00 10.27 ? 16  GLU A CB  1 
ATOM   139  C CG  . GLU A 1 16  ? -9.232  -6.726  7.874   1.00 10.41 ? 16  GLU A CG  1 
ATOM   140  C CD  . GLU A 1 16  ? -9.240  -8.070  8.626   1.00 15.81 ? 16  GLU A CD  1 
ATOM   141  O OE1 . GLU A 1 16  ? -9.320  -9.104  7.918   1.00 18.36 ? 16  GLU A OE1 1 
ATOM   142  O OE2 . GLU A 1 16  ? -9.199  -8.126  9.878   1.00 16.08 ? 16  GLU A OE2 1 
ATOM   143  N N   . SER A 1 17  ? -6.237  -4.396  8.111   1.00 8.03  ? 17  SER A N   1 
ATOM   144  C CA  . SER A 1 17  ? -5.004  -4.434  7.322   1.00 7.92  ? 17  SER A CA  1 
ATOM   145  C C   . SER A 1 17  ? -3.791  -4.758  8.229   1.00 7.86  ? 17  SER A C   1 
ATOM   146  O O   . SER A 1 17  ? -2.884  -5.506  7.840   1.00 8.48  ? 17  SER A O   1 
ATOM   147  C CB  . SER A 1 17  ? -4.785  -3.115  6.567   1.00 9.17  ? 17  SER A CB  1 
ATOM   148  O OG  . SER A 1 17  ? -4.374  -2.051  7.409   1.00 8.51  ? 17  SER A OG  1 
ATOM   149  N N   . GLU A 1 18  ? -3.794  -4.218  9.455   1.00 6.68  ? 18  GLU A N   1 
ATOM   150  C CA  . GLU A 1 18  ? -2.711  -4.499  10.375  1.00 8.21  ? 18  GLU A CA  1 
ATOM   151  C C   . GLU A 1 18  ? -2.764  -5.950  10.850  1.00 8.73  ? 18  GLU A C   1 
ATOM   152  O O   . GLU A 1 18  ? -1.725  -6.601  10.970  1.00 10.01 ? 18  GLU A O   1 
ATOM   153  C CB  . GLU A 1 18  ? -2.734  -3.511  11.544  1.00 9.57  ? 18  GLU A CB  1 
ATOM   154  C CG  . GLU A 1 18  ? -2.450  -2.100  11.054  1.00 10.19 ? 18  GLU A CG  1 
ATOM   155  C CD  . GLU A 1 18  ? -2.653  -0.996  12.088  1.00 15.75 ? 18  GLU A CD  1 
ATOM   156  O OE1 . GLU A 1 18  ? -2.188  0.133   11.823  1.00 11.11 ? 18  GLU A OE1 1 
ATOM   157  O OE2 . GLU A 1 18  ? -3.311  -1.224  13.128  1.00 16.33 ? 18  GLU A OE2 1 
ATOM   158  N N   . ARG A 1 19  ? -3.962  -6.481  11.099  1.00 9.18  ? 19  ARG A N   1 
ATOM   159  C CA  . ARG A 1 19  ? -4.088  -7.865  11.540  1.00 9.69  ? 19  ARG A CA  1 
ATOM   160  C C   . ARG A 1 19  ? -3.501  -8.797  10.469  1.00 9.49  ? 19  ARG A C   1 
ATOM   161  O O   . ARG A 1 19  ? -2.747  -9.728  10.778  1.00 10.14 ? 19  ARG A O   1 
ATOM   162  C CB  . ARG A 1 19  ? -5.552  -8.220  11.791  1.00 11.20 ? 19  ARG A CB  1 
ATOM   163  C CG  . ARG A 1 19  ? -5.739  -9.579  12.472  1.00 13.15 ? 19  ARG A CG  1 
ATOM   164  C CD  . ARG A 1 19  ? -7.183  -10.038 12.396  1.00 14.86 ? 19  ARG A CD  1 
ATOM   165  N NE  . ARG A 1 19  ? -7.682  -10.232 11.027  1.00 15.09 ? 19  ARG A NE  1 
ATOM   166  C CZ  . ARG A 1 19  ? -7.474  -11.325 10.287  1.00 15.40 ? 19  ARG A CZ  1 
ATOM   167  N NH1 . ARG A 1 19  ? -6.767  -12.336 10.777  1.00 17.70 ? 19  ARG A NH1 1 
ATOM   168  N NH2 . ARG A 1 19  ? -7.987  -11.406 9.064   1.00 14.64 ? 19  ARG A NH2 1 
ATOM   169  N N   . LEU A 1 20  ? -3.813  -8.528  9.203   1.00 9.52  ? 20  LEU A N   1 
ATOM   170  C CA  . LEU A 1 20  ? -3.323  -9.324  8.064   1.00 9.90  ? 20  LEU A CA  1 
ATOM   171  C C   . LEU A 1 20  ? -1.795  -9.188  7.870   1.00 10.07 ? 20  LEU A C   1 
ATOM   172  O O   . LEU A 1 20  ? -1.080  -10.185 7.643   1.00 10.74 ? 20  LEU A O   1 
ATOM   173  C CB  . LEU A 1 20  ? -4.034  -8.888  6.767   1.00 10.95 ? 20  LEU A CB  1 
ATOM   174  C CG  . LEU A 1 20  ? -5.518  -9.249  6.596   1.00 11.89 ? 20  LEU A CG  1 
ATOM   175  C CD1 . LEU A 1 20  ? -6.153  -8.417  5.484   1.00 11.48 ? 20  LEU A CD1 1 
ATOM   176  C CD2 . LEU A 1 20  ? -5.673  -10.750 6.305   1.00 14.51 ? 20  LEU A CD2 1 
ATOM   177  N N   . LEU A 1 21  ? -1.274  -7.970  8.016   1.00 8.30  ? 21  LEU A N   1 
ATOM   178  C CA  . LEU A 1 21  ? 0.145   -7.748  7.793   1.00 8.40  ? 21  LEU A CA  1 
ATOM   179  C C   . LEU A 1 21  ? 1.069   -8.145  8.948   1.00 9.60  ? 21  LEU A C   1 
ATOM   180  O O   . LEU A 1 21  ? 2.246   -8.414  8.735   1.00 10.68 ? 21  LEU A O   1 
ATOM   181  C CB  . LEU A 1 21  ? 0.372   -6.294  7.359   1.00 7.45  ? 21  LEU A CB  1 
ATOM   182  C CG  . LEU A 1 21  ? -0.245  -5.960  6.003   1.00 5.76  ? 21  LEU A CG  1 
ATOM   183  C CD1 . LEU A 1 21  ? -0.458  -4.474  5.861   1.00 8.82  ? 21  LEU A CD1 1 
ATOM   184  C CD2 . LEU A 1 21  ? 0.639   -6.463  4.877   1.00 8.68  ? 21  LEU A CD2 1 
ATOM   185  N N   . LEU A 1 22  ? 0.547   -8.185  10.175  1.00 10.07 ? 22  LEU A N   1 
ATOM   186  C CA  . LEU A 1 22  ? 1.362   -8.535  11.345  1.00 11.79 ? 22  LEU A CA  1 
ATOM   187  C C   . LEU A 1 22  ? 1.484   -10.028 11.522  1.00 13.25 ? 22  LEU A C   1 
ATOM   188  O O   . LEU A 1 22  ? 1.280   -10.547 12.603  1.00 17.29 ? 22  LEU A O   1 
ATOM   189  C CB  . LEU A 1 22  ? 0.781   -7.922  12.635  1.00 12.83 ? 22  LEU A CB  1 
ATOM   190  C CG  . LEU A 1 22  ? 0.918   -6.406  12.701  1.00 13.47 ? 22  LEU A CG  1 
ATOM   191  C CD1 . LEU A 1 22  ? 0.089   -5.866  13.842  1.00 14.38 ? 22  LEU A CD1 1 
ATOM   192  C CD2 . LEU A 1 22  ? 2.395   -5.985  12.820  1.00 15.52 ? 22  LEU A CD2 1 
ATOM   193  N N   . ASN A 1 23  ? 1.749   -10.734 10.447  1.00 13.56 ? 23  ASN A N   1 
ATOM   194  C CA  . ASN A 1 23  ? 1.895   -12.179 10.544  1.00 13.16 ? 23  ASN A CA  1 
ATOM   195  C C   . ASN A 1 23  ? 3.397   -12.394 10.485  1.00 13.07 ? 23  ASN A C   1 
ATOM   196  O O   . ASN A 1 23  ? 4.059   -11.821 9.621   1.00 12.20 ? 23  ASN A O   1 
ATOM   197  C CB  . ASN A 1 23  ? 1.188   -12.843 9.380   1.00 14.02 ? 23  ASN A CB  1 
ATOM   198  C CG  . ASN A 1 23  ? 1.273   -14.335 9.450   1.00 18.10 ? 23  ASN A CG  1 
ATOM   199  O OD1 . ASN A 1 23  ? 2.367   -14.911 9.466   1.00 15.58 ? 23  ASN A OD1 1 
ATOM   200  N ND2 . ASN A 1 23  ? 0.118   -14.984 9.517   1.00 23.36 ? 23  ASN A ND2 1 
ATOM   201  N N   . ALA A 1 24  ? 3.942   -13.166 11.431  1.00 12.37 ? 24  ALA A N   1 
ATOM   202  C CA  . ALA A 1 24  ? 5.384   -13.420 11.525  1.00 11.64 ? 24  ALA A CA  1 
ATOM   203  C C   . ALA A 1 24  ? 6.026   -13.938 10.244  1.00 11.07 ? 24  ALA A C   1 
ATOM   204  O O   . ALA A 1 24  ? 7.241   -13.821 10.055  1.00 11.64 ? 24  ALA A O   1 
ATOM   205  C CB  . ALA A 1 24  ? 5.670   -14.384 12.679  1.00 11.42 ? 24  ALA A CB  1 
ATOM   206  N N   . GLU A 1 25  ? 5.221   -14.541 9.380   1.00 10.57 ? 25  GLU A N   1 
ATOM   207  C CA  . GLU A 1 25  ? 5.729   -15.073 8.127   1.00 11.21 ? 25  GLU A CA  1 
ATOM   208  C C   . GLU A 1 25  ? 5.871   -14.045 7.033   1.00 10.52 ? 25  GLU A C   1 
ATOM   209  O O   . GLU A 1 25  ? 6.476   -14.328 5.987   1.00 10.86 ? 25  GLU A O   1 
ATOM   210  C CB  . GLU A 1 25  ? 4.849   -16.221 7.646   1.00 12.86 ? 25  GLU A CB  1 
ATOM   211  C CG  . GLU A 1 25  ? 4.929   -17.405 8.586   1.00 15.60 ? 25  GLU A CG  1 
ATOM   212  C CD  . GLU A 1 25  ? 4.077   -18.587 8.154   1.00 21.51 ? 25  GLU A CD  1 
ATOM   213  O OE1 . GLU A 1 25  ? 3.817   -19.457 9.009   1.00 27.83 ? 25  GLU A OE1 1 
ATOM   214  O OE2 . GLU A 1 25  ? 3.661   -18.651 6.977   1.00 24.02 ? 25  GLU A OE2 1 
ATOM   215  N N   . ASN A 1 26  ? 5.290   -12.861 7.222   1.00 9.26  ? 26  ASN A N   1 
ATOM   216  C CA  . ASN A 1 26  ? 5.356   -11.806 6.203   1.00 8.99  ? 26  ASN A CA  1 
ATOM   217  C C   . ASN A 1 26  ? 6.730   -11.113 6.131   1.00 9.11  ? 26  ASN A C   1 
ATOM   218  O O   . ASN A 1 26  ? 7.229   -10.618 7.141   1.00 9.55  ? 26  ASN A O   1 
ATOM   219  C CB  . ASN A 1 26  ? 4.289   -10.737 6.450   1.00 7.46  ? 26  ASN A CB  1 
ATOM   220  C CG  . ASN A 1 26  ? 2.885   -11.214 6.124   1.00 10.55 ? 26  ASN A CG  1 
ATOM   221  O OD1 . ASN A 1 26  ? 2.703   -12.184 5.400   1.00 10.40 ? 26  ASN A OD1 1 
ATOM   222  N ND2 . ASN A 1 26  ? 1.880   -10.520 6.654   1.00 9.90  ? 26  ASN A ND2 1 
ATOM   223  N N   . PRO A 1 27  ? 7.385   -11.145 4.945   1.00 9.25  ? 27  PRO A N   1 
ATOM   224  C CA  . PRO A 1 27  ? 8.697   -10.473 4.852   1.00 9.35  ? 27  PRO A CA  1 
ATOM   225  C C   . PRO A 1 27  ? 8.456   -8.974  4.663   1.00 8.36  ? 27  PRO A C   1 
ATOM   226  O O   . PRO A 1 27  ? 7.314   -8.533  4.392   1.00 8.68  ? 27  PRO A O   1 
ATOM   227  C CB  . PRO A 1 27  ? 9.326   -11.106 3.602   1.00 9.05  ? 27  PRO A CB  1 
ATOM   228  C CG  . PRO A 1 27  ? 8.171   -11.421 2.772   1.00 15.01 ? 27  PRO A CG  1 
ATOM   229  C CD  . PRO A 1 27  ? 7.098   -11.932 3.743   1.00 11.66 ? 27  PRO A CD  1 
ATOM   230  N N   . ARG A 1 28  ? 9.521   -8.193  4.778   1.00 7.70  ? 28  ARG A N   1 
ATOM   231  C CA  . ARG A 1 28  ? 9.414   -6.744  4.594   1.00 7.99  ? 28  ARG A CA  1 
ATOM   232  C C   . ARG A 1 28  ? 8.843   -6.430  3.215   1.00 6.94  ? 28  ARG A C   1 
ATOM   233  O O   . ARG A 1 28  ? 9.208   -7.060  2.223   1.00 8.53  ? 28  ARG A O   1 
ATOM   234  C CB  . ARG A 1 28  ? 10.784  -6.065  4.762   1.00 8.06  ? 28  ARG A CB  1 
ATOM   235  C CG  . ARG A 1 28  ? 11.437  -6.294  6.111   1.00 11.68 ? 28  ARG A CG  1 
ATOM   236  C CD  . ARG A 1 28  ? 12.800  -5.627  6.177   1.00 16.41 ? 28  ARG A CD  1 
ATOM   237  N NE  . ARG A 1 28  ? 12.635  -4.177  6.177   1.00 22.30 ? 28  ARG A NE  1 
ATOM   238  C CZ  . ARG A 1 28  ? 13.529  -3.299  5.717   1.00 25.91 ? 28  ARG A CZ  1 
ATOM   239  N NH1 . ARG A 1 28  ? 14.682  -3.726  5.210   1.00 25.71 ? 28  ARG A NH1 1 
ATOM   240  N NH2 . ARG A 1 28  ? 13.275  -1.988  5.776   1.00 20.97 ? 28  ARG A NH2 1 
ATOM   241  N N   . GLY A 1 29  ? 7.915   -5.480  3.141   1.00 6.09  ? 29  GLY A N   1 
ATOM   242  C CA  . GLY A 1 29  ? 7.349   -5.126  1.856   1.00 6.51  ? 29  GLY A CA  1 
ATOM   243  C C   . GLY A 1 29  ? 6.050   -5.820  1.461   1.00 6.80  ? 29  GLY A C   1 
ATOM   244  O O   . GLY A 1 29  ? 5.531   -5.603  0.363   1.00 8.12  ? 29  GLY A O   1 
ATOM   245  N N   . THR A 1 30  ? 5.559   -6.724  2.304   1.00 7.32  ? 30  THR A N   1 
ATOM   246  C CA  . THR A 1 30  ? 4.275   -7.390  2.066   1.00 6.87  ? 30  THR A CA  1 
ATOM   247  C C   . THR A 1 30  ? 3.259   -6.238  2.099   1.00 6.46  ? 30  THR A C   1 
ATOM   248  O O   . THR A 1 30  ? 3.324   -5.342  2.948   1.00 6.66  ? 30  THR A O   1 
ATOM   249  C CB  . THR A 1 30  ? 3.984   -8.465  3.154   1.00 8.36  ? 30  THR A CB  1 
ATOM   250  O OG1 . THR A 1 30  ? 5.042   -9.445  3.165   1.00 7.51  ? 30  THR A OG1 1 
ATOM   251  C CG2 . THR A 1 30  ? 2.659   -9.133  2.869   1.00 8.69  ? 30  THR A CG2 1 
ATOM   252  N N   . PHE A 1 31  ? 2.343   -6.247  1.152   1.00 6.77  ? 31  PHE A N   1 
ATOM   253  C CA  . PHE A 1 31  ? 1.445   -5.124  1.078   1.00 6.26  ? 31  PHE A CA  1 
ATOM   254  C C   . PHE A 1 31  ? 0.042   -5.424  0.570   1.00 7.32  ? 31  PHE A C   1 
ATOM   255  O O   . PHE A 1 31  ? -0.263  -6.527  0.083   1.00 7.48  ? 31  PHE A O   1 
ATOM   256  C CB  . PHE A 1 31  ? 2.104   -4.097  0.139   1.00 8.07  ? 31  PHE A CB  1 
ATOM   257  C CG  . PHE A 1 31  ? 1.974   -4.447  -1.351  1.00 6.08  ? 31  PHE A CG  1 
ATOM   258  C CD1 . PHE A 1 31  ? 0.965   -3.867  -2.143  1.00 8.65  ? 31  PHE A CD1 1 
ATOM   259  C CD2 . PHE A 1 31  ? 2.812   -5.389  -1.943  1.00 7.07  ? 31  PHE A CD2 1 
ATOM   260  C CE1 . PHE A 1 31  ? 0.785   -4.227  -3.514  1.00 8.24  ? 31  PHE A CE1 1 
ATOM   261  C CE2 . PHE A 1 31  ? 2.644   -5.754  -3.310  1.00 7.61  ? 31  PHE A CE2 1 
ATOM   262  C CZ  . PHE A 1 31  ? 1.630   -5.178  -4.091  1.00 8.08  ? 31  PHE A CZ  1 
ATOM   263  N N   . LEU A 1 32  ? -0.786  -4.380  0.609   1.00 6.98  ? 32  LEU A N   1 
ATOM   264  C CA  . LEU A 1 32  ? -2.147  -4.425  0.100   1.00 6.27  ? 32  LEU A CA  1 
ATOM   265  C C   . LEU A 1 32  ? -2.584  -2.979  -0.091  1.00 7.30  ? 32  LEU A C   1 
ATOM   266  O O   . LEU A 1 32  ? -1.976  -2.061  0.466   1.00 6.84  ? 32  LEU A O   1 
ATOM   267  C CB  . LEU A 1 32  ? -3.092  -5.154  1.076   1.00 6.83  ? 32  LEU A CB  1 
ATOM   268  C CG  . LEU A 1 32  ? -3.315  -4.578  2.483   1.00 7.59  ? 32  LEU A CG  1 
ATOM   269  C CD1 . LEU A 1 32  ? -4.365  -3.469  2.490   1.00 8.30  ? 32  LEU A CD1 1 
ATOM   270  C CD2 . LEU A 1 32  ? -3.804  -5.688  3.370   1.00 9.44  ? 32  LEU A CD2 1 
ATOM   271  N N   . VAL A 1 33  ? -3.603  -2.791  -0.922  1.00 7.61  ? 33  VAL A N   1 
ATOM   272  C CA  . VAL A 1 33  ? -4.197  -1.482  -1.175  1.00 7.71  ? 33  VAL A CA  1 
ATOM   273  C C   . VAL A 1 33  ? -5.664  -1.611  -0.763  1.00 9.17  ? 33  VAL A C   1 
ATOM   274  O O   . VAL A 1 33  ? -6.341  -2.593  -1.083  1.00 9.23  ? 33  VAL A O   1 
ATOM   275  C CB  . VAL A 1 33  ? -4.076  -1.061  -2.654  1.00 8.26  ? 33  VAL A CB  1 
ATOM   276  C CG1 . VAL A 1 33  ? -4.768  0.270   -2.890  1.00 8.78  ? 33  VAL A CG1 1 
ATOM   277  C CG2 . VAL A 1 33  ? -2.598  -0.941  -3.040  1.00 8.80  ? 33  VAL A CG2 1 
ATOM   278  N N   . ARG A 1 34  ? -6.153  -0.640  -0.022  1.00 8.89  ? 34  ARG A N   1 
ATOM   279  C CA  . ARG A 1 34  ? -7.535  -0.636  0.465   1.00 9.53  ? 34  ARG A CA  1 
ATOM   280  C C   . ARG A 1 34  ? -8.096  0.796   0.359   1.00 9.41  ? 34  ARG A C   1 
ATOM   281  O O   . ARG A 1 34  ? -7.399  1.740   -0.053  1.00 9.85  ? 34  ARG A O   1 
ATOM   282  C CB  . ARG A 1 34  ? -7.543  -1.067  1.941   1.00 9.24  ? 34  ARG A CB  1 
ATOM   283  C CG  . ARG A 1 34  ? -6.695  -0.158  2.843   1.00 9.28  ? 34  ARG A CG  1 
ATOM   284  C CD  . ARG A 1 34  ? -6.737  -0.578  4.309   1.00 8.36  ? 34  ARG A CD  1 
ATOM   285  N NE  . ARG A 1 34  ? -5.795  0.165   5.162   1.00 7.65  ? 34  ARG A NE  1 
ATOM   286  C CZ  . ARG A 1 34  ? -6.051  1.340   5.737   1.00 9.01  ? 34  ARG A CZ  1 
ATOM   287  N NH1 . ARG A 1 34  ? -5.133  1.914   6.510   1.00 10.04 ? 34  ARG A NH1 1 
ATOM   288  N NH2 . ARG A 1 34  ? -7.222  1.940   5.540   1.00 9.45  ? 34  ARG A NH2 1 
ATOM   289  N N   . GLU A 1 35  ? -9.378  0.961   0.674   1.00 9.84  ? 35  GLU A N   1 
ATOM   290  C CA  . GLU A 1 35  ? -9.946  2.296   0.695   1.00 10.98 ? 35  GLU A CA  1 
ATOM   291  C C   . GLU A 1 35  ? -9.497  2.966   1.991   1.00 10.78 ? 35  GLU A C   1 
ATOM   292  O O   . GLU A 1 35  ? -9.223  2.300   2.998   1.00 10.31 ? 35  GLU A O   1 
ATOM   293  C CB  . GLU A 1 35  ? -11.466 2.243   0.739   1.00 14.34 ? 35  GLU A CB  1 
ATOM   294  C CG  . GLU A 1 35  ? -12.126 1.818   -0.539  1.00 19.23 ? 35  GLU A CG  1 
ATOM   295  C CD  . GLU A 1 35  ? -13.643 1.814   -0.410  1.00 25.45 ? 35  GLU A CD  1 
ATOM   296  O OE1 . GLU A 1 35  ? -14.308 1.626   -1.443  1.00 28.15 ? 35  GLU A OE1 1 
ATOM   297  O OE2 . GLU A 1 35  ? -14.171 2.009   0.717   1.00 27.02 ? 35  GLU A OE2 1 
ATOM   298  N N   . SER A 1 36  ? -9.387  4.291   1.948   1.00 10.90 ? 36  SER A N   1 
ATOM   299  C CA  . SER A 1 36  ? -9.038  5.074   3.119   1.00 12.04 ? 36  SER A CA  1 
ATOM   300  C C   . SER A 1 36  ? -10.312 5.063   3.979   1.00 12.57 ? 36  SER A C   1 
ATOM   301  O O   . SER A 1 36  ? -11.425 5.111   3.439   1.00 12.83 ? 36  SER A O   1 
ATOM   302  C CB  . SER A 1 36  ? -8.727  6.519   2.687   1.00 12.30 ? 36  SER A CB  1 
ATOM   303  O OG  . SER A 1 36  ? -8.623  7.379   3.803   1.00 14.46 ? 36  SER A OG  1 
ATOM   304  N N   . GLU A 1 37  ? -10.157 4.996   5.302   1.00 13.55 ? 37  GLU A N   1 
ATOM   305  C CA  . GLU A 1 37  ? -11.309 5.000   6.212   1.00 17.12 ? 37  GLU A CA  1 
ATOM   306  C C   . GLU A 1 37  ? -12.006 6.362   6.246   1.00 20.01 ? 37  GLU A C   1 
ATOM   307  O O   . GLU A 1 37  ? -13.255 6.434   6.281   1.00 21.31 ? 37  GLU A O   1 
ATOM   308  C CB  . GLU A 1 37  ? -10.907 4.671   7.658   1.00 14.54 ? 37  GLU A CB  1 
ATOM   309  C CG  . GLU A 1 37  ? -10.598 3.213   7.930   1.00 12.85 ? 37  GLU A CG  1 
ATOM   310  C CD  . GLU A 1 37  ? -10.395 2.922   9.392   1.00 13.63 ? 37  GLU A CD  1 
ATOM   311  O OE1 . GLU A 1 37  ? -10.543 3.823   10.242  1.00 13.47 ? 37  GLU A OE1 1 
ATOM   312  O OE2 . GLU A 1 37  ? -10.085 1.770   9.709   1.00 13.22 ? 37  GLU A OE2 1 
ATOM   313  N N   . THR A 1 38  ? -11.204 7.424   6.238   1.00 21.62 ? 38  THR A N   1 
ATOM   314  C CA  . THR A 1 38  ? -11.740 8.768   6.335   1.00 24.35 ? 38  THR A CA  1 
ATOM   315  C C   . THR A 1 38  ? -11.530 9.735   5.171   1.00 24.65 ? 38  THR A C   1 
ATOM   316  O O   . THR A 1 38  ? -11.991 10.889  5.239   1.00 25.20 ? 38  THR A O   1 
ATOM   317  C CB  . THR A 1 38  ? -11.260 9.427   7.647   1.00 27.45 ? 38  THR A CB  1 
ATOM   318  O OG1 . THR A 1 38  ? -9.838  9.219   7.800   1.00 31.23 ? 38  THR A OG1 1 
ATOM   319  C CG2 . THR A 1 38  ? -12.051 8.841   8.865   1.00 29.22 ? 38  THR A CG2 1 
ATOM   320  N N   . THR A 1 39  ? -10.858 9.314   4.107   1.00 23.53 ? 39  THR A N   1 
ATOM   321  C CA  . THR A 1 39  ? -10.672 10.232  2.972   1.00 22.23 ? 39  THR A CA  1 
ATOM   322  C C   . THR A 1 39  ? -11.399 9.724   1.734   1.00 21.15 ? 39  THR A C   1 
ATOM   323  O O   . THR A 1 39  ? -10.963 8.766   1.089   1.00 19.95 ? 39  THR A O   1 
ATOM   324  C CB  . THR A 1 39  ? -9.182  10.510  2.667   1.00 23.57 ? 39  THR A CB  1 
ATOM   325  O OG1 . THR A 1 39  ? -8.541  10.996  3.861   1.00 23.70 ? 39  THR A OG1 1 
ATOM   326  C CG2 . THR A 1 39  ? -9.060  11.568  1.543   1.00 22.25 ? 39  THR A CG2 1 
ATOM   327  N N   . LYS A 1 40  ? -12.540 10.348  1.425   1.00 21.14 ? 40  LYS A N   1 
ATOM   328  C CA  . LYS A 1 40  ? -13.315 9.922   0.273   1.00 20.92 ? 40  LYS A CA  1 
ATOM   329  C C   . LYS A 1 40  ? -12.455 10.126  -0.945  1.00 20.45 ? 40  LYS A C   1 
ATOM   330  O O   . LYS A 1 40  ? -11.706 11.108  -1.032  1.00 20.68 ? 40  LYS A O   1 
ATOM   331  C CB  . LYS A 1 40  ? -14.622 10.720  0.114   1.00 22.83 ? 40  LYS A CB  1 
ATOM   332  C CG  . LYS A 1 40  ? -15.526 10.170  -0.991  1.00 26.33 ? 40  LYS A CG  1 
ATOM   333  C CD  . LYS A 1 40  ? -16.838 10.947  -1.127  1.00 31.66 ? 40  LYS A CD  1 
ATOM   334  C CE  . LYS A 1 40  ? -17.784 10.251  -2.097  1.00 33.25 ? 40  LYS A CE  1 
ATOM   335  N NZ  . LYS A 1 40  ? -18.019 11.044  -3.333  1.00 38.94 ? 40  LYS A NZ  1 
ATOM   336  N N   . GLY A 1 41  ? -12.511 9.145   -1.834  1.00 20.10 ? 41  GLY A N   1 
ATOM   337  C CA  . GLY A 1 41  ? -11.769 9.218   -3.073  1.00 20.33 ? 41  GLY A CA  1 
ATOM   338  C C   . GLY A 1 41  ? -10.311 8.825   -2.985  1.00 19.80 ? 41  GLY A C   1 
ATOM   339  O O   . GLY A 1 41  ? -9.651  8.745   -4.032  1.00 20.36 ? 41  GLY A O   1 
ATOM   340  N N   . ALA A 1 42  ? -9.817  8.538   -1.778  1.00 17.78 ? 42  ALA A N   1 
ATOM   341  C CA  . ALA A 1 42  ? -8.428  8.165   -1.612  1.00 15.29 ? 42  ALA A CA  1 
ATOM   342  C C   . ALA A 1 42  ? -8.275  6.704   -1.247  1.00 14.34 ? 42  ALA A C   1 
ATOM   343  O O   . ALA A 1 42  ? -9.176  6.111   -0.644  1.00 14.04 ? 42  ALA A O   1 
ATOM   344  C CB  . ALA A 1 42  ? -7.787  9.013   -0.553  1.00 14.17 ? 42  ALA A CB  1 
ATOM   345  N N   . TYR A 1 43  ? -7.131  6.135   -1.621  1.00 12.47 ? 43  TYR A N   1 
ATOM   346  C CA  . TYR A 1 43  ? -6.776  4.746   -1.305  1.00 11.18 ? 43  TYR A CA  1 
ATOM   347  C C   . TYR A 1 43  ? -5.680  4.772   -0.235  1.00 9.40  ? 43  TYR A C   1 
ATOM   348  O O   . TYR A 1 43  ? -5.089  5.815   0.038   1.00 8.99  ? 43  TYR A O   1 
ATOM   349  C CB  . TYR A 1 43  ? -6.259  4.007   -2.537  1.00 11.82 ? 43  TYR A CB  1 
ATOM   350  C CG  . TYR A 1 43  ? -7.265  3.937   -3.654  1.00 15.00 ? 43  TYR A CG  1 
ATOM   351  C CD1 . TYR A 1 43  ? -7.144  4.768   -4.775  1.00 16.61 ? 43  TYR A CD1 1 
ATOM   352  C CD2 . TYR A 1 43  ? -8.343  3.055   -3.588  1.00 17.48 ? 43  TYR A CD2 1 
ATOM   353  C CE1 . TYR A 1 43  ? -8.076  4.721   -5.809  1.00 21.28 ? 43  TYR A CE1 1 
ATOM   354  C CE2 . TYR A 1 43  ? -9.283  2.999   -4.609  1.00 20.78 ? 43  TYR A CE2 1 
ATOM   355  C CZ  . TYR A 1 43  ? -9.145  3.832   -5.721  1.00 24.06 ? 43  TYR A CZ  1 
ATOM   356  O OH  . TYR A 1 43  ? -10.082 3.779   -6.730  1.00 30.61 ? 43  TYR A OH  1 
ATOM   357  N N   . CYS A 1 44  ? -5.382  3.603   0.312   1.00 8.62  ? 44  CYS A N   1 
ATOM   358  C CA  . CYS A 1 44  ? -4.370  3.491   1.341   1.00 8.29  ? 44  CYS A CA  1 
ATOM   359  C C   . CYS A 1 44  ? -3.503  2.290   1.052   1.00 7.93  ? 44  CYS A C   1 
ATOM   360  O O   . CYS A 1 44  ? -4.015  1.204   0.806   1.00 8.24  ? 44  CYS A O   1 
ATOM   361  C CB  . CYS A 1 44  ? -5.050  3.298   2.678   1.00 10.89 ? 44  CYS A CB  1 
ATOM   362  S SG  . CYS A 1 44  ? -3.928  3.700   4.025   1.00 17.99 ? 44  CYS A SG  1 
ATOM   363  N N   . LEU A 1 45  ? -2.199  2.513   1.006   1.00 6.45  ? 45  LEU A N   1 
ATOM   364  C CA  . LEU A 1 45  ? -1.234  1.441   0.762   1.00 7.31  ? 45  LEU A CA  1 
ATOM   365  C C   . LEU A 1 45  ? -0.673  0.998   2.120   1.00 7.76  ? 45  LEU A C   1 
ATOM   366  O O   . LEU A 1 45  ? 0.038   1.750   2.793   1.00 7.10  ? 45  LEU A O   1 
ATOM   367  C CB  . LEU A 1 45  ? -0.127  1.956   -0.161  1.00 7.14  ? 45  LEU A CB  1 
ATOM   368  C CG  . LEU A 1 45  ? 1.118   1.082   -0.374  1.00 8.11  ? 45  LEU A CG  1 
ATOM   369  C CD1 . LEU A 1 45  ? 0.768   -0.233  -1.105  1.00 7.02  ? 45  LEU A CD1 1 
ATOM   370  C CD2 . LEU A 1 45  ? 2.162   1.890   -1.174  1.00 8.21  ? 45  LEU A CD2 1 
ATOM   371  N N   . SER A 1 46  ? -1.033  -0.204  2.555   1.00 6.72  ? 46  SER A N   1 
ATOM   372  C CA  . SER A 1 46  ? -0.570  -0.696  3.849   1.00 7.10  ? 46  SER A CA  1 
ATOM   373  C C   . SER A 1 46  ? 0.582   -1.663  3.613   1.00 6.85  ? 46  SER A C   1 
ATOM   374  O O   . SER A 1 46  ? 0.470   -2.602  2.809   1.00 6.96  ? 46  SER A O   1 
ATOM   375  C CB  . SER A 1 46  ? -1.745  -1.330  4.591   1.00 7.95  ? 46  SER A CB  1 
ATOM   376  O OG  . SER A 1 46  ? -2.761  -0.365  4.767   1.00 6.35  ? 46  SER A OG  1 
ATOM   377  N N   . VAL A 1 47  ? 1.705   -1.430  4.289   1.00 6.50  ? 47  VAL A N   1 
ATOM   378  C CA  . VAL A 1 47  ? 2.926   -2.208  4.042   1.00 7.70  ? 47  VAL A CA  1 
ATOM   379  C C   . VAL A 1 47  ? 3.559   -2.714  5.312   1.00 8.34  ? 47  VAL A C   1 
ATOM   380  O O   . VAL A 1 47  ? 3.620   -1.970  6.306   1.00 8.89  ? 47  VAL A O   1 
ATOM   381  C CB  . VAL A 1 47  ? 4.008   -1.287  3.294   1.00 6.54  ? 47  VAL A CB  1 
ATOM   382  C CG1 . VAL A 1 47  ? 5.253   -2.091  2.880   1.00 7.63  ? 47  VAL A CG1 1 
ATOM   383  C CG2 . VAL A 1 47  ? 3.402   -0.594  2.085   1.00 7.70  ? 47  VAL A CG2 1 
ATOM   384  N N   . SER A 1 48  ? 4.082   -3.948  5.292   1.00 7.20  ? 48  SER A N   1 
ATOM   385  C CA  . SER A 1 48  ? 4.747   -4.493  6.477   1.00 9.21  ? 48  SER A CA  1 
ATOM   386  C C   . SER A 1 48  ? 6.244   -4.135  6.423   1.00 10.26 ? 48  SER A C   1 
ATOM   387  O O   . SER A 1 48  ? 6.829   -3.951  5.331   1.00 9.30  ? 48  SER A O   1 
ATOM   388  C CB  . SER A 1 48  ? 4.582   -6.018  6.594   1.00 8.32  ? 48  SER A CB  1 
ATOM   389  O OG  . SER A 1 48  ? 5.378   -6.680  5.634   1.00 9.49  ? 48  SER A OG  1 
ATOM   390  N N   . ASP A 1 49  ? 6.839   -3.993  7.612   1.00 10.70 ? 49  ASP A N   1 
ATOM   391  C CA  . ASP A 1 49  ? 8.263   -3.695  7.729   1.00 10.55 ? 49  ASP A CA  1 
ATOM   392  C C   . ASP A 1 49  ? 8.792   -4.524  8.901   1.00 10.53 ? 49  ASP A C   1 
ATOM   393  O O   . ASP A 1 49  ? 8.025   -5.144  9.646   1.00 10.00 ? 49  ASP A O   1 
ATOM   394  C CB  . ASP A 1 49  ? 8.495   -2.204  8.029   1.00 12.69 ? 49  ASP A CB  1 
ATOM   395  C CG  . ASP A 1 49  ? 9.928   -1.738  7.706   1.00 14.79 ? 49  ASP A CG  1 
ATOM   396  O OD1 . ASP A 1 49  ? 10.716  -2.503  7.116   1.00 14.05 ? 49  ASP A OD1 1 
ATOM   397  O OD2 . ASP A 1 49  ? 10.255  -0.576  8.011   1.00 14.88 ? 49  ASP A OD2 1 
ATOM   398  N N   . PHE A 1 50  ? 10.106  -4.518  9.053   1.00 10.48 ? 50  PHE A N   1 
ATOM   399  C CA  . PHE A 1 50  ? 10.742  -5.220  10.146  1.00 11.51 ? 50  PHE A CA  1 
ATOM   400  C C   . PHE A 1 50  ? 12.142  -4.669  10.376  1.00 11.70 ? 50  PHE A C   1 
ATOM   401  O O   . PHE A 1 50  ? 12.869  -4.378  9.417   1.00 11.99 ? 50  PHE A O   1 
ATOM   402  C CB  . PHE A 1 50  ? 10.857  -6.727  9.845   1.00 12.38 ? 50  PHE A CB  1 
ATOM   403  C CG  . PHE A 1 50  ? 11.570  -7.519  10.943  1.00 12.19 ? 50  PHE A CG  1 
ATOM   404  C CD1 . PHE A 1 50  ? 12.971  -7.589  10.995  1.00 12.50 ? 50  PHE A CD1 1 
ATOM   405  C CD2 . PHE A 1 50  ? 10.837  -8.124  11.955  1.00 11.69 ? 50  PHE A CD2 1 
ATOM   406  C CE1 . PHE A 1 50  ? 13.618  -8.262  12.068  1.00 13.13 ? 50  PHE A CE1 1 
ATOM   407  C CE2 . PHE A 1 50  ? 11.483  -8.783  13.017  1.00 13.07 ? 50  PHE A CE2 1 
ATOM   408  C CZ  . PHE A 1 50  ? 12.876  -8.849  13.067  1.00 12.03 ? 50  PHE A CZ  1 
ATOM   409  N N   . ASP A 1 51  ? 12.472  -4.448  11.652  1.00 13.03 ? 51  ASP A N   1 
ATOM   410  C CA  . ASP A 1 51  ? 13.816  -4.035  12.068  1.00 13.29 ? 51  ASP A CA  1 
ATOM   411  C C   . ASP A 1 51  ? 13.992  -4.484  13.517  1.00 14.32 ? 51  ASP A C   1 
ATOM   412  O O   . ASP A 1 51  ? 13.010  -4.862  14.176  1.00 13.94 ? 51  ASP A O   1 
ATOM   413  C CB  . ASP A 1 51  ? 14.121  -2.535  11.872  1.00 16.45 ? 51  ASP A CB  1 
ATOM   414  C CG  . ASP A 1 51  ? 13.213  -1.620  12.674  1.00 18.12 ? 51  ASP A CG  1 
ATOM   415  O OD1 . ASP A 1 51  ? 12.870  -0.543  12.159  1.00 21.91 ? 51  ASP A OD1 1 
ATOM   416  O OD2 . ASP A 1 51  ? 12.854  -1.949  13.799  1.00 22.57 ? 51  ASP A OD2 1 
ATOM   417  N N   . ASN A 1 52  ? 15.233  -4.487  14.005  1.00 15.20 ? 52  ASN A N   1 
ATOM   418  C CA  . ASN A 1 52  ? 15.504  -4.936  15.378  1.00 16.99 ? 52  ASN A CA  1 
ATOM   419  C C   . ASN A 1 52  ? 14.947  -4.021  16.458  1.00 18.76 ? 52  ASN A C   1 
ATOM   420  O O   . ASN A 1 52  ? 14.761  -4.462  17.598  1.00 21.03 ? 52  ASN A O   1 
ATOM   421  C CB  . ASN A 1 52  ? 17.010  -5.130  15.620  1.00 18.48 ? 52  ASN A CB  1 
ATOM   422  C CG  . ASN A 1 52  ? 17.594  -6.266  14.806  1.00 21.98 ? 52  ASN A CG  1 
ATOM   423  O OD1 . ASN A 1 52  ? 16.893  -7.209  14.421  1.00 23.98 ? 52  ASN A OD1 1 
ATOM   424  N ND2 . ASN A 1 52  ? 18.892  -6.187  14.551  1.00 21.03 ? 52  ASN A ND2 1 
ATOM   425  N N   . ALA A 1 53  ? 14.702  -2.753  16.114  1.00 18.45 ? 53  ALA A N   1 
ATOM   426  C CA  . ALA A 1 53  ? 14.148  -1.781  17.066  1.00 19.01 ? 53  ALA A CA  1 
ATOM   427  C C   . ALA A 1 53  ? 12.652  -2.011  17.306  1.00 18.93 ? 53  ALA A C   1 
ATOM   428  O O   . ALA A 1 53  ? 12.206  -2.179  18.428  1.00 19.99 ? 53  ALA A O   1 
ATOM   429  C CB  . ALA A 1 53  ? 14.382  -0.336  16.546  1.00 18.80 ? 53  ALA A CB  1 
ATOM   430  N N   . LYS A 1 54  ? 11.886  -1.965  16.225  1.00 17.96 ? 54  LYS A N   1 
ATOM   431  C CA  . LYS A 1 54  ? 10.438  -2.126  16.242  1.00 17.91 ? 54  LYS A CA  1 
ATOM   432  C C   . LYS A 1 54  ? 9.916   -3.543  16.057  1.00 16.92 ? 54  LYS A C   1 
ATOM   433  O O   . LYS A 1 54  ? 8.741   -3.812  16.347  1.00 17.57 ? 54  LYS A O   1 
ATOM   434  C CB  . LYS A 1 54  ? 9.814   -1.273  15.128  1.00 18.85 ? 54  LYS A CB  1 
ATOM   435  C CG  . LYS A 1 54  ? 10.040  0.202   15.250  1.00 21.45 ? 54  LYS A CG  1 
ATOM   436  C CD  . LYS A 1 54  ? 9.131   0.944   14.304  1.00 24.40 ? 54  LYS A CD  1 
ATOM   437  C CE  . LYS A 1 54  ? 9.111   2.420   14.667  1.00 26.74 ? 54  LYS A CE  1 
ATOM   438  N NZ  . LYS A 1 54  ? 8.110   3.179   13.883  1.00 33.23 ? 54  LYS A NZ  1 
ATOM   439  N N   . GLY A 1 55  ? 10.735  -4.419  15.485  1.00 14.73 ? 55  GLY A N   1 
ATOM   440  C CA  . GLY A 1 55  ? 10.252  -5.758  15.208  1.00 13.13 ? 55  GLY A CA  1 
ATOM   441  C C   . GLY A 1 55  ? 9.310   -5.622  14.011  1.00 12.05 ? 55  GLY A C   1 
ATOM   442  O O   . GLY A 1 55  ? 9.429   -4.665  13.225  1.00 9.90  ? 55  GLY A O   1 
ATOM   443  N N   . LEU A 1 56  ? 8.338   -6.532  13.900  1.00 11.30 ? 56  LEU A N   1 
ATOM   444  C CA  . LEU A 1 56  ? 7.382   -6.523  12.773  1.00 12.45 ? 56  LEU A CA  1 
ATOM   445  C C   . LEU A 1 56  ? 6.377   -5.399  12.980  1.00 11.70 ? 56  LEU A C   1 
ATOM   446  O O   . LEU A 1 56  ? 5.769   -5.282  14.048  1.00 12.92 ? 56  LEU A O   1 
ATOM   447  C CB  . LEU A 1 56  ? 6.663   -7.886  12.643  1.00 13.35 ? 56  LEU A CB  1 
ATOM   448  C CG  . LEU A 1 56  ? 5.585   -8.169  11.576  1.00 15.80 ? 56  LEU A CG  1 
ATOM   449  C CD1 . LEU A 1 56  ? 6.137   -8.154  10.183  1.00 13.03 ? 56  LEU A CD1 1 
ATOM   450  C CD2 . LEU A 1 56  ? 4.978   -9.530  11.861  1.00 19.08 ? 56  LEU A CD2 1 
ATOM   451  N N   . ASN A 1 57  ? 6.238   -4.534  11.989  1.00 11.06 ? 57  ASN A N   1 
ATOM   452  C CA  . ASN A 1 57  ? 5.303   -3.437  12.144  1.00 10.52 ? 57  ASN A CA  1 
ATOM   453  C C   . ASN A 1 57  ? 4.701   -3.087  10.784  1.00 10.37 ? 57  ASN A C   1 
ATOM   454  O O   . ASN A 1 57  ? 5.147   -3.605  9.757   1.00 10.65 ? 57  ASN A O   1 
ATOM   455  C CB  . ASN A 1 57  ? 5.998   -2.227  12.796  1.00 10.59 ? 57  ASN A CB  1 
ATOM   456  C CG  . ASN A 1 57  ? 7.128   -1.672  11.944  1.00 13.37 ? 57  ASN A CG  1 
ATOM   457  O OD1 . ASN A 1 57  ? 6.970   -0.649  11.276  1.00 16.01 ? 57  ASN A OD1 1 
ATOM   458  N ND2 . ASN A 1 57  ? 8.253   -2.364  11.928  1.00 12.79 ? 57  ASN A ND2 1 
ATOM   459  N N   . VAL A 1 58  ? 3.696   -2.201  10.803  1.00 9.43  ? 58  VAL A N   1 
ATOM   460  C CA  . VAL A 1 58  ? 2.975   -1.791  9.590   1.00 7.97  ? 58  VAL A CA  1 
ATOM   461  C C   . VAL A 1 58  ? 2.951   -0.268  9.401   1.00 8.81  ? 58  VAL A C   1 
ATOM   462  O O   . VAL A 1 58  ? 2.811   0.484   10.386  1.00 8.36  ? 58  VAL A O   1 
ATOM   463  C CB  . VAL A 1 58  ? 1.499   -2.272  9.667   1.00 7.72  ? 58  VAL A CB  1 
ATOM   464  C CG1 . VAL A 1 58  ? 0.737   -1.926  8.381   1.00 7.78  ? 58  VAL A CG1 1 
ATOM   465  C CG2 . VAL A 1 58  ? 1.456   -3.755  9.938   1.00 9.25  ? 58  VAL A CG2 1 
ATOM   466  N N   . LYS A 1 59  ? 3.079   0.166   8.140   1.00 8.12  ? 59  LYS A N   1 
ATOM   467  C CA  . LYS A 1 59  ? 3.034   1.593   7.767   1.00 8.58  ? 59  LYS A CA  1 
ATOM   468  C C   . LYS A 1 59  ? 1.903   1.746   6.748   1.00 8.61  ? 59  LYS A C   1 
ATOM   469  O O   . LYS A 1 59  ? 1.604   0.815   5.999   1.00 8.66  ? 59  LYS A O   1 
ATOM   470  C CB  . LYS A 1 59  ? 4.336   2.062   7.118   1.00 10.62 ? 59  LYS A CB  1 
ATOM   471  C CG  . LYS A 1 59  ? 5.541   2.131   8.067   1.00 17.83 ? 59  LYS A CG  1 
ATOM   472  C CD  . LYS A 1 59  ? 5.328   3.187   9.168   1.00 27.93 ? 59  LYS A CD  1 
ATOM   473  C CE  . LYS A 1 59  ? 6.525   3.253   10.150  1.00 33.67 ? 59  LYS A CE  1 
ATOM   474  N NZ  . LYS A 1 59  ? 6.219   4.047   11.407  1.00 38.02 ? 59  LYS A NZ  1 
ATOM   475  N N   . HIS A 1 60  ? 1.282   2.934   6.726   1.00 7.55  ? 60  HIS A N   1 
ATOM   476  C CA  . HIS A 1 60  ? 0.191   3.229   5.816   1.00 7.34  ? 60  HIS A CA  1 
ATOM   477  C C   . HIS A 1 60  ? 0.536   4.489   5.062   1.00 7.91  ? 60  HIS A C   1 
ATOM   478  O O   . HIS A 1 60  ? 1.071   5.427   5.657   1.00 8.02  ? 60  HIS A O   1 
ATOM   479  C CB  . HIS A 1 60  ? -1.120  3.438   6.608   1.00 7.07  ? 60  HIS A CB  1 
ATOM   480  C CG  . HIS A 1 60  ? -1.480  2.271   7.483   1.00 7.42  ? 60  HIS A CG  1 
ATOM   481  N ND1 . HIS A 1 60  ? -2.073  1.120   7.005   1.00 6.23  ? 60  HIS A ND1 1 
ATOM   482  C CD2 . HIS A 1 60  ? -1.290  2.070   8.810   1.00 7.81  ? 60  HIS A CD2 1 
ATOM   483  C CE1 . HIS A 1 60  ? -2.225  0.261   7.996   1.00 7.57  ? 60  HIS A CE1 1 
ATOM   484  N NE2 . HIS A 1 60  ? -1.756  0.811   9.098   1.00 9.20  ? 60  HIS A NE2 1 
ATOM   485  N N   . TYR A 1 61  ? 0.264   4.504   3.752   1.00 6.76  ? 61  TYR A N   1 
ATOM   486  C CA  . TYR A 1 61  ? 0.553   5.634   2.859   1.00 7.06  ? 61  TYR A CA  1 
ATOM   487  C C   . TYR A 1 61  ? -0.686  5.970   2.041   1.00 7.99  ? 61  TYR A C   1 
ATOM   488  O O   . TYR A 1 61  ? -1.273  5.104   1.387   1.00 8.59  ? 61  TYR A O   1 
ATOM   489  C CB  . TYR A 1 61  ? 1.692   5.279   1.891   1.00 6.31  ? 61  TYR A CB  1 
ATOM   490  C CG  . TYR A 1 61  ? 2.969   4.835   2.614   1.00 8.01  ? 61  TYR A CG  1 
ATOM   491  C CD1 . TYR A 1 61  ? 3.253   3.474   2.843   1.00 7.12  ? 61  TYR A CD1 1 
ATOM   492  C CD2 . TYR A 1 61  ? 3.861   5.785   3.147   1.00 7.14  ? 61  TYR A CD2 1 
ATOM   493  C CE1 . TYR A 1 61  ? 4.356   3.071   3.579   1.00 6.61  ? 61  TYR A CE1 1 
ATOM   494  C CE2 . TYR A 1 61  ? 4.981   5.383   3.889   1.00 8.15  ? 61  TYR A CE2 1 
ATOM   495  C CZ  . TYR A 1 61  ? 5.221   4.032   4.103   1.00 8.39  ? 61  TYR A CZ  1 
ATOM   496  O OH  . TYR A 1 61  ? 6.317   3.617   4.802   1.00 7.43  ? 61  TYR A OH  1 
ATOM   497  N N   . LYS A 1 62  ? -1.103  7.219   2.092   1.00 7.32  ? 62  LYS A N   1 
ATOM   498  C CA  . LYS A 1 62  ? -2.282  7.617   1.355   1.00 7.71  ? 62  LYS A CA  1 
ATOM   499  C C   . LYS A 1 62  ? -1.972  7.820   -0.122  1.00 8.39  ? 62  LYS A C   1 
ATOM   500  O O   . LYS A 1 62  ? -0.987  8.456   -0.489  1.00 8.96  ? 62  LYS A O   1 
ATOM   501  C CB  . LYS A 1 62  ? -2.867  8.898   1.943   1.00 8.90  ? 62  LYS A CB  1 
ATOM   502  C CG  . LYS A 1 62  ? -4.226  9.239   1.349   1.00 13.98 ? 62  LYS A CG  1 
ATOM   503  C CD  . LYS A 1 62  ? -4.933  10.334  2.145   1.00 19.80 ? 62  LYS A CD  1 
ATOM   504  C CE  . LYS A 1 62  ? -5.323  9.839   3.522   1.00 23.48 ? 62  LYS A CE  1 
ATOM   505  N NZ  . LYS A 1 62  ? -5.859  10.977  4.308   1.00 29.67 ? 62  LYS A NZ  1 
ATOM   506  N N   . ILE A 1 63  ? -2.845  7.275   -0.957  1.00 8.97  ? 63  ILE A N   1 
ATOM   507  C CA  . ILE A 1 63  ? -2.736  7.386   -2.398  1.00 9.69  ? 63  ILE A CA  1 
ATOM   508  C C   . ILE A 1 63  ? -3.879  8.278   -2.864  1.00 11.09 ? 63  ILE A C   1 
ATOM   509  O O   . ILE A 1 63  ? -5.048  7.972   -2.630  1.00 10.30 ? 63  ILE A O   1 
ATOM   510  C CB  . ILE A 1 63  ? -2.881  6.014   -3.096  1.00 9.71  ? 63  ILE A CB  1 
ATOM   511  C CG1 . ILE A 1 63  ? -1.718  5.093   -2.707  1.00 7.58  ? 63  ILE A CG1 1 
ATOM   512  C CG2 . ILE A 1 63  ? -2.982  6.216   -4.617  1.00 10.87 ? 63  ILE A CG2 1 
ATOM   513  C CD1 . ILE A 1 63  ? -1.877  3.654   -3.177  1.00 8.28  ? 63  ILE A CD1 1 
ATOM   514  N N   . ARG A 1 64  ? -3.531  9.402   -3.489  1.00 11.98 ? 64  ARG A N   1 
ATOM   515  C CA  . ARG A 1 64  ? -4.520  10.329  -3.998  1.00 13.93 ? 64  ARG A CA  1 
ATOM   516  C C   . ARG A 1 64  ? -4.734  10.081  -5.479  1.00 14.89 ? 64  ARG A C   1 
ATOM   517  O O   . ARG A 1 64  ? -3.833  9.642   -6.202  1.00 11.68 ? 64  ARG A O   1 
ATOM   518  C CB  . ARG A 1 64  ? -4.081  11.792  -3.790  1.00 17.27 ? 64  ARG A CB  1 
ATOM   519  C CG  . ARG A 1 64  ? -3.762  12.203  -2.350  1.00 23.70 ? 64  ARG A CG  1 
ATOM   520  C CD  . ARG A 1 64  ? -4.866  11.815  -1.353  1.00 35.92 ? 64  ARG A CD  1 
ATOM   521  N NE  . ARG A 1 64  ? -6.247  11.967  -1.848  1.00 45.20 ? 64  ARG A NE  1 
ATOM   522  C CZ  . ARG A 1 64  ? -7.142  12.830  -1.362  1.00 50.23 ? 64  ARG A CZ  1 
ATOM   523  N NH1 . ARG A 1 64  ? -6.807  13.643  -0.357  1.00 51.80 ? 64  ARG A NH1 1 
ATOM   524  N NH2 . ARG A 1 64  ? -8.388  12.849  -1.845  1.00 52.32 ? 64  ARG A NH2 1 
ATOM   525  N N   . LYS A 1 65  ? -5.933  10.423  -5.919  1.00 17.23 ? 65  LYS A N   1 
ATOM   526  C CA  . LYS A 1 65  ? -6.340  10.267  -7.302  1.00 21.89 ? 65  LYS A CA  1 
ATOM   527  C C   . LYS A 1 65  ? -6.990  11.585  -7.732  1.00 24.25 ? 65  LYS A C   1 
ATOM   528  O O   . LYS A 1 65  ? -7.968  12.051  -7.120  1.00 23.85 ? 65  LYS A O   1 
ATOM   529  C CB  . LYS A 1 65  ? -7.310  9.075   -7.412  1.00 25.03 ? 65  LYS A CB  1 
ATOM   530  C CG  . LYS A 1 65  ? -8.249  9.068   -8.602  1.00 30.78 ? 65  LYS A CG  1 
ATOM   531  C CD  . LYS A 1 65  ? -7.521  9.050   -9.947  1.00 38.23 ? 65  LYS A CD  1 
ATOM   532  C CE  . LYS A 1 65  ? -8.536  9.056   -11.116 1.00 44.55 ? 65  LYS A CE  1 
ATOM   533  N NZ  . LYS A 1 65  ? -9.596  7.987   -10.927 1.00 49.58 ? 65  LYS A NZ  1 
ATOM   534  N N   . LEU A 1 66  ? -6.393  12.212  -8.741  1.00 26.53 ? 66  LEU A N   1 
ATOM   535  C CA  . LEU A 1 66  ? -6.871  13.478  -9.291  1.00 30.50 ? 66  LEU A CA  1 
ATOM   536  C C   . LEU A 1 66  ? -7.900  13.272  -10.414 1.00 32.53 ? 66  LEU A C   1 
ATOM   537  O O   . LEU A 1 66  ? -7.782  12.320  -11.194 1.00 32.23 ? 66  LEU A O   1 
ATOM   538  C CB  . LEU A 1 66  ? -5.698  14.233  -9.894  1.00 30.38 ? 66  LEU A CB  1 
ATOM   539  C CG  . LEU A 1 66  ? -4.520  14.514  -8.984  1.00 30.95 ? 66  LEU A CG  1 
ATOM   540  C CD1 . LEU A 1 66  ? -3.369  15.055  -9.810  1.00 29.51 ? 66  LEU A CD1 1 
ATOM   541  C CD2 . LEU A 1 66  ? -4.939  15.495  -7.899  1.00 31.66 ? 66  LEU A CD2 1 
ATOM   542  N N   . ASP A 1 67  ? -8.871  14.190  -10.527 1.00 35.71 ? 67  ASP A N   1 
ATOM   543  C CA  . ASP A 1 67  ? -9.874  14.114  -11.604 1.00 38.55 ? 67  ASP A CA  1 
ATOM   544  C C   . ASP A 1 67  ? -9.147  14.219  -12.939 1.00 39.05 ? 67  ASP A C   1 
ATOM   545  O O   . ASP A 1 67  ? -9.571  13.623  -13.941 1.00 39.92 ? 67  ASP A O   1 
ATOM   546  C CB  . ASP A 1 67  ? -10.933 15.217  -11.477 1.00 43.98 ? 67  ASP A CB  1 
ATOM   547  C CG  . ASP A 1 67  ? -12.028 14.858  -10.478 1.00 52.00 ? 67  ASP A CG  1 
ATOM   548  O OD1 . ASP A 1 67  ? -12.847 13.945  -10.770 1.00 56.87 ? 67  ASP A OD1 1 
ATOM   549  O OD2 . ASP A 1 67  ? -12.059 15.484  -9.392  1.00 57.05 ? 67  ASP A OD2 1 
ATOM   550  N N   . SER A 1 68  ? -8.006  14.915  -12.905 1.00 38.90 ? 68  SER A N   1 
ATOM   551  C CA  . SER A 1 68  ? -7.144  15.083  -14.075 1.00 39.31 ? 68  SER A CA  1 
ATOM   552  C C   . SER A 1 68  ? -6.480  13.746  -14.476 1.00 38.10 ? 68  SER A C   1 
ATOM   553  O O   . SER A 1 68  ? -5.752  13.674  -15.483 1.00 39.67 ? 68  SER A O   1 
ATOM   554  C CB  . SER A 1 68  ? -6.065  16.145  -13.817 1.00 41.75 ? 68  SER A CB  1 
ATOM   555  O OG  . SER A 1 68  ? -5.181  15.754  -12.782 1.00 45.70 ? 68  SER A OG  1 
ATOM   556  N N   . GLY A 1 69  ? -6.605  12.740  -13.607 1.00 35.68 ? 69  GLY A N   1 
ATOM   557  C CA  . GLY A 1 69  ? -6.095  11.418  -13.918 1.00 31.96 ? 69  GLY A CA  1 
ATOM   558  C C   . GLY A 1 69  ? -4.920  10.812  -13.178 1.00 28.91 ? 69  GLY A C   1 
ATOM   559  O O   . GLY A 1 69  ? -4.780  9.587   -13.167 1.00 30.22 ? 69  GLY A O   1 
ATOM   560  N N   . GLY A 1 70  ? -4.084  11.630  -12.562 1.00 26.01 ? 70  GLY A N   1 
ATOM   561  C CA  . GLY A 1 70  ? -2.917  11.072  -11.899 1.00 21.82 ? 70  GLY A CA  1 
ATOM   562  C C   . GLY A 1 70  ? -3.135  10.423  -10.553 1.00 19.21 ? 70  GLY A C   1 
ATOM   563  O O   . GLY A 1 70  ? -4.039  10.815  -9.816  1.00 19.75 ? 70  GLY A O   1 
ATOM   564  N N   . PHE A 1 71  ? -2.345  9.391   -10.267 1.00 15.01 ? 71  PHE A N   1 
ATOM   565  C CA  . PHE A 1 71  ? -2.364  8.686   -8.985  1.00 12.48 ? 71  PHE A CA  1 
ATOM   566  C C   . PHE A 1 71  ? -1.019  8.942   -8.333  1.00 10.30 ? 71  PHE A C   1 
ATOM   567  O O   . PHE A 1 71  ? 0.023   8.863   -9.002  1.00 9.34  ? 71  PHE A O   1 
ATOM   568  C CB  . PHE A 1 71  ? -2.464  7.165   -9.167  1.00 12.39 ? 71  PHE A CB  1 
ATOM   569  C CG  . PHE A 1 71  ? -3.813  6.689   -9.577  1.00 13.60 ? 71  PHE A CG  1 
ATOM   570  C CD1 . PHE A 1 71  ? -4.165  6.673   -10.927 1.00 14.68 ? 71  PHE A CD1 1 
ATOM   571  C CD2 . PHE A 1 71  ? -4.710  6.211   -8.623  1.00 14.04 ? 71  PHE A CD2 1 
ATOM   572  C CE1 . PHE A 1 71  ? -5.401  6.179   -11.330 1.00 16.55 ? 71  PHE A CE1 1 
ATOM   573  C CE2 . PHE A 1 71  ? -5.945  5.715   -9.011  1.00 15.20 ? 71  PHE A CE2 1 
ATOM   574  C CZ  . PHE A 1 71  ? -6.298  5.696   -10.364 1.00 14.11 ? 71  PHE A CZ  1 
ATOM   575  N N   . TYR A 1 72  ? -1.007  9.189   -7.031  1.00 9.06  ? 72  TYR A N   1 
ATOM   576  C CA  . TYR A 1 72  ? 0.268   9.409   -6.340  1.00 8.73  ? 72  TYR A CA  1 
ATOM   577  C C   . TYR A 1 72  ? 0.185   9.373   -4.820  1.00 7.94  ? 72  TYR A C   1 
ATOM   578  O O   . TYR A 1 72  ? -0.902  9.516   -4.234  1.00 8.08  ? 72  TYR A O   1 
ATOM   579  C CB  . TYR A 1 72  ? 0.863   10.775  -6.730  1.00 8.85  ? 72  TYR A CB  1 
ATOM   580  C CG  . TYR A 1 72  ? -0.026  11.949  -6.349  1.00 10.11 ? 72  TYR A CG  1 
ATOM   581  C CD1 . TYR A 1 72  ? 0.062   12.556  -5.084  1.00 12.67 ? 72  TYR A CD1 1 
ATOM   582  C CD2 . TYR A 1 72  ? -0.963  12.431  -7.250  1.00 12.00 ? 72  TYR A CD2 1 
ATOM   583  C CE1 . TYR A 1 72  ? -0.762  13.623  -4.733  1.00 13.78 ? 72  TYR A CE1 1 
ATOM   584  C CE2 . TYR A 1 72  ? -1.786  13.482  -6.915  1.00 18.44 ? 72  TYR A CE2 1 
ATOM   585  C CZ  . TYR A 1 72  ? -1.687  14.074  -5.667  1.00 18.00 ? 72  TYR A CZ  1 
ATOM   586  O OH  . TYR A 1 72  ? -2.563  15.089  -5.369  1.00 23.63 ? 72  TYR A OH  1 
ATOM   587  N N   . ILE A 1 73  ? 1.345   9.138   -4.208  1.00 7.99  ? 73  ILE A N   1 
ATOM   588  C CA  . ILE A 1 73  ? 1.501   9.213   -2.764  1.00 8.47  ? 73  ILE A CA  1 
ATOM   589  C C   . ILE A 1 73  ? 2.066   10.633  -2.565  1.00 8.94  ? 73  ILE A C   1 
ATOM   590  O O   . ILE A 1 73  ? 1.585   11.375  -1.728  1.00 10.01 ? 73  ILE A O   1 
ATOM   591  C CB  . ILE A 1 73  ? 2.476   8.165   -2.191  1.00 8.72  ? 73  ILE A CB  1 
ATOM   592  C CG1 . ILE A 1 73  ? 1.893   6.765   -2.400  1.00 8.92  ? 73  ILE A CG1 1 
ATOM   593  C CG2 . ILE A 1 73  ? 2.698   8.436   -0.684  1.00 9.16  ? 73  ILE A CG2 1 
ATOM   594  C CD1 . ILE A 1 73  ? 2.817   5.636   -2.011  1.00 10.00 ? 73  ILE A CD1 1 
ATOM   595  N N   . THR A 1 74  ? 3.096   10.991  -3.330  1.00 9.22  ? 74  THR A N   1 
ATOM   596  C CA  . THR A 1 74  ? 3.667   12.343  -3.312  1.00 8.69  ? 74  THR A CA  1 
ATOM   597  C C   . THR A 1 74  ? 3.366   12.971  -4.688  1.00 9.62  ? 74  THR A C   1 
ATOM   598  O O   . THR A 1 74  ? 3.548   12.331  -5.739  1.00 9.30  ? 74  THR A O   1 
ATOM   599  C CB  . THR A 1 74  ? 5.187   12.393  -3.026  1.00 8.50  ? 74  THR A CB  1 
ATOM   600  O OG1 . THR A 1 74  ? 5.653   13.735  -3.203  1.00 9.22  ? 74  THR A OG1 1 
ATOM   601  C CG2 . THR A 1 74  ? 5.983   11.403  -3.908  1.00 9.13  ? 74  THR A CG2 1 
ATOM   602  N N   . SER A 1 75  ? 2.898   14.221  -4.689  1.00 9.24  ? 75  SER A N   1 
ATOM   603  C CA  . SER A 1 75  ? 2.517   14.892  -5.922  1.00 9.87  ? 75  SER A CA  1 
ATOM   604  C C   . SER A 1 75  ? 3.663   15.030  -6.911  1.00 10.18 ? 75  SER A C   1 
ATOM   605  O O   . SER A 1 75  ? 3.414   15.234  -8.099  1.00 11.30 ? 75  SER A O   1 
ATOM   606  C CB  . SER A 1 75  ? 1.903   16.275  -5.614  1.00 12.13 ? 75  SER A CB  1 
ATOM   607  O OG  . SER A 1 75  ? 2.901   17.172  -5.155  1.00 10.91 ? 75  SER A OG  1 
ATOM   608  N N   . ARG A 1 76  ? 4.908   14.897  -6.428  1.00 10.70 ? 76  ARG A N   1 
ATOM   609  C CA  . ARG A 1 76  ? 6.098   15.010  -7.300  1.00 12.18 ? 76  ARG A CA  1 
ATOM   610  C C   . ARG A 1 76  ? 6.269   13.785  -8.189  1.00 12.63 ? 76  ARG A C   1 
ATOM   611  O O   . ARG A 1 76  ? 6.875   13.864  -9.274  1.00 13.85 ? 76  ARG A O   1 
ATOM   612  C CB  . ARG A 1 76  ? 7.373   15.146  -6.458  1.00 14.47 ? 76  ARG A CB  1 
ATOM   613  C CG  . ARG A 1 76  ? 7.480   16.430  -5.618  1.00 24.62 ? 76  ARG A CG  1 
ATOM   614  C CD  . ARG A 1 76  ? 7.613   17.718  -6.463  1.00 37.40 ? 76  ARG A CD  1 
ATOM   615  N NE  . ARG A 1 76  ? 8.767   17.744  -7.376  1.00 46.41 ? 76  ARG A NE  1 
ATOM   616  C CZ  . ARG A 1 76  ? 9.974   18.249  -7.085  1.00 51.51 ? 76  ARG A CZ  1 
ATOM   617  N NH1 . ARG A 1 76  ? 10.212  18.782  -5.889  1.00 52.57 ? 76  ARG A NH1 1 
ATOM   618  N NH2 . ARG A 1 76  ? 10.934  18.266  -8.012  1.00 52.32 ? 76  ARG A NH2 1 
ATOM   619  N N   . THR A 1 77  ? 5.657   12.677  -7.777  1.00 11.13 ? 77  THR A N   1 
ATOM   620  C CA  . THR A 1 77  ? 5.794   11.393  -8.451  1.00 10.46 ? 77  THR A CA  1 
ATOM   621  C C   . THR A 1 77  ? 4.426   10.768  -8.715  1.00 10.07 ? 77  THR A C   1 
ATOM   622  O O   . THR A 1 77  ? 3.895   10.021  -7.883  1.00 8.79  ? 77  THR A O   1 
ATOM   623  C CB  . THR A 1 77  ? 6.679   10.485  -7.566  1.00 9.34  ? 77  THR A CB  1 
ATOM   624  O OG1 . THR A 1 77  ? 7.839   11.239  -7.201  1.00 12.58 ? 77  THR A OG1 1 
ATOM   625  C CG2 . THR A 1 77  ? 7.150   9.247   -8.299  1.00 8.55  ? 77  THR A CG2 1 
ATOM   626  N N   . GLN A 1 78  ? 3.895   11.083  -9.896  1.00 9.24  ? 78  GLN A N   1 
ATOM   627  C CA  . GLN A 1 78  ? 2.567   10.632  -10.323 1.00 9.81  ? 78  GLN A CA  1 
ATOM   628  C C   . GLN A 1 78  ? 2.585   9.553   -11.402 1.00 9.48  ? 78  GLN A C   1 
ATOM   629  O O   . GLN A 1 78  ? 3.556   9.443   -12.152 1.00 10.03 ? 78  GLN A O   1 
ATOM   630  C CB  . GLN A 1 78  ? 1.783   11.830  -10.822 1.00 10.31 ? 78  GLN A CB  1 
ATOM   631  C CG  . GLN A 1 78  ? 1.775   12.922  -9.802  1.00 10.87 ? 78  GLN A CG  1 
ATOM   632  C CD  . GLN A 1 78  ? 0.790   14.033  -10.128 1.00 15.42 ? 78  GLN A CD  1 
ATOM   633  O OE1 . GLN A 1 78  ? 0.952   15.153  -9.644  1.00 17.72 ? 78  GLN A OE1 1 
ATOM   634  N NE2 . GLN A 1 78  ? -0.251  13.729  -10.897 1.00 12.55 ? 78  GLN A NE2 1 
ATOM   635  N N   . PHE A 1 79  ? 1.468   8.829   -11.486 1.00 9.19  ? 79  PHE A N   1 
ATOM   636  C CA  . PHE A 1 79  ? 1.290   7.708   -12.435 1.00 9.62  ? 79  PHE A CA  1 
ATOM   637  C C   . PHE A 1 79  ? -0.065  7.748   -13.126 1.00 9.50  ? 79  PHE A C   1 
ATOM   638  O O   . PHE A 1 79  ? -1.025  8.307   -12.587 1.00 10.27 ? 79  PHE A O   1 
ATOM   639  C CB  . PHE A 1 79  ? 1.467   6.381   -11.686 1.00 9.17  ? 79  PHE A CB  1 
ATOM   640  C CG  . PHE A 1 79  ? 2.766   6.293   -10.956 1.00 7.83  ? 79  PHE A CG  1 
ATOM   641  C CD1 . PHE A 1 79  ? 2.864   6.740   -9.629  1.00 8.07  ? 79  PHE A CD1 1 
ATOM   642  C CD2 . PHE A 1 79  ? 3.918   5.871   -11.620 1.00 7.36  ? 79  PHE A CD2 1 
ATOM   643  C CE1 . PHE A 1 79  ? 4.089   6.775   -8.979  1.00 6.72  ? 79  PHE A CE1 1 
ATOM   644  C CE2 . PHE A 1 79  ? 5.156   5.899   -10.981 1.00 8.49  ? 79  PHE A CE2 1 
ATOM   645  C CZ  . PHE A 1 79  ? 5.244   6.354   -9.646  1.00 6.93  ? 79  PHE A CZ  1 
ATOM   646  N N   . ASN A 1 80  ? -0.128  7.159   -14.320 1.00 10.25 ? 80  ASN A N   1 
ATOM   647  C CA  . ASN A 1 80  ? -1.369  7.127   -15.111 1.00 11.33 ? 80  ASN A CA  1 
ATOM   648  C C   . ASN A 1 80  ? -2.397  6.101   -14.563 1.00 12.42 ? 80  ASN A C   1 
ATOM   649  O O   . ASN A 1 80  ? -3.590  6.165   -14.882 1.00 13.89 ? 80  ASN A O   1 
ATOM   650  C CB  . ASN A 1 80  ? -1.052  6.854   -16.600 1.00 11.48 ? 80  ASN A CB  1 
ATOM   651  C CG  . ASN A 1 80  ? -0.196  7.958   -17.221 1.00 15.96 ? 80  ASN A CG  1 
ATOM   652  O OD1 . ASN A 1 80  ? -0.280  9.118   -16.782 1.00 15.37 ? 80  ASN A OD1 1 
ATOM   653  N ND2 . ASN A 1 80  ? 0.658   7.607   -18.212 1.00 15.11 ? 80  ASN A ND2 1 
ATOM   654  N N   . SER A 1 81  ? -1.927  5.189   -13.712 1.00 10.98 ? 81  SER A N   1 
ATOM   655  C CA  . SER A 1 81  ? -2.789  4.174   -13.125 1.00 11.16 ? 81  SER A CA  1 
ATOM   656  C C   . SER A 1 81  ? -2.238  3.721   -11.762 1.00 10.65 ? 81  SER A C   1 
ATOM   657  O O   . SER A 1 81  ? -1.060  3.885   -11.436 1.00 10.72 ? 81  SER A O   1 
ATOM   658  C CB  . SER A 1 81  ? -2.895  2.955   -14.044 1.00 9.65  ? 81  SER A CB  1 
ATOM   659  O OG  . SER A 1 81  ? -1.654  2.282   -14.091 1.00 10.53 ? 81  SER A OG  1 
ATOM   660  N N   . LEU A 1 82  ? -3.133  3.146   -10.970 1.00 11.59 ? 82  LEU A N   1 
ATOM   661  C CA  . LEU A 1 82  ? -2.772  2.612   -9.667  1.00 11.36 ? 82  LEU A CA  1 
ATOM   662  C C   . LEU A 1 82  ? -1.801  1.448   -9.891  1.00 11.33 ? 82  LEU A C   1 
ATOM   663  O O   . LEU A 1 82  ? -0.845  1.256   -9.130  1.00 11.71 ? 82  LEU A O   1 
ATOM   664  C CB  . LEU A 1 82  ? -4.037  2.141   -8.943  1.00 13.12 ? 82  LEU A CB  1 
ATOM   665  C CG  . LEU A 1 82  ? -3.908  1.732   -7.471  1.00 15.39 ? 82  LEU A CG  1 
ATOM   666  C CD1 . LEU A 1 82  ? -3.229  2.817   -6.624  1.00 15.60 ? 82  LEU A CD1 1 
ATOM   667  C CD2 . LEU A 1 82  ? -5.304  1.452   -6.952  1.00 16.52 ? 82  LEU A CD2 1 
ATOM   668  N N   . GLN A 1 83  ? -2.056  0.679   -10.956 1.00 11.42 ? 83  GLN A N   1 
ATOM   669  C CA  . GLN A 1 83  ? -1.218  -0.458  -11.318 1.00 11.63 ? 83  GLN A CA  1 
ATOM   670  C C   . GLN A 1 83  ? 0.223   0.004   -11.560 1.00 10.38 ? 83  GLN A C   1 
ATOM   671  O O   . GLN A 1 83  ? 1.162   -0.616  -11.073 1.00 9.67  ? 83  GLN A O   1 
ATOM   672  C CB  . GLN A 1 83  ? -1.783  -1.146  -12.578 1.00 13.71 ? 83  GLN A CB  1 
ATOM   673  C CG  . GLN A 1 83  ? -3.158  -1.849  -12.358 1.00 17.39 ? 83  GLN A CG  1 
ATOM   674  C CD  . GLN A 1 83  ? -4.420  -0.979  -12.486 1.00 18.52 ? 83  GLN A CD  1 
ATOM   675  O OE1 . GLN A 1 83  ? -5.544  -1.500  -12.459 1.00 22.99 ? 83  GLN A OE1 1 
ATOM   676  N NE2 . GLN A 1 83  ? -4.252  0.300   -12.684 1.00 14.84 ? 83  GLN A NE2 1 
ATOM   677  N N   . GLN A 1 84  ? 0.391   1.116   -12.286 1.00 10.35 ? 84  GLN A N   1 
ATOM   678  C CA  . GLN A 1 84  ? 1.738   1.652   -12.563 1.00 10.11 ? 84  GLN A CA  1 
ATOM   679  C C   . GLN A 1 84  ? 2.413   2.164   -11.285 1.00 8.30  ? 84  GLN A C   1 
ATOM   680  O O   . GLN A 1 84  ? 3.636   2.035   -11.115 1.00 7.75  ? 84  GLN A O   1 
ATOM   681  C CB  . GLN A 1 84  ? 1.675   2.744   -13.638 1.00 10.62 ? 84  GLN A CB  1 
ATOM   682  C CG  . GLN A 1 84  ? 1.462   2.168   -15.025 1.00 16.29 ? 84  GLN A CG  1 
ATOM   683  C CD  . GLN A 1 84  ? 1.040   3.204   -16.049 1.00 19.18 ? 84  GLN A CD  1 
ATOM   684  O OE1 . GLN A 1 84  ? 0.031   3.894   -15.879 1.00 20.32 ? 84  GLN A OE1 1 
ATOM   685  N NE2 . GLN A 1 84  ? 1.792   3.289   -17.136 1.00 18.71 ? 84  GLN A NE2 1 
ATOM   686  N N   . LEU A 1 85  ? 1.609   2.709   -10.368 1.00 8.55  ? 85  LEU A N   1 
ATOM   687  C CA  . LEU A 1 85  ? 2.103   3.207   -9.078  1.00 8.10  ? 85  LEU A CA  1 
ATOM   688  C C   . LEU A 1 85  ? 2.651   2.007   -8.276  1.00 8.18  ? 85  LEU A C   1 
ATOM   689  O O   . LEU A 1 85  ? 3.799   2.010   -7.779  1.00 8.64  ? 85  LEU A O   1 
ATOM   690  C CB  . LEU A 1 85  ? 0.982   3.934   -8.314  1.00 6.93  ? 85  LEU A CB  1 
ATOM   691  C CG  . LEU A 1 85  ? 1.394   4.561   -6.963  1.00 10.07 ? 85  LEU A CG  1 
ATOM   692  C CD1 . LEU A 1 85  ? 0.468   5.719   -6.633  1.00 8.81  ? 85  LEU A CD1 1 
ATOM   693  C CD2 . LEU A 1 85  ? 1.385   3.543   -5.821  1.00 8.00  ? 85  LEU A CD2 1 
ATOM   694  N N   . VAL A 1 86  ? 1.869   0.934   -8.209  1.00 8.14  ? 86  VAL A N   1 
ATOM   695  C CA  . VAL A 1 86  ? 2.308   -0.256  -7.497  1.00 8.68  ? 86  VAL A CA  1 
ATOM   696  C C   . VAL A 1 86  ? 3.571   -0.853  -8.140  1.00 8.13  ? 86  VAL A C   1 
ATOM   697  O O   . VAL A 1 86  ? 4.508   -1.248  -7.437  1.00 9.24  ? 86  VAL A O   1 
ATOM   698  C CB  . VAL A 1 86  ? 1.157   -1.300  -7.422  1.00 9.22  ? 86  VAL A CB  1 
ATOM   699  C CG1 . VAL A 1 86  ? 1.698   -2.664  -6.959  1.00 9.76  ? 86  VAL A CG1 1 
ATOM   700  C CG2 . VAL A 1 86  ? 0.079   -0.784  -6.466  1.00 10.72 ? 86  VAL A CG2 1 
ATOM   701  N N   . ALA A 1 87  ? 3.623   -0.896  -9.468  1.00 8.35  ? 87  ALA A N   1 
ATOM   702  C CA  . ALA A 1 87  ? 4.798   -1.444  -10.153 1.00 9.30  ? 87  ALA A CA  1 
ATOM   703  C C   . ALA A 1 87  ? 6.058   -0.612  -9.838  1.00 9.46  ? 87  ALA A C   1 
ATOM   704  O O   . ALA A 1 87  ? 7.136   -1.159  -9.550  1.00 10.66 ? 87  ALA A O   1 
ATOM   705  C CB  . ALA A 1 87  ? 4.561   -1.509  -11.669 1.00 10.44 ? 87  ALA A CB  1 
ATOM   706  N N   . TYR A 1 88  ? 5.924   0.720   -9.850  1.00 8.58  ? 88  TYR A N   1 
ATOM   707  C CA  . TYR A 1 88  ? 7.060   1.599   -9.551  1.00 8.24  ? 88  TYR A CA  1 
ATOM   708  C C   . TYR A 1 88  ? 7.599   1.352   -8.138  1.00 7.49  ? 88  TYR A C   1 
ATOM   709  O O   . TYR A 1 88  ? 8.815   1.232   -7.926  1.00 7.39  ? 88  TYR A O   1 
ATOM   710  C CB  . TYR A 1 88  ? 6.631   3.075   -9.690  1.00 7.40  ? 88  TYR A CB  1 
ATOM   711  C CG  . TYR A 1 88  ? 7.694   4.066   -9.292  1.00 8.71  ? 88  TYR A CG  1 
ATOM   712  C CD1 . TYR A 1 88  ? 8.635   4.538   -10.234 1.00 10.81 ? 88  TYR A CD1 1 
ATOM   713  C CD2 . TYR A 1 88  ? 7.752   4.567   -7.989  1.00 10.41 ? 88  TYR A CD2 1 
ATOM   714  C CE1 . TYR A 1 88  ? 9.607   5.501   -9.855  1.00 12.64 ? 88  TYR A CE1 1 
ATOM   715  C CE2 . TYR A 1 88  ? 8.700   5.517   -7.607  1.00 11.80 ? 88  TYR A CE2 1 
ATOM   716  C CZ  . TYR A 1 88  ? 9.625   5.984   -8.541  1.00 12.58 ? 88  TYR A CZ  1 
ATOM   717  O OH  . TYR A 1 88  ? 10.521  6.955   -8.142  1.00 14.29 ? 88  TYR A OH  1 
ATOM   718  N N   . TYR A 1 89  ? 6.689   1.325   -7.165  1.00 7.77  ? 89  TYR A N   1 
ATOM   719  C CA  . TYR A 1 89  ? 7.083   1.126   -5.759  1.00 7.73  ? 89  TYR A CA  1 
ATOM   720  C C   . TYR A 1 89  ? 7.554   -0.279  -5.414  1.00 7.85  ? 89  TYR A C   1 
ATOM   721  O O   . TYR A 1 89  ? 8.097   -0.508  -4.342  1.00 7.93  ? 89  TYR A O   1 
ATOM   722  C CB  . TYR A 1 89  ? 6.033   1.671   -4.809  1.00 8.03  ? 89  TYR A CB  1 
ATOM   723  C CG  . TYR A 1 89  ? 6.016   3.197   -4.820  1.00 7.11  ? 89  TYR A CG  1 
ATOM   724  C CD1 . TYR A 1 89  ? 4.946   3.917   -5.385  1.00 6.05  ? 89  TYR A CD1 1 
ATOM   725  C CD2 . TYR A 1 89  ? 7.084   3.925   -4.267  1.00 7.85  ? 89  TYR A CD2 1 
ATOM   726  C CE1 . TYR A 1 89  ? 4.933   5.318   -5.385  1.00 6.70  ? 89  TYR A CE1 1 
ATOM   727  C CE2 . TYR A 1 89  ? 7.075   5.330   -4.264  1.00 6.31  ? 89  TYR A CE2 1 
ATOM   728  C CZ  . TYR A 1 89  ? 5.991   6.001   -4.829  1.00 7.47  ? 89  TYR A CZ  1 
ATOM   729  O OH  . TYR A 1 89  ? 5.961   7.365   -4.819  1.00 7.75  ? 89  TYR A OH  1 
ATOM   730  N N   . SER A 1 90  ? 7.411   -1.197  -6.365  1.00 8.79  ? 90  SER A N   1 
ATOM   731  C CA  . SER A 1 90  ? 7.914   -2.555  -6.206  1.00 9.59  ? 90  SER A CA  1 
ATOM   732  C C   . SER A 1 90  ? 9.390   -2.571  -6.627  1.00 10.80 ? 90  SER A C   1 
ATOM   733  O O   . SER A 1 90  ? 10.096  -3.567  -6.398  1.00 12.14 ? 90  SER A O   1 
ATOM   734  C CB  . SER A 1 90  ? 7.131   -3.518  -7.072  1.00 9.76  ? 90  SER A CB  1 
ATOM   735  O OG  . SER A 1 90  ? 5.823   -3.661  -6.571  1.00 13.04 ? 90  SER A OG  1 
ATOM   736  N N   . LYS A 1 91  ? 9.846   -1.478  -7.247  1.00 10.41 ? 91  LYS A N   1 
ATOM   737  C CA  . LYS A 1 91  ? 11.243  -1.342  -7.684  1.00 12.02 ? 91  LYS A CA  1 
ATOM   738  C C   . LYS A 1 91  ? 12.009  -0.268  -6.903  1.00 12.51 ? 91  LYS A C   1 
ATOM   739  O O   . LYS A 1 91  ? 13.224  -0.306  -6.801  1.00 14.00 ? 91  LYS A O   1 
ATOM   740  C CB  . LYS A 1 91  ? 11.322  -0.962  -9.178  1.00 11.63 ? 91  LYS A CB  1 
ATOM   741  C CG  . LYS A 1 91  ? 10.774  -1.997  -10.139 1.00 19.39 ? 91  LYS A CG  1 
ATOM   742  C CD  . LYS A 1 91  ? 11.610  -3.257  -10.159 1.00 23.57 ? 91  LYS A CD  1 
ATOM   743  C CE  . LYS A 1 91  ? 11.515  -3.957  -11.530 1.00 28.33 ? 91  LYS A CE  1 
ATOM   744  N NZ  . LYS A 1 91  ? 10.175  -3.860  -12.219 1.00 31.55 ? 91  LYS A NZ  1 
ATOM   745  N N   . HIS A 1 92  ? 11.304  0.753   -6.444  1.00 11.33 ? 92  HIS A N   1 
ATOM   746  C CA  . HIS A 1 92  ? 11.929  1.861   -5.707  1.00 11.20 ? 92  HIS A CA  1 
ATOM   747  C C   . HIS A 1 92  ? 11.360  1.977   -4.306  1.00 9.85  ? 92  HIS A C   1 
ATOM   748  O O   . HIS A 1 92  ? 10.137  2.048   -4.149  1.00 11.52 ? 92  HIS A O   1 
ATOM   749  C CB  . HIS A 1 92  ? 11.632  3.186   -6.411  1.00 11.97 ? 92  HIS A CB  1 
ATOM   750  C CG  . HIS A 1 92  ? 11.978  3.180   -7.865  1.00 14.45 ? 92  HIS A CG  1 
ATOM   751  N ND1 . HIS A 1 92  ? 13.157  3.709   -8.342  1.00 17.16 ? 92  HIS A ND1 1 
ATOM   752  C CD2 . HIS A 1 92  ? 11.331  2.664   -8.940  1.00 14.41 ? 92  HIS A CD2 1 
ATOM   753  C CE1 . HIS A 1 92  ? 13.227  3.516   -9.647  1.00 15.57 ? 92  HIS A CE1 1 
ATOM   754  N NE2 . HIS A 1 92  ? 12.132  2.882   -10.036 1.00 17.01 ? 92  HIS A NE2 1 
ATOM   755  N N   . ALA A 1 93  ? 12.215  2.024   -3.299  1.00 10.31 ? 93  ALA A N   1 
ATOM   756  C CA  . ALA A 1 93  ? 11.727  2.195   -1.922  1.00 9.79  ? 93  ALA A CA  1 
ATOM   757  C C   . ALA A 1 93  ? 11.354  3.688   -1.776  1.00 9.68  ? 93  ALA A C   1 
ATOM   758  O O   . ALA A 1 93  ? 10.295  4.026   -1.257  1.00 9.95  ? 93  ALA A O   1 
ATOM   759  C CB  . ALA A 1 93  ? 12.817  1.809   -0.898  1.00 9.00  ? 93  ALA A CB  1 
ATOM   760  N N   . ASP A 1 94  ? 12.193  4.581   -2.333  1.00 9.38  ? 94  ASP A N   1 
ATOM   761  C CA  . ASP A 1 94  ? 11.953  6.021   -2.218  1.00 8.92  ? 94  ASP A CA  1 
ATOM   762  C C   . ASP A 1 94  ? 11.707  6.363   -0.738  1.00 8.07  ? 94  ASP A C   1 
ATOM   763  O O   . ASP A 1 94  ? 12.537  6.047   0.100   1.00 9.20  ? 94  ASP A O   1 
ATOM   764  C CB  . ASP A 1 94  ? 10.798  6.499   -3.139  1.00 9.46  ? 94  ASP A CB  1 
ATOM   765  C CG  . ASP A 1 94  ? 11.243  6.645   -4.614  1.00 7.72  ? 94  ASP A CG  1 
ATOM   766  O OD1 . ASP A 1 94  ? 12.375  6.250   -4.932  1.00 12.29 ? 94  ASP A OD1 1 
ATOM   767  O OD2 . ASP A 1 94  ? 10.471  7.146   -5.447  1.00 8.25  ? 94  ASP A OD2 1 
ATOM   768  N N   . GLY A 1 95  ? 10.569  6.949   -0.415  1.00 9.21  ? 95  GLY A N   1 
ATOM   769  C CA  . GLY A 1 95  ? 10.301  7.292   0.981   1.00 8.68  ? 95  GLY A CA  1 
ATOM   770  C C   . GLY A 1 95  ? 9.530   6.229   1.751   1.00 9.69  ? 95  GLY A C   1 
ATOM   771  O O   . GLY A 1 95  ? 9.208   6.432   2.937   1.00 10.36 ? 95  GLY A O   1 
ATOM   772  N N   . LEU A 1 96  ? 9.217   5.100   1.099   1.00 9.42  ? 96  LEU A N   1 
ATOM   773  C CA  . LEU A 1 96  ? 8.451   4.028   1.763   1.00 8.88  ? 96  LEU A CA  1 
ATOM   774  C C   . LEU A 1 96  ? 9.328   3.235   2.704   1.00 7.47  ? 96  LEU A C   1 
ATOM   775  O O   . LEU A 1 96  ? 10.541  3.231   2.568   1.00 7.80  ? 96  LEU A O   1 
ATOM   776  C CB  . LEU A 1 96  ? 7.822   3.073   0.745   1.00 7.71  ? 96  LEU A CB  1 
ATOM   777  C CG  . LEU A 1 96  ? 6.874   3.656   -0.301  1.00 7.30  ? 96  LEU A CG  1 
ATOM   778  C CD1 . LEU A 1 96  ? 6.282   2.463   -1.078  1.00 11.25 ? 96  LEU A CD1 1 
ATOM   779  C CD2 . LEU A 1 96  ? 5.778   4.545   0.286   1.00 10.90 ? 96  LEU A CD2 1 
ATOM   780  N N   . CYS A 1 97  ? 8.702   2.486   3.609   1.00 7.73  ? 97  CYS A N   1 
ATOM   781  C CA  . CYS A 1 97  ? 9.489   1.701   4.574   1.00 7.75  ? 97  CYS A CA  1 
ATOM   782  C C   . CYS A 1 97  ? 10.271  0.573   3.894   1.00 7.51  ? 97  CYS A C   1 
ATOM   783  O O   . CYS A 1 97  ? 11.319  0.126   4.389   1.00 8.02  ? 97  CYS A O   1 
ATOM   784  C CB  . CYS A 1 97  ? 8.578   1.169   5.692   1.00 9.25  ? 97  CYS A CB  1 
ATOM   785  S SG  . CYS A 1 97  ? 7.178   0.181   5.100   1.00 10.03 ? 97  CYS A SG  1 
ATOM   786  N N   . HIS A 1 98  ? 9.815   0.172   2.719   1.00 8.56  ? 98  HIS A N   1 
ATOM   787  C CA  . HIS A 1 98  ? 10.453  -0.892  1.963   1.00 8.17  ? 98  HIS A CA  1 
ATOM   788  C C   . HIS A 1 98  ? 9.802   -0.922  0.586   1.00 8.13  ? 98  HIS A C   1 
ATOM   789  O O   . HIS A 1 98  ? 8.671   -0.428  0.410   1.00 8.78  ? 98  HIS A O   1 
ATOM   790  C CB  . HIS A 1 98  ? 10.215  -2.232  2.666   1.00 8.13  ? 98  HIS A CB  1 
ATOM   791  C CG  . HIS A 1 98  ? 11.125  -3.325  2.207   1.00 7.84  ? 98  HIS A CG  1 
ATOM   792  N ND1 . HIS A 1 98  ? 10.846  -4.137  1.127   1.00 8.49  ? 98  HIS A ND1 1 
ATOM   793  C CD2 . HIS A 1 98  ? 12.330  -3.714  2.664   1.00 9.39  ? 98  HIS A CD2 1 
ATOM   794  C CE1 . HIS A 1 98  ? 11.846  -4.976  0.942   1.00 9.89  ? 98  HIS A CE1 1 
ATOM   795  N NE2 . HIS A 1 98  ? 12.763  -4.738  1.862   1.00 9.03  ? 98  HIS A NE2 1 
ATOM   796  N N   . ARG A 1 99  ? 10.498  -1.459  -0.408  1.00 8.08  ? 99  ARG A N   1 
ATOM   797  C CA  . ARG A 1 99  ? 9.879   -1.571  -1.720  1.00 7.95  ? 99  ARG A CA  1 
ATOM   798  C C   . ARG A 1 99  ? 8.788   -2.644  -1.536  1.00 7.44  ? 99  ARG A C   1 
ATOM   799  O O   . ARG A 1 99  ? 8.852   -3.481  -0.605  1.00 8.02  ? 99  ARG A O   1 
ATOM   800  C CB  . ARG A 1 99  ? 10.893  -1.995  -2.807  1.00 8.98  ? 99  ARG A CB  1 
ATOM   801  C CG  . ARG A 1 99  ? 11.253  -3.461  -2.800  1.00 13.06 ? 99  ARG A CG  1 
ATOM   802  C CD  . ARG A 1 99  ? 12.167  -3.878  -3.958  1.00 13.67 ? 99  ARG A CD  1 
ATOM   803  N NE  . ARG A 1 99  ? 12.441  -5.306  -3.825  1.00 14.22 ? 99  ARG A NE  1 
ATOM   804  C CZ  . ARG A 1 99  ? 11.738  -6.266  -4.410  1.00 14.13 ? 99  ARG A CZ  1 
ATOM   805  N NH1 . ARG A 1 99  ? 10.708  -5.977  -5.209  1.00 11.63 ? 99  ARG A NH1 1 
ATOM   806  N NH2 . ARG A 1 99  ? 12.020  -7.531  -4.117  1.00 13.76 ? 99  ARG A NH2 1 
ATOM   807  N N   . LEU A 1 100 ? 7.758   -2.577  -2.365  1.00 8.41  ? 100 LEU A N   1 
ATOM   808  C CA  . LEU A 1 100 ? 6.653   -3.540  -2.316  1.00 8.70  ? 100 LEU A CA  1 
ATOM   809  C C   . LEU A 1 100 ? 7.172   -4.874  -2.840  1.00 9.50  ? 100 LEU A C   1 
ATOM   810  O O   . LEU A 1 100 ? 7.786   -4.959  -3.928  1.00 10.01 ? 100 LEU A O   1 
ATOM   811  C CB  . LEU A 1 100 ? 5.464   -3.052  -3.147  1.00 7.17  ? 100 LEU A CB  1 
ATOM   812  C CG  . LEU A 1 100 ? 4.980   -1.644  -2.754  1.00 6.30  ? 100 LEU A CG  1 
ATOM   813  C CD1 . LEU A 1 100 ? 3.767   -1.258  -3.603  1.00 7.61  ? 100 LEU A CD1 1 
ATOM   814  C CD2 . LEU A 1 100 ? 4.683   -1.565  -1.231  1.00 4.54  ? 100 LEU A CD2 1 
ATOM   815  N N   . THR A 1 101 ? 6.963   -5.923  -2.057  1.00 8.98  ? 101 THR A N   1 
ATOM   816  C CA  . THR A 1 101 ? 7.416   -7.231  -2.463  1.00 10.03 ? 101 THR A CA  1 
ATOM   817  C C   . THR A 1 101 ? 6.288   -8.186  -2.869  1.00 12.08 ? 101 THR A C   1 
ATOM   818  O O   . THR A 1 101 ? 5.935   -8.306  -4.059  1.00 14.15 ? 101 THR A O   1 
ATOM   819  C CB  . THR A 1 101 ? 8.325   -7.848  -1.376  1.00 10.17 ? 101 THR A CB  1 
ATOM   820  O OG1 . THR A 1 101 ? 7.620   -7.903  -0.131  1.00 8.78  ? 101 THR A OG1 1 
ATOM   821  C CG2 . THR A 1 101 ? 9.614   -6.998  -1.210  1.00 9.35  ? 101 THR A CG2 1 
ATOM   822  N N   . THR A 1 102 ? 5.618   -8.735  -1.874  1.00 11.96 ? 102 THR A N   1 
ATOM   823  C CA  . THR A 1 102 ? 4.567   -9.711  -2.093  1.00 12.31 ? 102 THR A CA  1 
ATOM   824  C C   . THR A 1 102 ? 3.188   -9.245  -1.599  1.00 10.54 ? 102 THR A C   1 
ATOM   825  O O   . THR A 1 102 ? 3.069   -8.474  -0.639  1.00 8.73  ? 102 THR A O   1 
ATOM   826  C CB  . THR A 1 102 ? 4.996   -11.061 -1.402  1.00 16.91 ? 102 THR A CB  1 
ATOM   827  O OG1 . THR A 1 102 ? 3.885   -11.968 -1.335  1.00 28.78 ? 102 THR A OG1 1 
ATOM   828  C CG2 . THR A 1 102 ? 5.578   -10.806 -0.002  1.00 21.72 ? 102 THR A CG2 1 
ATOM   829  N N   . VAL A 1 103 ? 2.145   -9.735  -2.257  1.00 10.30 ? 103 VAL A N   1 
ATOM   830  C CA  . VAL A 1 103 ? 0.779   -9.377  -1.873  1.00 10.54 ? 103 VAL A CA  1 
ATOM   831  C C   . VAL A 1 103 ? 0.447   -10.085 -0.547  1.00 10.37 ? 103 VAL A C   1 
ATOM   832  O O   . VAL A 1 103 ? 0.764   -11.281 -0.366  1.00 9.46  ? 103 VAL A O   1 
ATOM   833  C CB  . VAL A 1 103 ? -0.244  -9.742  -2.985  1.00 10.52 ? 103 VAL A CB  1 
ATOM   834  C CG1 . VAL A 1 103 ? -1.679  -9.399  -2.533  1.00 10.65 ? 103 VAL A CG1 1 
ATOM   835  C CG2 . VAL A 1 103 ? 0.110   -8.980  -4.268  1.00 13.26 ? 103 VAL A CG2 1 
ATOM   836  N N   . CYS A 1 104 ? -0.138  -9.338  0.390   1.00 9.46  ? 104 CYS A N   1 
ATOM   837  C CA  . CYS A 1 104 ? -0.506  -9.885  1.698   1.00 9.71  ? 104 CYS A CA  1 
ATOM   838  C C   . CYS A 1 104 ? -1.433  -11.081 1.604   1.00 9.88  ? 104 CYS A C   1 
ATOM   839  O O   . CYS A 1 104 ? -2.454  -11.032 0.923   1.00 10.14 ? 104 CYS A O   1 
ATOM   840  C CB  . CYS A 1 104 ? -1.220  -8.849  2.545   1.00 8.07  ? 104 CYS A CB  1 
ATOM   841  S SG  . CYS A 1 104 ? -1.327  -9.366  4.260   1.00 11.18 ? 104 CYS A SG  1 
ATOM   842  N N   . PRO A 1 105 ? -1.052  -12.181 2.258   1.00 11.40 ? 105 PRO A N   1 
ATOM   843  C CA  . PRO A 1 105 ? -1.939  -13.352 2.204   1.00 14.70 ? 105 PRO A CA  1 
ATOM   844  C C   . PRO A 1 105 ? -3.172  -13.026 3.033   1.00 16.36 ? 105 PRO A C   1 
ATOM   845  O O   . PRO A 1 105 ? -3.115  -12.211 3.968   1.00 15.68 ? 105 PRO A O   1 
ATOM   846  C CB  . PRO A 1 105 ? -1.134  -14.417 2.963   1.00 15.72 ? 105 PRO A CB  1 
ATOM   847  C CG  . PRO A 1 105 ? 0.299   -13.987 2.832   1.00 15.95 ? 105 PRO A CG  1 
ATOM   848  C CD  . PRO A 1 105 ? 0.210   -12.480 2.945   1.00 12.63 ? 105 PRO A CD  1 
ATOM   849  N N   . THR A 1 106 ? -4.279  -13.687 2.727   1.00 18.58 ? 106 THR A N   1 
ATOM   850  C CA  . THR A 1 106 ? -5.510  -13.534 3.515   1.00 21.26 ? 106 THR A CA  1 
ATOM   851  C C   . THR A 1 106 ? -5.544  -14.683 4.562   1.00 22.22 ? 106 THR A C   1 
ATOM   852  O O   . THR A 1 106 ? -4.719  -15.632 4.458   1.00 21.49 ? 106 THR A O   1 
ATOM   853  C CB  . THR A 1 106 ? -6.774  -13.637 2.641   1.00 23.78 ? 106 THR A CB  1 
ATOM   854  O OG1 . THR A 1 106 ? -6.783  -14.911 1.967   1.00 26.68 ? 106 THR A OG1 1 
ATOM   855  C CG2 . THR A 1 106 ? -6.794  -12.507 1.608   1.00 26.53 ? 106 THR A CG2 1 
HETATM 856  C C1  . PSN B 2 .   ? -2.205  6.864   7.992   1.00 20.15 ? 300 PSN A C1  1 
HETATM 857  C C2  . PSN B 2 .   ? -1.603  7.123   6.724   1.00 16.20 ? 300 PSN A C2  1 
HETATM 858  C C3  . PSN B 2 .   ? -2.238  6.646   5.533   1.00 17.96 ? 300 PSN A C3  1 
HETATM 859  C C4  . PSN B 2 .   ? -3.483  5.931   5.557   1.00 16.79 ? 300 PSN A C4  1 
HETATM 860  C C5  . PSN B 2 .   ? -4.049  5.661   6.836   1.00 17.57 ? 300 PSN A C5  1 
HETATM 861  C C6  . PSN B 2 .   ? -3.408  6.089   8.071   1.00 16.81 ? 300 PSN A C6  1 
HETATM 862  C C7  . PSN B 2 .   ? -4.114  5.501   4.254   1.00 16.65 ? 300 PSN A C7  1 
HETATM 863  O O8  . PSN B 2 .   ? -5.257  4.884   6.829   1.00 20.99 ? 300 PSN A O8  1 
HETATM 864  P P9  . PSN B 2 .   ? -6.688  5.605   6.825   1.00 20.13 ? 300 PSN A P9  1 
HETATM 865  O O10 . PSN B 2 .   ? -7.167  6.105   8.192   1.00 33.05 ? 300 PSN A O10 1 
HETATM 866  O O11 . PSN B 2 .   ? -7.698  4.456   6.539   1.00 16.31 ? 300 PSN A O11 1 
HETATM 867  C C12 . PSN B 2 .   ? -6.338  6.700   9.261   0.00 48.07 ? 300 PSN A C12 1 
HETATM 868  C C13 . PSN B 2 .   ? -5.725  8.128   8.959   0.00 55.36 ? 300 PSN A C13 1 
HETATM 869  C C16 . PSN B 2 .   ? -5.028  8.801   10.047  0.00 57.38 ? 300 PSN A C16 1 
HETATM 870  C C17 . PSN B 2 .   ? -4.557  10.130  9.809   0.00 60.23 ? 300 PSN A C17 1 
HETATM 871  C C18 . PSN B 2 .   ? -4.765  10.771  8.512   0.00 61.30 ? 300 PSN A C18 1 
HETATM 872  C C19 . PSN B 2 .   ? -5.323  10.040  7.401   0.00 60.17 ? 300 PSN A C19 1 
HETATM 873  C C20 . PSN B 2 .   ? -5.828  8.726   7.629   0.00 57.72 ? 300 PSN A C20 1 
HETATM 874  O O32 . PSN B 2 .   ? -6.839  6.675   5.730   1.00 19.70 ? 300 PSN A O32 1 
HETATM 875  O O25 . PSN B 2 .   ? -5.163  6.078   3.628   1.00 19.05 ? 300 PSN A O25 1 
HETATM 876  O O   . HOH C 3 .   ? 11.496  -8.641  1.719   1.00 11.05 ? 301 HOH A O   1 
HETATM 877  O O   . HOH C 3 .   ? 12.538  0.983   6.851   1.00 22.10 ? 302 HOH A O   1 
HETATM 878  O O   . HOH C 3 .   ? 8.435   8.530   -4.339  1.00 8.91  ? 303 HOH A O   1 
HETATM 879  O O   . HOH C 3 .   ? -12.281 -4.619  7.897   1.00 12.31 ? 304 HOH A O   1 
HETATM 880  O O   . HOH C 3 .   ? 7.587   -7.294  7.334   1.00 12.24 ? 305 HOH A O   1 
HETATM 881  O O   . HOH C 3 .   ? 8.960   -9.728  8.933   1.00 14.56 ? 306 HOH A O   1 
HETATM 882  O O   . HOH C 3 .   ? -0.579  -7.740  -9.953  1.00 16.17 ? 307 HOH A O   1 
HETATM 883  O O   . HOH C 3 .   ? -8.534  4.000   12.136  1.00 19.75 ? 308 HOH A O   1 
HETATM 884  O O   . HOH C 3 .   ? -0.408  10.953  0.007   1.00 12.60 ? 309 HOH A O   1 
HETATM 885  O O   . HOH C 3 .   ? -11.504 6.144   11.353  1.00 11.71 ? 310 HOH A O   1 
HETATM 886  O O   . HOH C 3 .   ? 9.558   11.509  -9.592  1.00 15.74 ? 311 HOH A O   1 
HETATM 887  O O   . HOH C 3 .   ? 10.451  9.029   -10.013 1.00 17.02 ? 312 HOH A O   1 
HETATM 888  O O   . HOH C 3 .   ? 7.660   -3.453  -10.797 1.00 18.29 ? 313 HOH A O   1 
HETATM 889  O O   . HOH C 3 .   ? 9.467   11.061  -5.099  1.00 10.17 ? 314 HOH A O   1 
HETATM 890  O O   . HOH C 3 .   ? 10.686  5.423   5.334   1.00 16.65 ? 315 HOH A O   1 
HETATM 891  O O   . HOH C 3 .   ? -1.863  -10.534 13.394  1.00 26.23 ? 316 HOH A O   1 
HETATM 892  O O   . HOH C 3 .   ? 4.701   -6.346  -6.723  1.00 32.01 ? 317 HOH A O   1 
HETATM 893  O O   . HOH C 3 .   ? 2.555   -1.777  13.484  1.00 15.61 ? 318 HOH A O   1 
HETATM 894  O O   . HOH C 3 .   ? -3.692  -2.992  15.083  1.00 25.83 ? 319 HOH A O   1 
HETATM 895  O O   . HOH C 3 .   ? -4.446  -5.358  14.229  1.00 21.85 ? 320 HOH A O   1 
HETATM 896  O O   . HOH C 3 .   ? -10.863 1.431   5.249   1.00 32.11 ? 321 HOH A O   1 
HETATM 897  O O   . HOH C 3 .   ? 7.791   -6.683  -6.092  1.00 45.20 ? 322 HOH A O   1 
HETATM 898  O O   . HOH C 3 .   ? 4.780   0.132   -15.099 1.00 21.75 ? 323 HOH A O   1 
HETATM 899  O O   . HOH C 3 .   ? -13.366 1.195   4.811   1.00 28.56 ? 324 HOH A O   1 
HETATM 900  O O   . HOH C 3 .   ? -13.668 3.222   3.203   1.00 25.60 ? 325 HOH A O   1 
HETATM 901  O O   . HOH C 3 .   ? 12.728  -0.788  9.212   1.00 36.87 ? 326 HOH A O   1 
HETATM 902  O O   . HOH C 3 .   ? -1.358  1.919   13.725  1.00 47.47 ? 327 HOH A O   1 
HETATM 903  O O   . HOH C 3 .   ? 0.321   -11.689 -6.380  1.00 25.17 ? 328 HOH A O   1 
HETATM 904  O O   . HOH C 3 .   ? -14.008 6.662   2.135   1.00 40.92 ? 329 HOH A O   1 
HETATM 905  O O   . HOH C 3 .   ? -10.025 -6.406  12.094  1.00 19.19 ? 330 HOH A O   1 
HETATM 906  O O   . HOH C 3 .   ? -1.952  -12.497 6.634   1.00 15.32 ? 331 HOH A O   1 
HETATM 907  O O   . HOH C 3 .   ? -2.154  -12.649 10.580  1.00 32.29 ? 332 HOH A O   1 
HETATM 908  O O   . HOH C 3 .   ? 3.638   -3.665  15.292  1.00 37.98 ? 333 HOH A O   1 
HETATM 909  O O   . HOH C 3 .   ? -0.955  -4.744  -11.386 1.00 22.78 ? 334 HOH A O   1 
HETATM 910  O O   . HOH C 3 .   ? -10.006 -7.438  -5.355  1.00 30.25 ? 335 HOH A O   1 
HETATM 911  O O   . HOH C 3 .   ? 0.467   4.945   -19.323 1.00 22.36 ? 336 HOH A O   1 
HETATM 912  O O   . HOH C 3 .   ? 8.517   0.871   9.587   1.00 16.07 ? 337 HOH A O   1 
HETATM 913  O O   . HOH C 3 .   ? -3.685  -12.421 -0.950  1.00 16.61 ? 338 HOH A O   1 
HETATM 914  O O   . HOH C 3 .   ? 14.466  -4.453  -1.445  1.00 23.16 ? 339 HOH A O   1 
HETATM 915  O O   . HOH C 3 .   ? -2.363  12.652  0.885   1.00 18.53 ? 340 HOH A O   1 
HETATM 916  O O   . HOH C 3 .   ? 1.475   2.700   11.397  1.00 30.29 ? 341 HOH A O   1 
HETATM 917  O O   . HOH C 3 .   ? 1.354   -16.811 5.888   1.00 45.39 ? 342 HOH A O   1 
HETATM 918  O O   . HOH C 3 .   ? 1.443   -3.466  -11.139 1.00 24.14 ? 343 HOH A O   1 
HETATM 919  O O   . HOH C 3 .   ? -3.431  14.823  -0.007  1.00 42.40 ? 344 HOH A O   1 
HETATM 920  O O   . HOH C 3 .   ? 2.601   -11.351 -4.843  1.00 28.63 ? 345 HOH A O   1 
HETATM 921  O O   . HOH C 3 .   ? 2.421   -14.471 13.408  1.00 30.87 ? 346 HOH A O   1 
HETATM 922  O O   . HOH C 3 .   ? 4.997   1.159   12.279  1.00 23.56 ? 347 HOH A O   1 
HETATM 923  O O   . HOH C 3 .   ? -1.227  -13.754 -5.215  1.00 42.99 ? 348 HOH A O   1 
HETATM 924  O O   . HOH C 3 .   ? -5.186  -11.634 -3.018  1.00 21.17 ? 349 HOH A O   1 
HETATM 925  O O   . HOH C 3 .   ? 8.189   17.306  -0.771  1.00 29.34 ? 350 HOH A O   1 
HETATM 926  O O   . HOH C 3 .   ? 14.378  -7.550  -1.794  1.00 28.00 ? 351 HOH A O   1 
HETATM 927  O O   . HOH C 3 .   ? 1.796   -0.985  -14.736 1.00 43.80 ? 352 HOH A O   1 
HETATM 928  O O   . HOH C 3 .   ? -0.786  -13.537 -1.698  1.00 37.01 ? 353 HOH A O   1 
HETATM 929  O O   . HOH C 3 .   ? 11.353  19.374  -3.337  1.00 28.01 ? 354 HOH A O   1 
HETATM 930  O O   . HOH C 3 .   ? -2.362  3.684   -18.115 1.00 41.01 ? 355 HOH A O   1 
HETATM 931  O O   . HOH C 3 .   ? 4.494   18.615  -7.115  1.00 40.98 ? 356 HOH A O   1 
HETATM 932  O O   . HOH C 3 .   ? -12.099 -6.270  -3.138  1.00 40.97 ? 357 HOH A O   1 
HETATM 933  O O   . HOH C 3 .   ? 15.327  -3.110  2.021   1.00 24.97 ? 358 HOH A O   1 
HETATM 934  O O   . HOH C 3 .   ? 3.508   5.993   7.497   1.00 49.11 ? 359 HOH A O   1 
HETATM 935  O O   . HOH C 3 .   ? -15.586 -4.972  4.933   1.00 52.16 ? 360 HOH A O   1 
HETATM 936  O O   . HOH C 3 .   ? -0.118  -13.522 13.662  1.00 49.74 ? 361 HOH A O   1 
HETATM 937  O O   . HOH C 3 .   ? 6.465   9.196   -0.067  1.00 42.91 ? 362 HOH A O   1 
HETATM 938  O O   . HOH C 3 .   ? 4.191   16.647  -10.768 1.00 51.92 ? 363 HOH A O   1 
HETATM 939  O O   . HOH C 3 .   ? -3.775  -11.150 15.254  1.00 62.89 ? 364 HOH A O   1 
HETATM 940  O O   . HOH C 3 .   ? 8.642   15.745  -11.241 1.00 45.32 ? 365 HOH A O   1 
HETATM 941  O O   . HOH C 3 .   ? 0.637   -14.049 6.575   1.00 33.90 ? 366 HOH A O   1 
HETATM 942  O O   . HOH C 3 .   ? -4.053  -13.757 -4.635  1.00 27.95 ? 367 HOH A O   1 
HETATM 943  O O   . HOH C 3 .   ? -9.975  -9.830  5.075   1.00 38.80 ? 368 HOH A O   1 
HETATM 944  O O   . HOH C 3 .   ? -16.809 3.273   1.538   1.00 42.85 ? 369 HOH A O   1 
HETATM 945  O O   . HOH C 3 .   ? 0.088   -17.859 8.681   1.00 44.76 ? 370 HOH A O   1 
HETATM 946  O O   . HOH C 3 .   ? -4.551  -15.043 0.251   1.00 20.79 ? 371 HOH A O   1 
HETATM 947  O O   . HOH C 3 .   ? -10.034 -9.008  -1.785  1.00 57.72 ? 372 HOH A O   1 
HETATM 948  O O   . HOH C 3 .   ? -8.906  -7.101  14.556  1.00 24.94 ? 373 HOH A O   1 
HETATM 949  O O   . HOH C 3 .   ? -9.824  10.916  11.287  1.00 56.05 ? 374 HOH A O   1 
HETATM 950  O O   . HOH C 3 .   ? 17.427  -7.397  11.135  1.00 68.32 ? 375 HOH A O   1 
HETATM 951  O O   . HOH C 3 .   ? -17.306 0.171   -0.599  1.00 37.86 ? 376 HOH A O   1 
HETATM 952  O O   . HOH C 3 .   ? 5.904   7.332   7.408   1.00 43.88 ? 377 HOH A O   1 
HETATM 953  O O   . HOH C 3 .   ? 2.463   -16.912 11.490  1.00 29.42 ? 378 HOH A O   1 
HETATM 954  O O   . HOH C 3 .   ? 8.182   21.061  -7.197  1.00 57.65 ? 379 HOH A O   1 
HETATM 955  O O   . HOH C 3 .   ? -12.152 14.063  9.008   1.00 87.45 ? 380 HOH A O   1 
HETATM 956  O O   . HOH C 3 .   ? 5.447   12.920  -11.555 1.00 12.41 ? 381 HOH A O   1 
HETATM 957  O O   . HOH C 3 .   ? -3.154  5.829   15.418  1.00 32.68 ? 382 HOH A O   1 
HETATM 958  O O   . HOH C 3 .   ? 5.406   6.902   10.239  1.00 39.50 ? 383 HOH A O   1 
HETATM 959  O O   . HOH C 3 .   ? 7.823   5.593   5.606   1.00 25.79 ? 384 HOH A O   1 
HETATM 960  O O   . HOH C 3 .   ? 14.925  5.382   -6.044  1.00 36.17 ? 385 HOH A O   1 
HETATM 961  O O   . HOH C 3 .   ? 8.648   -11.693 10.927  1.00 17.13 ? 386 HOH A O   1 
HETATM 962  O O   . HOH C 3 .   ? 3.686   -13.630 3.089   1.00 52.63 ? 387 HOH A O   1 
HETATM 963  O O   . HOH C 3 .   ? -5.516  -12.877 13.322  1.00 28.71 ? 388 HOH A O   1 
HETATM 964  O O   . HOH C 3 .   ? 0.435   8.985   3.634   1.00 18.29 ? 389 HOH A O   1 
HETATM 965  O O   . HOH C 3 .   ? 14.791  -6.198  3.161   1.00 26.87 ? 390 HOH A O   1 
HETATM 966  O O   . HOH C 3 .   ? -14.755 -3.635  -0.943  1.00 25.06 ? 391 HOH A O   1 
HETATM 967  O O   . HOH C 3 .   ? -13.323 -0.272  -3.436  1.00 24.89 ? 392 HOH A O   1 
HETATM 968  O O   . HOH C 3 .   ? -17.896 -2.536  5.627   1.00 38.26 ? 393 HOH A O   1 
HETATM 969  O O   . HOH C 3 .   ? 8.564   -9.319  15.228  1.00 23.27 ? 394 HOH A O   1 
HETATM 970  O O   . HOH C 3 .   ? 4.325   7.842   -14.413 1.00 9.54  ? 395 HOH A O   1 
HETATM 971  O O   . HOH C 3 .   ? -3.808  -13.887 8.801   1.00 36.02 ? 396 HOH A O   1 
HETATM 972  O O   . HOH C 3 .   ? 7.798   -16.322 4.592   1.00 12.96 ? 397 HOH A O   1 
HETATM 973  O O   . HOH C 3 .   ? 10.671  -1.208  10.869  1.00 18.81 ? 398 HOH A O   1 
HETATM 974  O O   . HOH C 3 .   ? 17.511  -3.926  12.011  1.00 21.05 ? 399 HOH A O   1 
HETATM 975  O O   . HOH C 3 .   ? 1.726   4.580   9.187   1.00 16.40 ? 400 HOH A O   1 
HETATM 976  O O   . HOH C 3 .   ? 3.900   9.054   -5.396  1.00 7.96  ? 401 HOH A O   1 
HETATM 977  O O   . HOH C 3 .   ? -5.860  2.510   -12.015 1.00 16.33 ? 402 HOH A O   1 
HETATM 978  O O   . HOH C 3 .   ? 12.351  5.187   2.726   1.00 8.15  ? 403 HOH A O   1 
HETATM 979  O O   . HOH C 3 .   ? -10.021 -8.825  2.132   1.00 62.39 ? 404 HOH A O   1 
HETATM 980  O O   . HOH C 3 .   ? -13.805 -6.459  1.334   1.00 55.42 ? 405 HOH A O   1 
HETATM 981  O O   . HOH C 3 .   ? -6.018  -7.257  15.110  1.00 43.51 ? 406 HOH A O   1 
HETATM 982  O O   . HOH C 3 .   ? 3.311   -10.698 14.689  1.00 74.24 ? 407 HOH A O   1 
HETATM 983  O O   . HOH C 3 .   ? 5.448   -20.193 10.968  1.00 66.83 ? 408 HOH A O   1 
HETATM 984  O O   . HOH C 3 .   ? -7.929  11.184  -3.921  1.00 31.13 ? 409 HOH A O   1 
HETATM 985  O O   . HOH C 3 .   ? 6.440   -2.081  16.902  1.00 31.79 ? 410 HOH A O   1 
HETATM 986  O O   . HOH C 3 .   ? 2.321   7.914   5.499   1.00 26.34 ? 411 HOH A O   1 
HETATM 987  O O   . HOH C 3 .   ? 2.276   6.356   -15.530 1.00 11.37 ? 412 HOH A O   1 
HETATM 988  O O   . HOH C 3 .   ? 17.522  -5.689  3.131   1.00 36.28 ? 413 HOH A O   1 
HETATM 989  O O   . HOH C 3 .   ? -6.777  -14.358 8.150   1.00 31.42 ? 414 HOH A O   1 
HETATM 990  O O   . HOH C 3 .   ? 0.374   -0.818  14.021  1.00 49.38 ? 415 HOH A O   1 
HETATM 991  O O   . HOH C 3 .   ? -4.294  -0.072  -16.061 1.00 60.45 ? 416 HOH A O   1 
HETATM 992  O O   . HOH C 3 .   ? -14.369 8.676   4.023   1.00 35.06 ? 417 HOH A O   1 
HETATM 993  O O   . HOH C 3 .   ? 16.798  -4.908  0.300   1.00 57.03 ? 418 HOH A O   1 
HETATM 994  O O   . HOH C 3 .   ? -12.030 12.026  10.224  1.00 38.97 ? 419 HOH A O   1 
HETATM 995  O O   . HOH C 3 .   ? 17.531  6.097   -7.185  1.00 38.04 ? 420 HOH A O   1 
HETATM 996  O O   . HOH C 3 .   ? 4.162   1.018   14.899  1.00 60.00 ? 421 HOH A O   1 
HETATM 997  O O   . HOH C 3 .   ? -17.831 -3.957  0.347   1.00 48.50 ? 422 HOH A O   1 
HETATM 998  O O   . HOH C 3 .   ? -18.773 -4.918  3.991   1.00 32.99 ? 423 HOH A O   1 
HETATM 999  O O   . HOH C 3 .   ? -0.612  -8.123  16.904  1.00 88.22 ? 424 HOH A O   1 
HETATM 1000 O O   . HOH C 3 .   ? -16.967 8.327   3.084   1.00 31.65 ? 425 HOH A O   1 
HETATM 1001 O O   . HOH C 3 .   ? -7.891  -10.146 -2.649  1.00 53.74 ? 426 HOH A O   1 
HETATM 1002 O O   . HOH C 3 .   ? -14.572 -2.658  -3.415  1.00 47.54 ? 427 HOH A O   1 
HETATM 1003 O O   . HOH C 3 .   ? -16.021 -7.136  6.019   1.00 39.98 ? 428 HOH A O   1 
HETATM 1004 O O   . HOH C 3 .   ? -8.545  -12.338 5.322   1.00 56.86 ? 429 HOH A O   1 
HETATM 1005 O O   . HOH C 3 .   ? -17.182 0.527   -3.569  1.00 49.81 ? 430 HOH A O   1 
HETATM 1006 O O   . HOH C 3 .   ? -20.506 0.163   -3.223  1.00 51.61 ? 431 HOH A O   1 
HETATM 1007 O O   . HOH C 3 .   ? -16.277 6.209   0.491   1.00 52.65 ? 432 HOH A O   1 
HETATM 1008 O O   . HOH C 3 .   ? -3.052  -6.814  15.831  1.00 60.65 ? 433 HOH A O   1 
HETATM 1009 O O   . HOH C 3 .   ? -6.139  -10.023 16.537  1.00 60.68 ? 434 HOH A O   1 
HETATM 1010 O O   . HOH C 3 .   ? 0.593   6.664   9.799   1.00 60.28 ? 435 HOH A O   1 
HETATM 1011 O O   . HOH C 3 .   ? -6.386  4.100   -14.695 1.00 44.41 ? 436 HOH A O   1 
HETATM 1012 O O   . HOH C 3 .   ? -1.479  0.080   -16.065 1.00 33.43 ? 437 HOH A O   1 
HETATM 1013 O O   . HOH C 3 .   ? 6.705   -11.938 -3.319  1.00 31.57 ? 438 HOH A O   1 
HETATM 1014 O O   . HOH C 3 .   ? -10.738 -9.709  -8.902  1.00 43.40 ? 439 HOH A O   1 
HETATM 1015 O O   . HOH C 3 .   ? -14.374 -7.327  -9.631  1.00 50.99 ? 440 HOH A O   1 
HETATM 1016 O O   . HOH C 3 .   ? 16.038  -6.191  5.817   1.00 41.49 ? 441 HOH A O   1 
HETATM 1017 O O   . HOH C 3 .   ? 15.263  -5.969  8.459   1.00 30.85 ? 442 HOH A O   1 
HETATM 1018 O O   . HOH C 3 .   ? -8.364  8.787   6.021   1.00 49.18 ? 443 HOH A O   1 
HETATM 1019 O O   . HOH C 3 .   ? -14.818 11.326  -4.330  1.00 49.16 ? 444 HOH A O   1 
HETATM 1020 O O   . HOH C 3 .   ? -0.873  18.057  -8.716  1.00 45.06 ? 445 HOH A O   1 
HETATM 1021 O O   . HOH C 3 .   ? 8.577   19.411  -3.389  1.00 35.08 ? 446 HOH A O   1 
HETATM 1022 O O   . HOH C 3 .   ? 8.306   8.228   -1.622  1.00 16.79 ? 447 HOH A O   1 
HETATM 1023 O O   . HOH C 3 .   ? 1.835   19.712  -7.899  1.00 36.61 ? 448 HOH A O   1 
HETATM 1024 O O   . HOH C 3 .   ? -0.631  6.518   13.896  1.00 45.15 ? 449 HOH A O   1 
HETATM 1025 O O   . HOH C 3 .   ? -2.543  7.740   11.607  1.00 25.71 ? 450 HOH A O   1 
# 
